data_4H4N
# 
_entry.id   4H4N 
# 
_audit_conform.dict_name       mmcif_pdbx.dic 
_audit_conform.dict_version    5.403 
_audit_conform.dict_location   http://mmcif.pdb.org/dictionaries/ascii/mmcif_pdbx.dic 
# 
loop_
_database_2.database_id 
_database_2.database_code 
_database_2.pdbx_database_accession 
_database_2.pdbx_DOI 
PDB   4H4N         pdb_00004h4n 10.2210/pdb4h4n/pdb 
RCSB  RCSB075013   ?            ?                   
WWPDB D_1000075013 ?            ?                   
# 
loop_
_pdbx_audit_revision_history.ordinal 
_pdbx_audit_revision_history.data_content_type 
_pdbx_audit_revision_history.major_revision 
_pdbx_audit_revision_history.minor_revision 
_pdbx_audit_revision_history.revision_date 
_pdbx_audit_revision_history.part_number 
1 'Structure model' 1 0 2012-09-26 ? 
2 'Structure model' 1 1 2017-11-15 ? 
3 'Structure model' 1 2 2025-03-26 ? 
# 
_pdbx_audit_revision_details.ordinal             1 
_pdbx_audit_revision_details.revision_ordinal    1 
_pdbx_audit_revision_details.data_content_type   'Structure model' 
_pdbx_audit_revision_details.provider            repository 
_pdbx_audit_revision_details.type                'Initial release' 
_pdbx_audit_revision_details.description         ? 
_pdbx_audit_revision_details.details             ? 
# 
loop_
_pdbx_audit_revision_group.ordinal 
_pdbx_audit_revision_group.revision_ordinal 
_pdbx_audit_revision_group.data_content_type 
_pdbx_audit_revision_group.group 
1 2 'Structure model' 'Refinement description' 
2 3 'Structure model' 'Data collection'        
3 3 'Structure model' 'Database references'    
4 3 'Structure model' 'Derived calculations'   
5 3 'Structure model' 'Structure summary'      
# 
loop_
_pdbx_audit_revision_category.ordinal 
_pdbx_audit_revision_category.revision_ordinal 
_pdbx_audit_revision_category.data_content_type 
_pdbx_audit_revision_category.category 
1 2 'Structure model' software           
2 3 'Structure model' chem_comp_atom     
3 3 'Structure model' chem_comp_bond     
4 3 'Structure model' database_2         
5 3 'Structure model' pdbx_entry_details 
6 3 'Structure model' struct_conn        
7 3 'Structure model' struct_ref_seq_dif 
8 3 'Structure model' struct_site        
# 
loop_
_pdbx_audit_revision_item.ordinal 
_pdbx_audit_revision_item.revision_ordinal 
_pdbx_audit_revision_item.data_content_type 
_pdbx_audit_revision_item.item 
1 2 'Structure model' '_software.name'                      
2 3 'Structure model' '_database_2.pdbx_DOI'                
3 3 'Structure model' '_database_2.pdbx_database_accession' 
4 3 'Structure model' '_struct_conn.pdbx_leaving_atom_flag' 
5 3 'Structure model' '_struct_ref_seq_dif.details'         
6 3 'Structure model' '_struct_site.pdbx_auth_asym_id'      
7 3 'Structure model' '_struct_site.pdbx_auth_comp_id'      
8 3 'Structure model' '_struct_site.pdbx_auth_seq_id'       
# 
_pdbx_database_status.status_code                     REL 
_pdbx_database_status.entry_id                        4H4N 
_pdbx_database_status.recvd_initial_deposition_date   2012-09-17 
_pdbx_database_status.deposit_site                    RCSB 
_pdbx_database_status.process_site                    RCSB 
_pdbx_database_status.status_code_sf                  REL 
_pdbx_database_status.status_code_mr                  ? 
_pdbx_database_status.SG_entry                        Y 
_pdbx_database_status.status_code_cs                  ? 
_pdbx_database_status.methods_development_category    ? 
_pdbx_database_status.pdb_format_compatible           Y 
_pdbx_database_status.status_code_nmr_data            ? 
# 
_pdbx_database_related.db_name        TargetTrack 
_pdbx_database_related.db_id          CSGID-IDP05041 
_pdbx_database_related.details        . 
_pdbx_database_related.content_type   unspecified 
# 
loop_
_audit_author.name 
_audit_author.pdbx_ordinal 
'Minasov, G.'                                                   1 
'Wawrzak, Z.'                                                   2 
'Shuvalova, L.'                                                 3 
'Dubrovska, I.'                                                 4 
'Winsor, J.'                                                    5 
'Grimshaw, S.'                                                  6 
'Papazisi, L.'                                                  7 
'Anderson, W.F.'                                                8 
'Center for Structural Genomics of Infectious Diseases (CSGID)' 9 
# 
_citation.id                        primary 
_citation.title                     '1.1 Angstrom Crystal Structure of Hypothetical Protein BA_2335 from Bacillus anthracis.' 
_citation.journal_abbrev            'TO BE PUBLISHED' 
_citation.journal_volume            ? 
_citation.page_first                ? 
_citation.page_last                 ? 
_citation.year                      ? 
_citation.journal_id_ASTM           ? 
_citation.country                   ? 
_citation.journal_id_ISSN           ? 
_citation.journal_id_CSD            0353 
_citation.book_publisher            ? 
_citation.pdbx_database_id_PubMed   ? 
_citation.pdbx_database_id_DOI      ? 
# 
loop_
_citation_author.citation_id 
_citation_author.name 
_citation_author.ordinal 
_citation_author.identifier_ORCID 
primary 'Minasov, G.'                                                   1 ? 
primary 'Wawrzak, Z.'                                                   2 ? 
primary 'Shuvalova, L.'                                                 3 ? 
primary 'Dubrovska, I.'                                                 4 ? 
primary 'Winsor, J.'                                                    5 ? 
primary 'Grimshaw, S.'                                                  6 ? 
primary 'Papazisi, L.'                                                  7 ? 
primary 'Anderson, W.F.'                                                8 ? 
primary 'Center for Structural Genomics of Infectious Diseases (CSGID)' 9 ? 
# 
loop_
_entity.id 
_entity.type 
_entity.src_method 
_entity.pdbx_description 
_entity.formula_weight 
_entity.pdbx_number_of_molecules 
_entity.pdbx_ec 
_entity.pdbx_mutation 
_entity.pdbx_fragment 
_entity.details 
1 polymer     man 'hypothetical protein BA_2335' 7625.771 1  ? ? ? ? 
2 non-polymer syn 'CHLORIDE ION'                 35.453   3  ? ? ? ? 
3 non-polymer syn BETA-MERCAPTOETHANOL           78.133   1  ? ? ? ? 
4 non-polymer syn 'SULFATE ION'                  96.063   1  ? ? ? ? 
5 water       nat water                          18.015   87 ? ? ? ? 
# 
_entity_poly.entity_id                      1 
_entity_poly.type                           'polypeptide(L)' 
_entity_poly.nstd_linkage                   no 
_entity_poly.nstd_monomer                   no 
_entity_poly.pdbx_seq_one_letter_code       SNAMEKKPIAFKVPPNSKLKVTFFGPYNEVITNVSIINQLSTPKCQTITRYPNYTKYETEVRSLSSC 
_entity_poly.pdbx_seq_one_letter_code_can   SNAMEKKPIAFKVPPNSKLKVTFFGPYNEVITNVSIINQLSTPKCQTITRYPNYTKYETEVRSLSSC 
_entity_poly.pdbx_strand_id                 A 
_entity_poly.pdbx_target_identifier         CSGID-IDP05041 
# 
loop_
_pdbx_entity_nonpoly.entity_id 
_pdbx_entity_nonpoly.name 
_pdbx_entity_nonpoly.comp_id 
2 'CHLORIDE ION'       CL  
3 BETA-MERCAPTOETHANOL BME 
4 'SULFATE ION'        SO4 
5 water                HOH 
# 
loop_
_entity_poly_seq.entity_id 
_entity_poly_seq.num 
_entity_poly_seq.mon_id 
_entity_poly_seq.hetero 
1 1  SER n 
1 2  ASN n 
1 3  ALA n 
1 4  MET n 
1 5  GLU n 
1 6  LYS n 
1 7  LYS n 
1 8  PRO n 
1 9  ILE n 
1 10 ALA n 
1 11 PHE n 
1 12 LYS n 
1 13 VAL n 
1 14 PRO n 
1 15 PRO n 
1 16 ASN n 
1 17 SER n 
1 18 LYS n 
1 19 LEU n 
1 20 LYS n 
1 21 VAL n 
1 22 THR n 
1 23 PHE n 
1 24 PHE n 
1 25 GLY n 
1 26 PRO n 
1 27 TYR n 
1 28 ASN n 
1 29 GLU n 
1 30 VAL n 
1 31 ILE n 
1 32 THR n 
1 33 ASN n 
1 34 VAL n 
1 35 SER n 
1 36 ILE n 
1 37 ILE n 
1 38 ASN n 
1 39 GLN n 
1 40 LEU n 
1 41 SER n 
1 42 THR n 
1 43 PRO n 
1 44 LYS n 
1 45 CYS n 
1 46 GLN n 
1 47 THR n 
1 48 ILE n 
1 49 THR n 
1 50 ARG n 
1 51 TYR n 
1 52 PRO n 
1 53 ASN n 
1 54 TYR n 
1 55 THR n 
1 56 LYS n 
1 57 TYR n 
1 58 GLU n 
1 59 THR n 
1 60 GLU n 
1 61 VAL n 
1 62 ARG n 
1 63 SER n 
1 64 LEU n 
1 65 SER n 
1 66 SER n 
1 67 CYS n 
# 
_entity_src_gen.entity_id                          1 
_entity_src_gen.pdbx_src_id                        1 
_entity_src_gen.pdbx_alt_source_flag               sample 
_entity_src_gen.pdbx_seq_type                      ? 
_entity_src_gen.pdbx_beg_seq_num                   ? 
_entity_src_gen.pdbx_end_seq_num                   ? 
_entity_src_gen.gene_src_common_name               'anthrax,anthrax bacterium' 
_entity_src_gen.gene_src_genus                     ? 
_entity_src_gen.pdbx_gene_src_gene                 'BAS2177, BA_2335, GBAA_2335' 
_entity_src_gen.gene_src_species                   ? 
_entity_src_gen.gene_src_strain                    Ames 
_entity_src_gen.gene_src_tissue                    ? 
_entity_src_gen.gene_src_tissue_fraction           ? 
_entity_src_gen.gene_src_details                   ? 
_entity_src_gen.pdbx_gene_src_fragment             ? 
_entity_src_gen.pdbx_gene_src_scientific_name      'Bacillus anthracis' 
_entity_src_gen.pdbx_gene_src_ncbi_taxonomy_id     198094 
_entity_src_gen.pdbx_gene_src_variant              ? 
_entity_src_gen.pdbx_gene_src_cell_line            ? 
_entity_src_gen.pdbx_gene_src_atcc                 ? 
_entity_src_gen.pdbx_gene_src_organ                ? 
_entity_src_gen.pdbx_gene_src_organelle            ? 
_entity_src_gen.pdbx_gene_src_cell                 ? 
_entity_src_gen.pdbx_gene_src_cellular_location    ? 
_entity_src_gen.host_org_common_name               ? 
_entity_src_gen.pdbx_host_org_scientific_name      'Escherichia coli' 
_entity_src_gen.pdbx_host_org_ncbi_taxonomy_id     511693 
_entity_src_gen.host_org_genus                     ? 
_entity_src_gen.pdbx_host_org_gene                 ? 
_entity_src_gen.pdbx_host_org_organ                ? 
_entity_src_gen.host_org_species                   ? 
_entity_src_gen.pdbx_host_org_tissue               ? 
_entity_src_gen.pdbx_host_org_tissue_fraction      ? 
_entity_src_gen.pdbx_host_org_strain               BL21 
_entity_src_gen.pdbx_host_org_variant              ? 
_entity_src_gen.pdbx_host_org_cell_line            ? 
_entity_src_gen.pdbx_host_org_atcc                 ? 
_entity_src_gen.pdbx_host_org_culture_collection   ? 
_entity_src_gen.pdbx_host_org_cell                 ? 
_entity_src_gen.pdbx_host_org_organelle            ? 
_entity_src_gen.pdbx_host_org_cellular_location    ? 
_entity_src_gen.pdbx_host_org_vector_type          plasmid 
_entity_src_gen.pdbx_host_org_vector               ? 
_entity_src_gen.host_org_details                   ? 
_entity_src_gen.expression_system_id               ? 
_entity_src_gen.plasmid_name                       pMCSG7 
_entity_src_gen.plasmid_details                    ? 
_entity_src_gen.pdbx_description                   ? 
# 
loop_
_chem_comp.id 
_chem_comp.type 
_chem_comp.mon_nstd_flag 
_chem_comp.name 
_chem_comp.pdbx_synonyms 
_chem_comp.formula 
_chem_comp.formula_weight 
ALA 'L-peptide linking' y ALANINE              ? 'C3 H7 N O2'     89.093  
ARG 'L-peptide linking' y ARGININE             ? 'C6 H15 N4 O2 1' 175.209 
ASN 'L-peptide linking' y ASPARAGINE           ? 'C4 H8 N2 O3'    132.118 
BME non-polymer         . BETA-MERCAPTOETHANOL ? 'C2 H6 O S'      78.133  
CL  non-polymer         . 'CHLORIDE ION'       ? 'Cl -1'          35.453  
CYS 'L-peptide linking' y CYSTEINE             ? 'C3 H7 N O2 S'   121.158 
GLN 'L-peptide linking' y GLUTAMINE            ? 'C5 H10 N2 O3'   146.144 
GLU 'L-peptide linking' y 'GLUTAMIC ACID'      ? 'C5 H9 N O4'     147.129 
GLY 'peptide linking'   y GLYCINE              ? 'C2 H5 N O2'     75.067  
HOH non-polymer         . WATER                ? 'H2 O'           18.015  
ILE 'L-peptide linking' y ISOLEUCINE           ? 'C6 H13 N O2'    131.173 
LEU 'L-peptide linking' y LEUCINE              ? 'C6 H13 N O2'    131.173 
LYS 'L-peptide linking' y LYSINE               ? 'C6 H15 N2 O2 1' 147.195 
MET 'L-peptide linking' y METHIONINE           ? 'C5 H11 N O2 S'  149.211 
PHE 'L-peptide linking' y PHENYLALANINE        ? 'C9 H11 N O2'    165.189 
PRO 'L-peptide linking' y PROLINE              ? 'C5 H9 N O2'     115.130 
SER 'L-peptide linking' y SERINE               ? 'C3 H7 N O3'     105.093 
SO4 non-polymer         . 'SULFATE ION'        ? 'O4 S -2'        96.063  
THR 'L-peptide linking' y THREONINE            ? 'C4 H9 N O3'     119.119 
TYR 'L-peptide linking' y TYROSINE             ? 'C9 H11 N O3'    181.189 
VAL 'L-peptide linking' y VALINE               ? 'C5 H11 N O2'    117.146 
# 
loop_
_pdbx_poly_seq_scheme.asym_id 
_pdbx_poly_seq_scheme.entity_id 
_pdbx_poly_seq_scheme.seq_id 
_pdbx_poly_seq_scheme.mon_id 
_pdbx_poly_seq_scheme.ndb_seq_num 
_pdbx_poly_seq_scheme.pdb_seq_num 
_pdbx_poly_seq_scheme.auth_seq_num 
_pdbx_poly_seq_scheme.pdb_mon_id 
_pdbx_poly_seq_scheme.auth_mon_id 
_pdbx_poly_seq_scheme.pdb_strand_id 
_pdbx_poly_seq_scheme.pdb_ins_code 
_pdbx_poly_seq_scheme.hetero 
A 1 1  SER 1  -2 ?  ?   ?   A . n 
A 1 2  ASN 2  -1 ?  ?   ?   A . n 
A 1 3  ALA 3  0  ?  ?   ?   A . n 
A 1 4  MET 4  1  ?  ?   ?   A . n 
A 1 5  GLU 5  2  ?  ?   ?   A . n 
A 1 6  LYS 6  3  3  LYS LYS A . n 
A 1 7  LYS 7  4  4  LYS LYS A . n 
A 1 8  PRO 8  5  5  PRO PRO A . n 
A 1 9  ILE 9  6  6  ILE ILE A . n 
A 1 10 ALA 10 7  7  ALA ALA A . n 
A 1 11 PHE 11 8  8  PHE PHE A . n 
A 1 12 LYS 12 9  9  LYS LYS A . n 
A 1 13 VAL 13 10 10 VAL VAL A . n 
A 1 14 PRO 14 11 11 PRO PRO A . n 
A 1 15 PRO 15 12 12 PRO PRO A . n 
A 1 16 ASN 16 13 13 ASN ASN A . n 
A 1 17 SER 17 14 14 SER SER A . n 
A 1 18 LYS 18 15 15 LYS LYS A . n 
A 1 19 LEU 19 16 16 LEU LEU A . n 
A 1 20 LYS 20 17 17 LYS LYS A . n 
A 1 21 VAL 21 18 18 VAL VAL A . n 
A 1 22 THR 22 19 19 THR THR A . n 
A 1 23 PHE 23 20 20 PHE PHE A . n 
A 1 24 PHE 24 21 21 PHE PHE A . n 
A 1 25 GLY 25 22 22 GLY GLY A . n 
A 1 26 PRO 26 23 23 PRO PRO A . n 
A 1 27 TYR 27 24 24 TYR TYR A . n 
A 1 28 ASN 28 25 25 ASN ASN A . n 
A 1 29 GLU 29 26 26 GLU GLU A . n 
A 1 30 VAL 30 27 27 VAL VAL A . n 
A 1 31 ILE 31 28 28 ILE ILE A . n 
A 1 32 THR 32 29 29 THR THR A . n 
A 1 33 ASN 33 30 30 ASN ASN A . n 
A 1 34 VAL 34 31 31 VAL VAL A . n 
A 1 35 SER 35 32 32 SER SER A . n 
A 1 36 ILE 36 33 33 ILE ILE A . n 
A 1 37 ILE 37 34 34 ILE ILE A . n 
A 1 38 ASN 38 35 35 ASN ASN A . n 
A 1 39 GLN 39 36 36 GLN GLN A . n 
A 1 40 LEU 40 37 37 LEU LEU A . n 
A 1 41 SER 41 38 38 SER SER A . n 
A 1 42 THR 42 39 39 THR THR A . n 
A 1 43 PRO 43 40 40 PRO PRO A . n 
A 1 44 LYS 44 41 41 LYS LYS A . n 
A 1 45 CYS 45 42 42 CYS CYS A . n 
A 1 46 GLN 46 43 43 GLN GLN A . n 
A 1 47 THR 47 44 44 THR THR A . n 
A 1 48 ILE 48 45 45 ILE ILE A . n 
A 1 49 THR 49 46 46 THR THR A . n 
A 1 50 ARG 50 47 47 ARG ARG A . n 
A 1 51 TYR 51 48 48 TYR TYR A . n 
A 1 52 PRO 52 49 49 PRO PRO A . n 
A 1 53 ASN 53 50 50 ASN ASN A . n 
A 1 54 TYR 54 51 51 TYR TYR A . n 
A 1 55 THR 55 52 52 THR THR A . n 
A 1 56 LYS 56 53 53 LYS LYS A . n 
A 1 57 TYR 57 54 54 TYR TYR A . n 
A 1 58 GLU 58 55 55 GLU GLU A . n 
A 1 59 THR 59 56 56 THR THR A . n 
A 1 60 GLU 60 57 57 GLU GLU A . n 
A 1 61 VAL 61 58 58 VAL VAL A . n 
A 1 62 ARG 62 59 59 ARG ARG A . n 
A 1 63 SER 63 60 60 SER SER A . n 
A 1 64 LEU 64 61 61 LEU LEU A . n 
A 1 65 SER 65 62 62 SER SER A . n 
A 1 66 SER 66 63 63 SER SER A . n 
A 1 67 CYS 67 64 64 CYS CYS A . n 
# 
loop_
_pdbx_nonpoly_scheme.asym_id 
_pdbx_nonpoly_scheme.entity_id 
_pdbx_nonpoly_scheme.mon_id 
_pdbx_nonpoly_scheme.ndb_seq_num 
_pdbx_nonpoly_scheme.pdb_seq_num 
_pdbx_nonpoly_scheme.auth_seq_num 
_pdbx_nonpoly_scheme.pdb_mon_id 
_pdbx_nonpoly_scheme.auth_mon_id 
_pdbx_nonpoly_scheme.pdb_strand_id 
_pdbx_nonpoly_scheme.pdb_ins_code 
B 2 CL  1  101 70  CL  CL  A . 
C 2 CL  1  102 71  CL  CL  A . 
D 2 CL  1  103 72  CL  CL  A . 
E 3 BME 1  104 73  BME BME A . 
F 4 SO4 1  105 74  SO4 SO4 A . 
G 5 HOH 1  201 75  HOH HOH A . 
G 5 HOH 2  202 76  HOH HOH A . 
G 5 HOH 3  203 77  HOH HOH A . 
G 5 HOH 4  204 78  HOH HOH A . 
G 5 HOH 5  205 79  HOH HOH A . 
G 5 HOH 6  206 80  HOH HOH A . 
G 5 HOH 7  207 81  HOH HOH A . 
G 5 HOH 8  208 82  HOH HOH A . 
G 5 HOH 9  209 83  HOH HOH A . 
G 5 HOH 10 210 84  HOH HOH A . 
G 5 HOH 11 211 85  HOH HOH A . 
G 5 HOH 12 212 86  HOH HOH A . 
G 5 HOH 13 213 87  HOH HOH A . 
G 5 HOH 14 214 88  HOH HOH A . 
G 5 HOH 15 215 89  HOH HOH A . 
G 5 HOH 16 216 90  HOH HOH A . 
G 5 HOH 17 217 91  HOH HOH A . 
G 5 HOH 18 218 92  HOH HOH A . 
G 5 HOH 19 219 93  HOH HOH A . 
G 5 HOH 20 220 94  HOH HOH A . 
G 5 HOH 21 221 95  HOH HOH A . 
G 5 HOH 22 222 96  HOH HOH A . 
G 5 HOH 23 223 97  HOH HOH A . 
G 5 HOH 24 224 98  HOH HOH A . 
G 5 HOH 25 225 99  HOH HOH A . 
G 5 HOH 26 226 100 HOH HOH A . 
G 5 HOH 27 227 101 HOH HOH A . 
G 5 HOH 28 228 102 HOH HOH A . 
G 5 HOH 29 229 103 HOH HOH A . 
G 5 HOH 30 230 104 HOH HOH A . 
G 5 HOH 31 231 105 HOH HOH A . 
G 5 HOH 32 232 106 HOH HOH A . 
G 5 HOH 33 233 107 HOH HOH A . 
G 5 HOH 34 234 108 HOH HOH A . 
G 5 HOH 35 235 109 HOH HOH A . 
G 5 HOH 36 236 110 HOH HOH A . 
G 5 HOH 37 237 111 HOH HOH A . 
G 5 HOH 38 238 112 HOH HOH A . 
G 5 HOH 39 239 113 HOH HOH A . 
G 5 HOH 40 240 114 HOH HOH A . 
G 5 HOH 41 241 115 HOH HOH A . 
G 5 HOH 42 242 116 HOH HOH A . 
G 5 HOH 43 243 117 HOH HOH A . 
G 5 HOH 44 244 118 HOH HOH A . 
G 5 HOH 45 245 119 HOH HOH A . 
G 5 HOH 46 246 120 HOH HOH A . 
G 5 HOH 47 247 121 HOH HOH A . 
G 5 HOH 48 248 122 HOH HOH A . 
G 5 HOH 49 249 123 HOH HOH A . 
G 5 HOH 50 250 124 HOH HOH A . 
G 5 HOH 51 251 125 HOH HOH A . 
G 5 HOH 52 252 126 HOH HOH A . 
G 5 HOH 53 253 127 HOH HOH A . 
G 5 HOH 54 254 128 HOH HOH A . 
G 5 HOH 55 255 129 HOH HOH A . 
G 5 HOH 56 256 130 HOH HOH A . 
G 5 HOH 57 257 131 HOH HOH A . 
G 5 HOH 58 258 132 HOH HOH A . 
G 5 HOH 59 259 133 HOH HOH A . 
G 5 HOH 60 260 136 HOH HOH A . 
G 5 HOH 61 261 138 HOH HOH A . 
G 5 HOH 62 262 140 HOH HOH A . 
G 5 HOH 63 263 141 HOH HOH A . 
G 5 HOH 64 264 142 HOH HOH A . 
G 5 HOH 65 265 143 HOH HOH A . 
G 5 HOH 66 266 144 HOH HOH A . 
G 5 HOH 67 267 145 HOH HOH A . 
G 5 HOH 68 268 146 HOH HOH A . 
G 5 HOH 69 269 147 HOH HOH A . 
G 5 HOH 70 270 148 HOH HOH A . 
G 5 HOH 71 271 149 HOH HOH A . 
G 5 HOH 72 272 151 HOH HOH A . 
G 5 HOH 73 273 152 HOH HOH A . 
G 5 HOH 74 274 153 HOH HOH A . 
G 5 HOH 75 275 154 HOH HOH A . 
G 5 HOH 76 276 155 HOH HOH A . 
G 5 HOH 77 277 156 HOH HOH A . 
G 5 HOH 78 278 157 HOH HOH A . 
G 5 HOH 79 279 158 HOH HOH A . 
G 5 HOH 80 280 159 HOH HOH A . 
G 5 HOH 81 281 160 HOH HOH A . 
G 5 HOH 82 282 161 HOH HOH A . 
G 5 HOH 83 283 162 HOH HOH A . 
G 5 HOH 84 284 163 HOH HOH A . 
G 5 HOH 85 285 164 HOH HOH A . 
G 5 HOH 86 286 165 HOH HOH A . 
G 5 HOH 87 287 166 HOH HOH A . 
# 
loop_
_software.name 
_software.classification 
_software.version 
_software.citation_id 
_software.pdbx_ordinal 
Blu-Ice  'data collection' Max      ? 1 
PHENIX   'model building'  .        ? 2 
REFMAC   refinement        5.5.0102 ? 3 
HKL-3000 'data reduction'  .        ? 4 
HKL-3000 'data scaling'    .        ? 5 
PHENIX   phasing           .        ? 6 
# 
_cell.entry_id           4H4N 
_cell.length_a           26.673 
_cell.length_b           40.248 
_cell.length_c           52.014 
_cell.angle_alpha        90.00 
_cell.angle_beta         90.00 
_cell.angle_gamma        90.00 
_cell.Z_PDB              4 
_cell.pdbx_unique_axis   ? 
_cell.length_a_esd       ? 
_cell.length_b_esd       ? 
_cell.length_c_esd       ? 
_cell.angle_alpha_esd    ? 
_cell.angle_beta_esd     ? 
_cell.angle_gamma_esd    ? 
# 
_symmetry.entry_id                         4H4N 
_symmetry.space_group_name_H-M             'P 21 21 21' 
_symmetry.pdbx_full_space_group_name_H-M   ? 
_symmetry.cell_setting                     ? 
_symmetry.Int_Tables_number                19 
_symmetry.space_group_name_Hall            ? 
# 
_exptl.entry_id          4H4N 
_exptl.method            'X-RAY DIFFRACTION' 
_exptl.crystals_number   1 
# 
_exptl_crystal.id                    1 
_exptl_crystal.density_meas          ? 
_exptl_crystal.density_Matthews      1.83 
_exptl_crystal.density_percent_sol   32.81 
_exptl_crystal.description           ? 
_exptl_crystal.F_000                 ? 
_exptl_crystal.preparation           ? 
# 
_exptl_crystal_grow.crystal_id      1 
_exptl_crystal_grow.method          'VAPOR DIFFUSION, SITTING DROP' 
_exptl_crystal_grow.temp            295 
_exptl_crystal_grow.temp_details    ? 
_exptl_crystal_grow.pH              7.5 
_exptl_crystal_grow.pdbx_details    
;Protein: 3.5mg/mL, 0.5M Sodium chloride, 0.01M Tris-HCl pH 8.3; Screen: Classics II (G4), 0.2M Lithium sulfate, 0.1M HEPES  pH 7.5, 25% (w/v) PEG 3350., VAPOR DIFFUSION, SITTING DROP, temperature 295K
;
_exptl_crystal_grow.pdbx_pH_range   ? 
# 
_diffrn.id                     1 
_diffrn.ambient_temp           100 
_diffrn.ambient_temp_details   ? 
_diffrn.crystal_id             1 
# 
_diffrn_detector.diffrn_id              1 
_diffrn_detector.detector               CCD 
_diffrn_detector.type                   'MARMOSAIC 225 mm CCD' 
_diffrn_detector.pdbx_collection_date   2012-08-06 
_diffrn_detector.details                'Beryllium lenses' 
# 
_diffrn_radiation.diffrn_id                        1 
_diffrn_radiation.wavelength_id                    1 
_diffrn_radiation.pdbx_monochromatic_or_laue_m_l   M 
_diffrn_radiation.monochromator                    Diamond 
_diffrn_radiation.pdbx_diffrn_protocol             'SINGLE WAVELENGTH' 
_diffrn_radiation.pdbx_scattering_type             x-ray 
# 
_diffrn_radiation_wavelength.id           1 
_diffrn_radiation_wavelength.wavelength   0.97872 
_diffrn_radiation_wavelength.wt           1.0 
# 
_diffrn_source.diffrn_id                   1 
_diffrn_source.source                      SYNCHROTRON 
_diffrn_source.type                        'APS BEAMLINE 21-ID-F' 
_diffrn_source.pdbx_synchrotron_site       APS 
_diffrn_source.pdbx_synchrotron_beamline   21-ID-F 
_diffrn_source.pdbx_wavelength             ? 
_diffrn_source.pdbx_wavelength_list        0.97872 
# 
_reflns.entry_id                     4H4N 
_reflns.observed_criterion_sigma_I   -3.0 
_reflns.observed_criterion_sigma_F   ? 
_reflns.d_resolution_low             30.00 
_reflns.d_resolution_high            1.10 
_reflns.number_obs                   23318 
_reflns.number_all                   23318 
_reflns.percent_possible_obs         99.1 
_reflns.pdbx_Rmerge_I_obs            0.051 
_reflns.pdbx_Rsym_value              ? 
_reflns.pdbx_netI_over_sigmaI        26.3 
_reflns.B_iso_Wilson_estimate        10.0 
_reflns.pdbx_redundancy              5.2 
_reflns.R_free_details               ? 
_reflns.limit_h_max                  ? 
_reflns.limit_h_min                  ? 
_reflns.limit_k_max                  ? 
_reflns.limit_k_min                  ? 
_reflns.limit_l_max                  ? 
_reflns.limit_l_min                  ? 
_reflns.observed_criterion_F_max     ? 
_reflns.observed_criterion_F_min     ? 
_reflns.pdbx_chi_squared             ? 
_reflns.pdbx_scaling_rejects         ? 
_reflns.pdbx_ordinal                 1 
_reflns.pdbx_diffrn_id               1 
# 
_reflns_shell.d_res_high             1.10 
_reflns_shell.d_res_low              1.12 
_reflns_shell.percent_possible_all   93.0 
_reflns_shell.Rmerge_I_obs           0.333 
_reflns_shell.pdbx_Rsym_value        ? 
_reflns_shell.meanI_over_sigI_obs    2.04 
_reflns_shell.pdbx_redundancy        3.0 
_reflns_shell.percent_possible_obs   ? 
_reflns_shell.number_unique_all      1084 
_reflns_shell.number_measured_all    ? 
_reflns_shell.number_measured_obs    ? 
_reflns_shell.number_unique_obs      ? 
_reflns_shell.pdbx_chi_squared       ? 
_reflns_shell.pdbx_ordinal           1 
_reflns_shell.pdbx_diffrn_id         1 
# 
_refine.entry_id                                 4H4N 
_refine.ls_number_reflns_obs                     22013 
_refine.ls_number_reflns_all                     22013 
_refine.pdbx_ls_sigma_I                          ? 
_refine.pdbx_ls_sigma_F                          ? 
_refine.pdbx_data_cutoff_high_absF               ? 
_refine.pdbx_data_cutoff_low_absF                ? 
_refine.pdbx_data_cutoff_high_rms_absF           ? 
_refine.ls_d_res_low                             26.01 
_refine.ls_d_res_high                            1.10 
_refine.ls_percent_reflns_obs                    99.13 
_refine.ls_R_factor_obs                          0.14747 
_refine.ls_R_factor_all                          0.14747 
_refine.ls_R_factor_R_work                       0.14581 
_refine.ls_R_factor_R_free                       0.18225 
_refine.ls_R_factor_R_free_error                 ? 
_refine.ls_R_factor_R_free_error_details         ? 
_refine.ls_percent_reflns_R_free                 5.1 
_refine.ls_number_reflns_R_free                  1195 
_refine.ls_number_parameters                     ? 
_refine.ls_number_restraints                     ? 
_refine.occupancy_min                            ? 
_refine.occupancy_max                            ? 
_refine.correlation_coeff_Fo_to_Fc               0.973 
_refine.correlation_coeff_Fo_to_Fc_free          0.953 
_refine.B_iso_mean                               11.142 
_refine.aniso_B[1][1]                            0.06 
_refine.aniso_B[2][2]                            -0.04 
_refine.aniso_B[3][3]                            -0.02 
_refine.aniso_B[1][2]                            -0.00 
_refine.aniso_B[1][3]                            -0.00 
_refine.aniso_B[2][3]                            0.00 
_refine.solvent_model_details                    MASK 
_refine.solvent_model_param_ksol                 ? 
_refine.solvent_model_param_bsol                 ? 
_refine.pdbx_solvent_vdw_probe_radii             1.20 
_refine.pdbx_solvent_ion_probe_radii             0.80 
_refine.pdbx_solvent_shrinkage_radii             0.80 
_refine.pdbx_ls_cross_valid_method               THROUGHOUT 
_refine.details                                  'HYDROGENS HAVE BEEN ADDED IN THE RIDING POSITIONS' 
_refine.pdbx_starting_model                      ? 
_refine.pdbx_method_to_determine_struct          SAD 
_refine.pdbx_isotropic_thermal_model             'Thermal Factors Anisotropically Refined' 
_refine.pdbx_stereochemistry_target_values       'MAXIMUM LIKELIHOOD' 
_refine.pdbx_stereochem_target_val_spec_case     ? 
_refine.pdbx_R_Free_selection_details            RANDOM 
_refine.pdbx_overall_ESU_R                       0.033 
_refine.pdbx_overall_ESU_R_Free                  0.035 
_refine.overall_SU_ML                            0.014 
_refine.pdbx_overall_phase_error                 ? 
_refine.overall_SU_B                             0.634 
_refine.overall_SU_R_Cruickshank_DPI             ? 
_refine.ls_redundancy_reflns_obs                 ? 
_refine.B_iso_min                                ? 
_refine.B_iso_max                                ? 
_refine.overall_SU_R_free                        ? 
_refine.ls_wR_factor_R_free                      ? 
_refine.ls_wR_factor_R_work                      ? 
_refine.overall_FOM_free_R_set                   ? 
_refine.overall_FOM_work_R_set                   ? 
_refine.pdbx_diffrn_id                           1 
_refine.pdbx_refine_id                           'X-RAY DIFFRACTION' 
_refine.pdbx_TLS_residual_ADP_flag               ? 
_refine.pdbx_overall_SU_R_free_Cruickshank_DPI   ? 
_refine.pdbx_overall_SU_R_Blow_DPI               ? 
_refine.pdbx_overall_SU_R_free_Blow_DPI          ? 
# 
_refine_hist.pdbx_refine_id                   'X-RAY DIFFRACTION' 
_refine_hist.cycle_id                         LAST 
_refine_hist.pdbx_number_atoms_protein        499 
_refine_hist.pdbx_number_atoms_nucleic_acid   0 
_refine_hist.pdbx_number_atoms_ligand         12 
_refine_hist.number_atoms_solvent             87 
_refine_hist.number_atoms_total               598 
_refine_hist.d_res_high                       1.10 
_refine_hist.d_res_low                        26.01 
# 
loop_
_refine_ls_restr.type 
_refine_ls_restr.dev_ideal 
_refine_ls_restr.dev_ideal_target 
_refine_ls_restr.weight 
_refine_ls_restr.number 
_refine_ls_restr.pdbx_restraint_function 
_refine_ls_restr.pdbx_refine_id 
r_bond_refined_d       0.011  0.022  ? 580  ? 'X-RAY DIFFRACTION' 
r_bond_other_d         0.002  0.020  ? 411  ? 'X-RAY DIFFRACTION' 
r_angle_refined_deg    1.330  1.998  ? 794  ? 'X-RAY DIFFRACTION' 
r_angle_other_deg      0.760  3.000  ? 1020 ? 'X-RAY DIFFRACTION' 
r_dihedral_angle_1_deg 4.878  5.000  ? 73   ? 'X-RAY DIFFRACTION' 
r_dihedral_angle_2_deg 31.495 24.286 ? 21   ? 'X-RAY DIFFRACTION' 
r_dihedral_angle_3_deg 10.093 15.000 ? 103  ? 'X-RAY DIFFRACTION' 
r_dihedral_angle_4_deg 8.847  15.000 ? 2    ? 'X-RAY DIFFRACTION' 
r_chiral_restr         0.084  0.200  ? 87   ? 'X-RAY DIFFRACTION' 
r_gen_planes_refined   0.006  0.021  ? 637  ? 'X-RAY DIFFRACTION' 
r_gen_planes_other     0.002  0.020  ? 109  ? 'X-RAY DIFFRACTION' 
r_mcbond_it            1.366  1.500  ? 352  ? 'X-RAY DIFFRACTION' 
r_mcbond_other         0.470  1.500  ? 129  ? 'X-RAY DIFFRACTION' 
r_mcangle_it           2.292  2.000  ? 595  ? 'X-RAY DIFFRACTION' 
r_scbond_it            2.605  3.000  ? 228  ? 'X-RAY DIFFRACTION' 
r_scangle_it           3.887  4.500  ? 199  ? 'X-RAY DIFFRACTION' 
r_rigid_bond_restr     0.583  1.000  ? 991  ? 'X-RAY DIFFRACTION' 
# 
_refine_ls_shell.pdbx_total_number_of_bins_used   20 
_refine_ls_shell.d_res_high                       1.100 
_refine_ls_shell.d_res_low                        1.129 
_refine_ls_shell.number_reflns_R_work             1517 
_refine_ls_shell.R_factor_R_work                  0.230 
_refine_ls_shell.percent_reflns_obs               94.65 
_refine_ls_shell.R_factor_R_free                  0.228 
_refine_ls_shell.R_factor_R_free_error            ? 
_refine_ls_shell.percent_reflns_R_free            ? 
_refine_ls_shell.number_reflns_R_free             93 
_refine_ls_shell.number_reflns_all                ? 
_refine_ls_shell.R_factor_all                     ? 
_refine_ls_shell.number_reflns_obs                1517 
_refine_ls_shell.redundancy_reflns_obs            ? 
_refine_ls_shell.pdbx_refine_id                   'X-RAY DIFFRACTION' 
# 
_struct.entry_id                  4H4N 
_struct.title                     '1.1 Angstrom Crystal Structure of Hypothetical Protein BA_2335 from Bacillus anthracis' 
_struct.pdbx_model_details        ? 
_struct.pdbx_CASP_flag            ? 
_struct.pdbx_model_type_details   ? 
# 
_struct_keywords.entry_id        4H4N 
_struct_keywords.pdbx_keywords   'UNKNOWN FUNCTION' 
_struct_keywords.text            
;Structural Genomics, NIAID, National Institute of Allergy and Infectious Diseases, Center for Structural Genomics of Infectious Diseases, CSGID, hypothetical protein, UNKNOWN FUNCTION
;
# 
loop_
_struct_asym.id 
_struct_asym.pdbx_blank_PDB_chainid_flag 
_struct_asym.pdbx_modified 
_struct_asym.entity_id 
_struct_asym.details 
A N N 1 ? 
B N N 2 ? 
C N N 2 ? 
D N N 2 ? 
E N N 3 ? 
F N N 4 ? 
G N N 5 ? 
# 
_struct_ref.id                         1 
_struct_ref.db_name                    UNP 
_struct_ref.db_code                    Q81QT2_BACAN 
_struct_ref.pdbx_db_accession          Q81QT2 
_struct_ref.entity_id                  1 
_struct_ref.pdbx_seq_one_letter_code   MEKKPIAFKVPPNSKLKVTFFGPYNEVITNVSIINQLSTPKCQTITRYPNYTKYETEVRSLSSC 
_struct_ref.pdbx_align_begin           1 
_struct_ref.pdbx_db_isoform            ? 
# 
_struct_ref_seq.align_id                      1 
_struct_ref_seq.ref_id                        1 
_struct_ref_seq.pdbx_PDB_id_code              4H4N 
_struct_ref_seq.pdbx_strand_id                A 
_struct_ref_seq.seq_align_beg                 4 
_struct_ref_seq.pdbx_seq_align_beg_ins_code   ? 
_struct_ref_seq.seq_align_end                 67 
_struct_ref_seq.pdbx_seq_align_end_ins_code   ? 
_struct_ref_seq.pdbx_db_accession             Q81QT2 
_struct_ref_seq.db_align_beg                  1 
_struct_ref_seq.pdbx_db_align_beg_ins_code    ? 
_struct_ref_seq.db_align_end                  64 
_struct_ref_seq.pdbx_db_align_end_ins_code    ? 
_struct_ref_seq.pdbx_auth_seq_align_beg       1 
_struct_ref_seq.pdbx_auth_seq_align_end       64 
# 
loop_
_struct_ref_seq_dif.align_id 
_struct_ref_seq_dif.pdbx_pdb_id_code 
_struct_ref_seq_dif.mon_id 
_struct_ref_seq_dif.pdbx_pdb_strand_id 
_struct_ref_seq_dif.seq_num 
_struct_ref_seq_dif.pdbx_pdb_ins_code 
_struct_ref_seq_dif.pdbx_seq_db_name 
_struct_ref_seq_dif.pdbx_seq_db_accession_code 
_struct_ref_seq_dif.db_mon_id 
_struct_ref_seq_dif.pdbx_seq_db_seq_num 
_struct_ref_seq_dif.details 
_struct_ref_seq_dif.pdbx_auth_seq_num 
_struct_ref_seq_dif.pdbx_ordinal 
1 4H4N SER A 1 ? UNP Q81QT2 ? ? 'expression tag' -2 1 
1 4H4N ASN A 2 ? UNP Q81QT2 ? ? 'expression tag' -1 2 
1 4H4N ALA A 3 ? UNP Q81QT2 ? ? 'expression tag' 0  3 
# 
_pdbx_struct_assembly.id                   1 
_pdbx_struct_assembly.details              author_and_software_defined_assembly 
_pdbx_struct_assembly.method_details       PISA 
_pdbx_struct_assembly.oligomeric_details   monomeric 
_pdbx_struct_assembly.oligomeric_count     1 
# 
_pdbx_struct_assembly_gen.assembly_id       1 
_pdbx_struct_assembly_gen.oper_expression   1 
_pdbx_struct_assembly_gen.asym_id_list      A,B,C,D,E,F,G 
# 
_pdbx_struct_oper_list.id                   1 
_pdbx_struct_oper_list.type                 'identity operation' 
_pdbx_struct_oper_list.name                 1_555 
_pdbx_struct_oper_list.symmetry_operation   x,y,z 
_pdbx_struct_oper_list.matrix[1][1]         1.0000000000 
_pdbx_struct_oper_list.matrix[1][2]         0.0000000000 
_pdbx_struct_oper_list.matrix[1][3]         0.0000000000 
_pdbx_struct_oper_list.vector[1]            0.0000000000 
_pdbx_struct_oper_list.matrix[2][1]         0.0000000000 
_pdbx_struct_oper_list.matrix[2][2]         1.0000000000 
_pdbx_struct_oper_list.matrix[2][3]         0.0000000000 
_pdbx_struct_oper_list.vector[2]            0.0000000000 
_pdbx_struct_oper_list.matrix[3][1]         0.0000000000 
_pdbx_struct_oper_list.matrix[3][2]         0.0000000000 
_pdbx_struct_oper_list.matrix[3][3]         1.0000000000 
_pdbx_struct_oper_list.vector[3]            0.0000000000 
# 
_struct_biol.id        1 
_struct_biol.details   ? 
# 
_struct_conn.id                            covale1 
_struct_conn.conn_type_id                  covale 
_struct_conn.pdbx_leaving_atom_flag        none 
_struct_conn.pdbx_PDB_id                   ? 
_struct_conn.ptnr1_label_asym_id           A 
_struct_conn.ptnr1_label_comp_id           CYS 
_struct_conn.ptnr1_label_seq_id            45 
_struct_conn.ptnr1_label_atom_id           SG 
_struct_conn.pdbx_ptnr1_label_alt_id       ? 
_struct_conn.pdbx_ptnr1_PDB_ins_code       ? 
_struct_conn.pdbx_ptnr1_standard_comp_id   ? 
_struct_conn.ptnr1_symmetry                1_555 
_struct_conn.ptnr2_label_asym_id           E 
_struct_conn.ptnr2_label_comp_id           BME 
_struct_conn.ptnr2_label_seq_id            . 
_struct_conn.ptnr2_label_atom_id           S2 
_struct_conn.pdbx_ptnr2_label_alt_id       ? 
_struct_conn.pdbx_ptnr2_PDB_ins_code       ? 
_struct_conn.ptnr1_auth_asym_id            A 
_struct_conn.ptnr1_auth_comp_id            CYS 
_struct_conn.ptnr1_auth_seq_id             42 
_struct_conn.ptnr2_auth_asym_id            A 
_struct_conn.ptnr2_auth_comp_id            BME 
_struct_conn.ptnr2_auth_seq_id             104 
_struct_conn.ptnr2_symmetry                1_555 
_struct_conn.pdbx_ptnr3_label_atom_id      ? 
_struct_conn.pdbx_ptnr3_label_seq_id       ? 
_struct_conn.pdbx_ptnr3_label_comp_id      ? 
_struct_conn.pdbx_ptnr3_label_asym_id      ? 
_struct_conn.pdbx_ptnr3_label_alt_id       ? 
_struct_conn.pdbx_ptnr3_PDB_ins_code       ? 
_struct_conn.details                       ? 
_struct_conn.pdbx_dist_value               2.030 
_struct_conn.pdbx_value_order              ? 
_struct_conn.pdbx_role                     ? 
# 
_struct_conn_type.id          covale 
_struct_conn_type.criteria    ? 
_struct_conn_type.reference   ? 
# 
loop_
_struct_sheet.id 
_struct_sheet.type 
_struct_sheet.number_strands 
_struct_sheet.details 
A ? 2 ? 
B ? 3 ? 
# 
loop_
_struct_sheet_order.sheet_id 
_struct_sheet_order.range_id_1 
_struct_sheet_order.range_id_2 
_struct_sheet_order.offset 
_struct_sheet_order.sense 
A 1 2 ? anti-parallel 
B 1 2 ? anti-parallel 
B 2 3 ? anti-parallel 
# 
loop_
_struct_sheet_range.sheet_id 
_struct_sheet_range.id 
_struct_sheet_range.beg_label_comp_id 
_struct_sheet_range.beg_label_asym_id 
_struct_sheet_range.beg_label_seq_id 
_struct_sheet_range.pdbx_beg_PDB_ins_code 
_struct_sheet_range.end_label_comp_id 
_struct_sheet_range.end_label_asym_id 
_struct_sheet_range.end_label_seq_id 
_struct_sheet_range.pdbx_end_PDB_ins_code 
_struct_sheet_range.beg_auth_comp_id 
_struct_sheet_range.beg_auth_asym_id 
_struct_sheet_range.beg_auth_seq_id 
_struct_sheet_range.end_auth_comp_id 
_struct_sheet_range.end_auth_asym_id 
_struct_sheet_range.end_auth_seq_id 
A 1 ILE A 9  ? VAL A 13 ? ILE A 6  VAL A 10 
A 2 LYS A 44 ? ILE A 48 ? LYS A 41 ILE A 45 
B 1 VAL A 30 ? ASN A 38 ? VAL A 27 ASN A 35 
B 2 SER A 17 ? PHE A 24 ? SER A 14 PHE A 21 
B 3 LYS A 56 ? SER A 63 ? LYS A 53 SER A 60 
# 
loop_
_pdbx_struct_sheet_hbond.sheet_id 
_pdbx_struct_sheet_hbond.range_id_1 
_pdbx_struct_sheet_hbond.range_id_2 
_pdbx_struct_sheet_hbond.range_1_label_atom_id 
_pdbx_struct_sheet_hbond.range_1_label_comp_id 
_pdbx_struct_sheet_hbond.range_1_label_asym_id 
_pdbx_struct_sheet_hbond.range_1_label_seq_id 
_pdbx_struct_sheet_hbond.range_1_PDB_ins_code 
_pdbx_struct_sheet_hbond.range_1_auth_atom_id 
_pdbx_struct_sheet_hbond.range_1_auth_comp_id 
_pdbx_struct_sheet_hbond.range_1_auth_asym_id 
_pdbx_struct_sheet_hbond.range_1_auth_seq_id 
_pdbx_struct_sheet_hbond.range_2_label_atom_id 
_pdbx_struct_sheet_hbond.range_2_label_comp_id 
_pdbx_struct_sheet_hbond.range_2_label_asym_id 
_pdbx_struct_sheet_hbond.range_2_label_seq_id 
_pdbx_struct_sheet_hbond.range_2_PDB_ins_code 
_pdbx_struct_sheet_hbond.range_2_auth_atom_id 
_pdbx_struct_sheet_hbond.range_2_auth_comp_id 
_pdbx_struct_sheet_hbond.range_2_auth_asym_id 
_pdbx_struct_sheet_hbond.range_2_auth_seq_id 
A 1 2 N VAL A 13 ? N VAL A 10 O LYS A 44 ? O LYS A 41 
B 1 2 O ILE A 31 ? O ILE A 28 N PHE A 23 ? N PHE A 20 
B 2 3 N PHE A 24 ? N PHE A 21 O LYS A 56 ? O LYS A 53 
# 
loop_
_struct_site.id 
_struct_site.pdbx_evidence_code 
_struct_site.pdbx_auth_asym_id 
_struct_site.pdbx_auth_comp_id 
_struct_site.pdbx_auth_seq_id 
_struct_site.pdbx_auth_ins_code 
_struct_site.pdbx_num_residues 
_struct_site.details 
AC1 Software A CL  101 ? 2 'BINDING SITE FOR RESIDUE CL A 101'  
AC2 Software A CL  102 ? 1 'BINDING SITE FOR RESIDUE CL A 102'  
AC3 Software A CL  103 ? 1 'BINDING SITE FOR RESIDUE CL A 103'  
AC4 Software A BME 104 ? 6 'BINDING SITE FOR RESIDUE BME A 104' 
AC5 Software A SO4 105 ? 3 'BINDING SITE FOR RESIDUE SO4 A 105' 
# 
loop_
_struct_site_gen.id 
_struct_site_gen.site_id 
_struct_site_gen.pdbx_num_res 
_struct_site_gen.label_comp_id 
_struct_site_gen.label_asym_id 
_struct_site_gen.label_seq_id 
_struct_site_gen.pdbx_auth_ins_code 
_struct_site_gen.auth_comp_id 
_struct_site_gen.auth_asym_id 
_struct_site_gen.auth_seq_id 
_struct_site_gen.label_atom_id 
_struct_site_gen.label_alt_id 
_struct_site_gen.symmetry 
_struct_site_gen.details 
1  AC1 2 THR A 49 ? THR A 46  . ? 1_555 ? 
2  AC1 2 HOH G .  ? HOH A 201 . ? 1_555 ? 
3  AC2 1 LYS A 44 ? LYS A 41  . ? 1_555 ? 
4  AC3 1 HOH G .  ? HOH A 249 . ? 1_555 ? 
5  AC4 6 CYS A 45 ? CYS A 42  . ? 1_555 ? 
6  AC4 6 GLN A 46 ? GLN A 43  . ? 1_555 ? 
7  AC4 6 THR A 47 ? THR A 44  . ? 1_555 ? 
8  AC4 6 LYS A 56 ? LYS A 53  . ? 3_555 ? 
9  AC4 6 LEU A 64 ? LEU A 61  . ? 2_455 ? 
10 AC4 6 HOH G .  ? HOH A 265 . ? 2_455 ? 
11 AC5 3 LYS A 20 ? LYS A 17  . ? 1_555 ? 
12 AC5 3 GLN A 46 ? GLN A 43  . ? 4_545 ? 
13 AC5 3 ARG A 62 ? ARG A 59  . ? 1_555 ? 
# 
_pdbx_entry_details.entry_id                   4H4N 
_pdbx_entry_details.compound_details           ? 
_pdbx_entry_details.source_details             ? 
_pdbx_entry_details.nonpolymer_details         ? 
_pdbx_entry_details.sequence_details           ? 
_pdbx_entry_details.has_ligand_of_interest     ? 
_pdbx_entry_details.has_protein_modification   N 
# 
_pdbx_SG_project.id                    1 
_pdbx_SG_project.project_name          'NIAID, National Institute of Allergy and Infectious Diseases' 
_pdbx_SG_project.full_name_of_center   'Center for Structural Genomics of Infectious Diseases' 
_pdbx_SG_project.initial_of_center     CSGID 
# 
loop_
_pdbx_unobs_or_zero_occ_residues.id 
_pdbx_unobs_or_zero_occ_residues.PDB_model_num 
_pdbx_unobs_or_zero_occ_residues.polymer_flag 
_pdbx_unobs_or_zero_occ_residues.occupancy_flag 
_pdbx_unobs_or_zero_occ_residues.auth_asym_id 
_pdbx_unobs_or_zero_occ_residues.auth_comp_id 
_pdbx_unobs_or_zero_occ_residues.auth_seq_id 
_pdbx_unobs_or_zero_occ_residues.PDB_ins_code 
_pdbx_unobs_or_zero_occ_residues.label_asym_id 
_pdbx_unobs_or_zero_occ_residues.label_comp_id 
_pdbx_unobs_or_zero_occ_residues.label_seq_id 
1 1 Y 1 A SER -2 ? A SER 1 
2 1 Y 1 A ASN -1 ? A ASN 2 
3 1 Y 1 A ALA 0  ? A ALA 3 
4 1 Y 1 A MET 1  ? A MET 4 
5 1 Y 1 A GLU 2  ? A GLU 5 
# 
loop_
_chem_comp_atom.comp_id 
_chem_comp_atom.atom_id 
_chem_comp_atom.type_symbol 
_chem_comp_atom.pdbx_aromatic_flag 
_chem_comp_atom.pdbx_stereo_config 
_chem_comp_atom.pdbx_ordinal 
ALA N    N  N N 1   
ALA CA   C  N S 2   
ALA C    C  N N 3   
ALA O    O  N N 4   
ALA CB   C  N N 5   
ALA OXT  O  N N 6   
ALA H    H  N N 7   
ALA H2   H  N N 8   
ALA HA   H  N N 9   
ALA HB1  H  N N 10  
ALA HB2  H  N N 11  
ALA HB3  H  N N 12  
ALA HXT  H  N N 13  
ARG N    N  N N 14  
ARG CA   C  N S 15  
ARG C    C  N N 16  
ARG O    O  N N 17  
ARG CB   C  N N 18  
ARG CG   C  N N 19  
ARG CD   C  N N 20  
ARG NE   N  N N 21  
ARG CZ   C  N N 22  
ARG NH1  N  N N 23  
ARG NH2  N  N N 24  
ARG OXT  O  N N 25  
ARG H    H  N N 26  
ARG H2   H  N N 27  
ARG HA   H  N N 28  
ARG HB2  H  N N 29  
ARG HB3  H  N N 30  
ARG HG2  H  N N 31  
ARG HG3  H  N N 32  
ARG HD2  H  N N 33  
ARG HD3  H  N N 34  
ARG HE   H  N N 35  
ARG HH11 H  N N 36  
ARG HH12 H  N N 37  
ARG HH21 H  N N 38  
ARG HH22 H  N N 39  
ARG HXT  H  N N 40  
ASN N    N  N N 41  
ASN CA   C  N S 42  
ASN C    C  N N 43  
ASN O    O  N N 44  
ASN CB   C  N N 45  
ASN CG   C  N N 46  
ASN OD1  O  N N 47  
ASN ND2  N  N N 48  
ASN OXT  O  N N 49  
ASN H    H  N N 50  
ASN H2   H  N N 51  
ASN HA   H  N N 52  
ASN HB2  H  N N 53  
ASN HB3  H  N N 54  
ASN HD21 H  N N 55  
ASN HD22 H  N N 56  
ASN HXT  H  N N 57  
BME C1   C  N N 58  
BME C2   C  N N 59  
BME O1   O  N N 60  
BME S2   S  N N 61  
BME H11  H  N N 62  
BME H12  H  N N 63  
BME H21  H  N N 64  
BME H22  H  N N 65  
BME HO1  H  N N 66  
BME HS2  H  N N 67  
CL  CL   CL N N 68  
CYS N    N  N N 69  
CYS CA   C  N R 70  
CYS C    C  N N 71  
CYS O    O  N N 72  
CYS CB   C  N N 73  
CYS SG   S  N N 74  
CYS OXT  O  N N 75  
CYS H    H  N N 76  
CYS H2   H  N N 77  
CYS HA   H  N N 78  
CYS HB2  H  N N 79  
CYS HB3  H  N N 80  
CYS HG   H  N N 81  
CYS HXT  H  N N 82  
GLN N    N  N N 83  
GLN CA   C  N S 84  
GLN C    C  N N 85  
GLN O    O  N N 86  
GLN CB   C  N N 87  
GLN CG   C  N N 88  
GLN CD   C  N N 89  
GLN OE1  O  N N 90  
GLN NE2  N  N N 91  
GLN OXT  O  N N 92  
GLN H    H  N N 93  
GLN H2   H  N N 94  
GLN HA   H  N N 95  
GLN HB2  H  N N 96  
GLN HB3  H  N N 97  
GLN HG2  H  N N 98  
GLN HG3  H  N N 99  
GLN HE21 H  N N 100 
GLN HE22 H  N N 101 
GLN HXT  H  N N 102 
GLU N    N  N N 103 
GLU CA   C  N S 104 
GLU C    C  N N 105 
GLU O    O  N N 106 
GLU CB   C  N N 107 
GLU CG   C  N N 108 
GLU CD   C  N N 109 
GLU OE1  O  N N 110 
GLU OE2  O  N N 111 
GLU OXT  O  N N 112 
GLU H    H  N N 113 
GLU H2   H  N N 114 
GLU HA   H  N N 115 
GLU HB2  H  N N 116 
GLU HB3  H  N N 117 
GLU HG2  H  N N 118 
GLU HG3  H  N N 119 
GLU HE2  H  N N 120 
GLU HXT  H  N N 121 
GLY N    N  N N 122 
GLY CA   C  N N 123 
GLY C    C  N N 124 
GLY O    O  N N 125 
GLY OXT  O  N N 126 
GLY H    H  N N 127 
GLY H2   H  N N 128 
GLY HA2  H  N N 129 
GLY HA3  H  N N 130 
GLY HXT  H  N N 131 
HOH O    O  N N 132 
HOH H1   H  N N 133 
HOH H2   H  N N 134 
ILE N    N  N N 135 
ILE CA   C  N S 136 
ILE C    C  N N 137 
ILE O    O  N N 138 
ILE CB   C  N S 139 
ILE CG1  C  N N 140 
ILE CG2  C  N N 141 
ILE CD1  C  N N 142 
ILE OXT  O  N N 143 
ILE H    H  N N 144 
ILE H2   H  N N 145 
ILE HA   H  N N 146 
ILE HB   H  N N 147 
ILE HG12 H  N N 148 
ILE HG13 H  N N 149 
ILE HG21 H  N N 150 
ILE HG22 H  N N 151 
ILE HG23 H  N N 152 
ILE HD11 H  N N 153 
ILE HD12 H  N N 154 
ILE HD13 H  N N 155 
ILE HXT  H  N N 156 
LEU N    N  N N 157 
LEU CA   C  N S 158 
LEU C    C  N N 159 
LEU O    O  N N 160 
LEU CB   C  N N 161 
LEU CG   C  N N 162 
LEU CD1  C  N N 163 
LEU CD2  C  N N 164 
LEU OXT  O  N N 165 
LEU H    H  N N 166 
LEU H2   H  N N 167 
LEU HA   H  N N 168 
LEU HB2  H  N N 169 
LEU HB3  H  N N 170 
LEU HG   H  N N 171 
LEU HD11 H  N N 172 
LEU HD12 H  N N 173 
LEU HD13 H  N N 174 
LEU HD21 H  N N 175 
LEU HD22 H  N N 176 
LEU HD23 H  N N 177 
LEU HXT  H  N N 178 
LYS N    N  N N 179 
LYS CA   C  N S 180 
LYS C    C  N N 181 
LYS O    O  N N 182 
LYS CB   C  N N 183 
LYS CG   C  N N 184 
LYS CD   C  N N 185 
LYS CE   C  N N 186 
LYS NZ   N  N N 187 
LYS OXT  O  N N 188 
LYS H    H  N N 189 
LYS H2   H  N N 190 
LYS HA   H  N N 191 
LYS HB2  H  N N 192 
LYS HB3  H  N N 193 
LYS HG2  H  N N 194 
LYS HG3  H  N N 195 
LYS HD2  H  N N 196 
LYS HD3  H  N N 197 
LYS HE2  H  N N 198 
LYS HE3  H  N N 199 
LYS HZ1  H  N N 200 
LYS HZ2  H  N N 201 
LYS HZ3  H  N N 202 
LYS HXT  H  N N 203 
MET N    N  N N 204 
MET CA   C  N S 205 
MET C    C  N N 206 
MET O    O  N N 207 
MET CB   C  N N 208 
MET CG   C  N N 209 
MET SD   S  N N 210 
MET CE   C  N N 211 
MET OXT  O  N N 212 
MET H    H  N N 213 
MET H2   H  N N 214 
MET HA   H  N N 215 
MET HB2  H  N N 216 
MET HB3  H  N N 217 
MET HG2  H  N N 218 
MET HG3  H  N N 219 
MET HE1  H  N N 220 
MET HE2  H  N N 221 
MET HE3  H  N N 222 
MET HXT  H  N N 223 
PHE N    N  N N 224 
PHE CA   C  N S 225 
PHE C    C  N N 226 
PHE O    O  N N 227 
PHE CB   C  N N 228 
PHE CG   C  Y N 229 
PHE CD1  C  Y N 230 
PHE CD2  C  Y N 231 
PHE CE1  C  Y N 232 
PHE CE2  C  Y N 233 
PHE CZ   C  Y N 234 
PHE OXT  O  N N 235 
PHE H    H  N N 236 
PHE H2   H  N N 237 
PHE HA   H  N N 238 
PHE HB2  H  N N 239 
PHE HB3  H  N N 240 
PHE HD1  H  N N 241 
PHE HD2  H  N N 242 
PHE HE1  H  N N 243 
PHE HE2  H  N N 244 
PHE HZ   H  N N 245 
PHE HXT  H  N N 246 
PRO N    N  N N 247 
PRO CA   C  N S 248 
PRO C    C  N N 249 
PRO O    O  N N 250 
PRO CB   C  N N 251 
PRO CG   C  N N 252 
PRO CD   C  N N 253 
PRO OXT  O  N N 254 
PRO H    H  N N 255 
PRO HA   H  N N 256 
PRO HB2  H  N N 257 
PRO HB3  H  N N 258 
PRO HG2  H  N N 259 
PRO HG3  H  N N 260 
PRO HD2  H  N N 261 
PRO HD3  H  N N 262 
PRO HXT  H  N N 263 
SER N    N  N N 264 
SER CA   C  N S 265 
SER C    C  N N 266 
SER O    O  N N 267 
SER CB   C  N N 268 
SER OG   O  N N 269 
SER OXT  O  N N 270 
SER H    H  N N 271 
SER H2   H  N N 272 
SER HA   H  N N 273 
SER HB2  H  N N 274 
SER HB3  H  N N 275 
SER HG   H  N N 276 
SER HXT  H  N N 277 
SO4 S    S  N N 278 
SO4 O1   O  N N 279 
SO4 O2   O  N N 280 
SO4 O3   O  N N 281 
SO4 O4   O  N N 282 
THR N    N  N N 283 
THR CA   C  N S 284 
THR C    C  N N 285 
THR O    O  N N 286 
THR CB   C  N R 287 
THR OG1  O  N N 288 
THR CG2  C  N N 289 
THR OXT  O  N N 290 
THR H    H  N N 291 
THR H2   H  N N 292 
THR HA   H  N N 293 
THR HB   H  N N 294 
THR HG1  H  N N 295 
THR HG21 H  N N 296 
THR HG22 H  N N 297 
THR HG23 H  N N 298 
THR HXT  H  N N 299 
TYR N    N  N N 300 
TYR CA   C  N S 301 
TYR C    C  N N 302 
TYR O    O  N N 303 
TYR CB   C  N N 304 
TYR CG   C  Y N 305 
TYR CD1  C  Y N 306 
TYR CD2  C  Y N 307 
TYR CE1  C  Y N 308 
TYR CE2  C  Y N 309 
TYR CZ   C  Y N 310 
TYR OH   O  N N 311 
TYR OXT  O  N N 312 
TYR H    H  N N 313 
TYR H2   H  N N 314 
TYR HA   H  N N 315 
TYR HB2  H  N N 316 
TYR HB3  H  N N 317 
TYR HD1  H  N N 318 
TYR HD2  H  N N 319 
TYR HE1  H  N N 320 
TYR HE2  H  N N 321 
TYR HH   H  N N 322 
TYR HXT  H  N N 323 
VAL N    N  N N 324 
VAL CA   C  N S 325 
VAL C    C  N N 326 
VAL O    O  N N 327 
VAL CB   C  N N 328 
VAL CG1  C  N N 329 
VAL CG2  C  N N 330 
VAL OXT  O  N N 331 
VAL H    H  N N 332 
VAL H2   H  N N 333 
VAL HA   H  N N 334 
VAL HB   H  N N 335 
VAL HG11 H  N N 336 
VAL HG12 H  N N 337 
VAL HG13 H  N N 338 
VAL HG21 H  N N 339 
VAL HG22 H  N N 340 
VAL HG23 H  N N 341 
VAL HXT  H  N N 342 
# 
loop_
_chem_comp_bond.comp_id 
_chem_comp_bond.atom_id_1 
_chem_comp_bond.atom_id_2 
_chem_comp_bond.value_order 
_chem_comp_bond.pdbx_aromatic_flag 
_chem_comp_bond.pdbx_stereo_config 
_chem_comp_bond.pdbx_ordinal 
ALA N   CA   sing N N 1   
ALA N   H    sing N N 2   
ALA N   H2   sing N N 3   
ALA CA  C    sing N N 4   
ALA CA  CB   sing N N 5   
ALA CA  HA   sing N N 6   
ALA C   O    doub N N 7   
ALA C   OXT  sing N N 8   
ALA CB  HB1  sing N N 9   
ALA CB  HB2  sing N N 10  
ALA CB  HB3  sing N N 11  
ALA OXT HXT  sing N N 12  
ARG N   CA   sing N N 13  
ARG N   H    sing N N 14  
ARG N   H2   sing N N 15  
ARG CA  C    sing N N 16  
ARG CA  CB   sing N N 17  
ARG CA  HA   sing N N 18  
ARG C   O    doub N N 19  
ARG C   OXT  sing N N 20  
ARG CB  CG   sing N N 21  
ARG CB  HB2  sing N N 22  
ARG CB  HB3  sing N N 23  
ARG CG  CD   sing N N 24  
ARG CG  HG2  sing N N 25  
ARG CG  HG3  sing N N 26  
ARG CD  NE   sing N N 27  
ARG CD  HD2  sing N N 28  
ARG CD  HD3  sing N N 29  
ARG NE  CZ   sing N N 30  
ARG NE  HE   sing N N 31  
ARG CZ  NH1  sing N N 32  
ARG CZ  NH2  doub N N 33  
ARG NH1 HH11 sing N N 34  
ARG NH1 HH12 sing N N 35  
ARG NH2 HH21 sing N N 36  
ARG NH2 HH22 sing N N 37  
ARG OXT HXT  sing N N 38  
ASN N   CA   sing N N 39  
ASN N   H    sing N N 40  
ASN N   H2   sing N N 41  
ASN CA  C    sing N N 42  
ASN CA  CB   sing N N 43  
ASN CA  HA   sing N N 44  
ASN C   O    doub N N 45  
ASN C   OXT  sing N N 46  
ASN CB  CG   sing N N 47  
ASN CB  HB2  sing N N 48  
ASN CB  HB3  sing N N 49  
ASN CG  OD1  doub N N 50  
ASN CG  ND2  sing N N 51  
ASN ND2 HD21 sing N N 52  
ASN ND2 HD22 sing N N 53  
ASN OXT HXT  sing N N 54  
BME C1  C2   sing N N 55  
BME C1  O1   sing N N 56  
BME C1  H11  sing N N 57  
BME C1  H12  sing N N 58  
BME C2  S2   sing N N 59  
BME C2  H21  sing N N 60  
BME C2  H22  sing N N 61  
BME O1  HO1  sing N N 62  
BME S2  HS2  sing N N 63  
CYS N   CA   sing N N 64  
CYS N   H    sing N N 65  
CYS N   H2   sing N N 66  
CYS CA  C    sing N N 67  
CYS CA  CB   sing N N 68  
CYS CA  HA   sing N N 69  
CYS C   O    doub N N 70  
CYS C   OXT  sing N N 71  
CYS CB  SG   sing N N 72  
CYS CB  HB2  sing N N 73  
CYS CB  HB3  sing N N 74  
CYS SG  HG   sing N N 75  
CYS OXT HXT  sing N N 76  
GLN N   CA   sing N N 77  
GLN N   H    sing N N 78  
GLN N   H2   sing N N 79  
GLN CA  C    sing N N 80  
GLN CA  CB   sing N N 81  
GLN CA  HA   sing N N 82  
GLN C   O    doub N N 83  
GLN C   OXT  sing N N 84  
GLN CB  CG   sing N N 85  
GLN CB  HB2  sing N N 86  
GLN CB  HB3  sing N N 87  
GLN CG  CD   sing N N 88  
GLN CG  HG2  sing N N 89  
GLN CG  HG3  sing N N 90  
GLN CD  OE1  doub N N 91  
GLN CD  NE2  sing N N 92  
GLN NE2 HE21 sing N N 93  
GLN NE2 HE22 sing N N 94  
GLN OXT HXT  sing N N 95  
GLU N   CA   sing N N 96  
GLU N   H    sing N N 97  
GLU N   H2   sing N N 98  
GLU CA  C    sing N N 99  
GLU CA  CB   sing N N 100 
GLU CA  HA   sing N N 101 
GLU C   O    doub N N 102 
GLU C   OXT  sing N N 103 
GLU CB  CG   sing N N 104 
GLU CB  HB2  sing N N 105 
GLU CB  HB3  sing N N 106 
GLU CG  CD   sing N N 107 
GLU CG  HG2  sing N N 108 
GLU CG  HG3  sing N N 109 
GLU CD  OE1  doub N N 110 
GLU CD  OE2  sing N N 111 
GLU OE2 HE2  sing N N 112 
GLU OXT HXT  sing N N 113 
GLY N   CA   sing N N 114 
GLY N   H    sing N N 115 
GLY N   H2   sing N N 116 
GLY CA  C    sing N N 117 
GLY CA  HA2  sing N N 118 
GLY CA  HA3  sing N N 119 
GLY C   O    doub N N 120 
GLY C   OXT  sing N N 121 
GLY OXT HXT  sing N N 122 
HOH O   H1   sing N N 123 
HOH O   H2   sing N N 124 
ILE N   CA   sing N N 125 
ILE N   H    sing N N 126 
ILE N   H2   sing N N 127 
ILE CA  C    sing N N 128 
ILE CA  CB   sing N N 129 
ILE CA  HA   sing N N 130 
ILE C   O    doub N N 131 
ILE C   OXT  sing N N 132 
ILE CB  CG1  sing N N 133 
ILE CB  CG2  sing N N 134 
ILE CB  HB   sing N N 135 
ILE CG1 CD1  sing N N 136 
ILE CG1 HG12 sing N N 137 
ILE CG1 HG13 sing N N 138 
ILE CG2 HG21 sing N N 139 
ILE CG2 HG22 sing N N 140 
ILE CG2 HG23 sing N N 141 
ILE CD1 HD11 sing N N 142 
ILE CD1 HD12 sing N N 143 
ILE CD1 HD13 sing N N 144 
ILE OXT HXT  sing N N 145 
LEU N   CA   sing N N 146 
LEU N   H    sing N N 147 
LEU N   H2   sing N N 148 
LEU CA  C    sing N N 149 
LEU CA  CB   sing N N 150 
LEU CA  HA   sing N N 151 
LEU C   O    doub N N 152 
LEU C   OXT  sing N N 153 
LEU CB  CG   sing N N 154 
LEU CB  HB2  sing N N 155 
LEU CB  HB3  sing N N 156 
LEU CG  CD1  sing N N 157 
LEU CG  CD2  sing N N 158 
LEU CG  HG   sing N N 159 
LEU CD1 HD11 sing N N 160 
LEU CD1 HD12 sing N N 161 
LEU CD1 HD13 sing N N 162 
LEU CD2 HD21 sing N N 163 
LEU CD2 HD22 sing N N 164 
LEU CD2 HD23 sing N N 165 
LEU OXT HXT  sing N N 166 
LYS N   CA   sing N N 167 
LYS N   H    sing N N 168 
LYS N   H2   sing N N 169 
LYS CA  C    sing N N 170 
LYS CA  CB   sing N N 171 
LYS CA  HA   sing N N 172 
LYS C   O    doub N N 173 
LYS C   OXT  sing N N 174 
LYS CB  CG   sing N N 175 
LYS CB  HB2  sing N N 176 
LYS CB  HB3  sing N N 177 
LYS CG  CD   sing N N 178 
LYS CG  HG2  sing N N 179 
LYS CG  HG3  sing N N 180 
LYS CD  CE   sing N N 181 
LYS CD  HD2  sing N N 182 
LYS CD  HD3  sing N N 183 
LYS CE  NZ   sing N N 184 
LYS CE  HE2  sing N N 185 
LYS CE  HE3  sing N N 186 
LYS NZ  HZ1  sing N N 187 
LYS NZ  HZ2  sing N N 188 
LYS NZ  HZ3  sing N N 189 
LYS OXT HXT  sing N N 190 
MET N   CA   sing N N 191 
MET N   H    sing N N 192 
MET N   H2   sing N N 193 
MET CA  C    sing N N 194 
MET CA  CB   sing N N 195 
MET CA  HA   sing N N 196 
MET C   O    doub N N 197 
MET C   OXT  sing N N 198 
MET CB  CG   sing N N 199 
MET CB  HB2  sing N N 200 
MET CB  HB3  sing N N 201 
MET CG  SD   sing N N 202 
MET CG  HG2  sing N N 203 
MET CG  HG3  sing N N 204 
MET SD  CE   sing N N 205 
MET CE  HE1  sing N N 206 
MET CE  HE2  sing N N 207 
MET CE  HE3  sing N N 208 
MET OXT HXT  sing N N 209 
PHE N   CA   sing N N 210 
PHE N   H    sing N N 211 
PHE N   H2   sing N N 212 
PHE CA  C    sing N N 213 
PHE CA  CB   sing N N 214 
PHE CA  HA   sing N N 215 
PHE C   O    doub N N 216 
PHE C   OXT  sing N N 217 
PHE CB  CG   sing N N 218 
PHE CB  HB2  sing N N 219 
PHE CB  HB3  sing N N 220 
PHE CG  CD1  doub Y N 221 
PHE CG  CD2  sing Y N 222 
PHE CD1 CE1  sing Y N 223 
PHE CD1 HD1  sing N N 224 
PHE CD2 CE2  doub Y N 225 
PHE CD2 HD2  sing N N 226 
PHE CE1 CZ   doub Y N 227 
PHE CE1 HE1  sing N N 228 
PHE CE2 CZ   sing Y N 229 
PHE CE2 HE2  sing N N 230 
PHE CZ  HZ   sing N N 231 
PHE OXT HXT  sing N N 232 
PRO N   CA   sing N N 233 
PRO N   CD   sing N N 234 
PRO N   H    sing N N 235 
PRO CA  C    sing N N 236 
PRO CA  CB   sing N N 237 
PRO CA  HA   sing N N 238 
PRO C   O    doub N N 239 
PRO C   OXT  sing N N 240 
PRO CB  CG   sing N N 241 
PRO CB  HB2  sing N N 242 
PRO CB  HB3  sing N N 243 
PRO CG  CD   sing N N 244 
PRO CG  HG2  sing N N 245 
PRO CG  HG3  sing N N 246 
PRO CD  HD2  sing N N 247 
PRO CD  HD3  sing N N 248 
PRO OXT HXT  sing N N 249 
SER N   CA   sing N N 250 
SER N   H    sing N N 251 
SER N   H2   sing N N 252 
SER CA  C    sing N N 253 
SER CA  CB   sing N N 254 
SER CA  HA   sing N N 255 
SER C   O    doub N N 256 
SER C   OXT  sing N N 257 
SER CB  OG   sing N N 258 
SER CB  HB2  sing N N 259 
SER CB  HB3  sing N N 260 
SER OG  HG   sing N N 261 
SER OXT HXT  sing N N 262 
SO4 S   O1   doub N N 263 
SO4 S   O2   doub N N 264 
SO4 S   O3   sing N N 265 
SO4 S   O4   sing N N 266 
THR N   CA   sing N N 267 
THR N   H    sing N N 268 
THR N   H2   sing N N 269 
THR CA  C    sing N N 270 
THR CA  CB   sing N N 271 
THR CA  HA   sing N N 272 
THR C   O    doub N N 273 
THR C   OXT  sing N N 274 
THR CB  OG1  sing N N 275 
THR CB  CG2  sing N N 276 
THR CB  HB   sing N N 277 
THR OG1 HG1  sing N N 278 
THR CG2 HG21 sing N N 279 
THR CG2 HG22 sing N N 280 
THR CG2 HG23 sing N N 281 
THR OXT HXT  sing N N 282 
TYR N   CA   sing N N 283 
TYR N   H    sing N N 284 
TYR N   H2   sing N N 285 
TYR CA  C    sing N N 286 
TYR CA  CB   sing N N 287 
TYR CA  HA   sing N N 288 
TYR C   O    doub N N 289 
TYR C   OXT  sing N N 290 
TYR CB  CG   sing N N 291 
TYR CB  HB2  sing N N 292 
TYR CB  HB3  sing N N 293 
TYR CG  CD1  doub Y N 294 
TYR CG  CD2  sing Y N 295 
TYR CD1 CE1  sing Y N 296 
TYR CD1 HD1  sing N N 297 
TYR CD2 CE2  doub Y N 298 
TYR CD2 HD2  sing N N 299 
TYR CE1 CZ   doub Y N 300 
TYR CE1 HE1  sing N N 301 
TYR CE2 CZ   sing Y N 302 
TYR CE2 HE2  sing N N 303 
TYR CZ  OH   sing N N 304 
TYR OH  HH   sing N N 305 
TYR OXT HXT  sing N N 306 
VAL N   CA   sing N N 307 
VAL N   H    sing N N 308 
VAL N   H2   sing N N 309 
VAL CA  C    sing N N 310 
VAL CA  CB   sing N N 311 
VAL CA  HA   sing N N 312 
VAL C   O    doub N N 313 
VAL C   OXT  sing N N 314 
VAL CB  CG1  sing N N 315 
VAL CB  CG2  sing N N 316 
VAL CB  HB   sing N N 317 
VAL CG1 HG11 sing N N 318 
VAL CG1 HG12 sing N N 319 
VAL CG1 HG13 sing N N 320 
VAL CG2 HG21 sing N N 321 
VAL CG2 HG22 sing N N 322 
VAL CG2 HG23 sing N N 323 
VAL OXT HXT  sing N N 324 
# 
_atom_sites.entry_id                    4H4N 
_atom_sites.fract_transf_matrix[1][1]   -0.01547455 
_atom_sites.fract_transf_matrix[1][2]   -0.02664360 
_atom_sites.fract_transf_matrix[1][3]   -0.02135959 
_atom_sites.fract_transf_matrix[2][1]   0.01549590 
_atom_sites.fract_transf_matrix[2][2]   -0.01680511 
_atom_sites.fract_transf_matrix[2][3]   0.00973597 
_atom_sites.fract_transf_matrix[3][1]   -0.01276265 
_atom_sites.fract_transf_matrix[3][2]   -0.00372190 
_atom_sites.fract_transf_matrix[3][3]   0.01388889 
_atom_sites.fract_transf_vector[1]      -0.138873 
_atom_sites.fract_transf_vector[2]      -0.261725 
_atom_sites.fract_transf_vector[3]      0.092307 
# 
loop_
_atom_type.symbol 
C  
CL 
N  
O  
S  
# 
loop_
_atom_site.group_PDB 
_atom_site.id 
_atom_site.type_symbol 
_atom_site.label_atom_id 
_atom_site.label_alt_id 
_atom_site.label_comp_id 
_atom_site.label_asym_id 
_atom_site.label_entity_id 
_atom_site.label_seq_id 
_atom_site.pdbx_PDB_ins_code 
_atom_site.Cartn_x 
_atom_site.Cartn_y 
_atom_site.Cartn_z 
_atom_site.occupancy 
_atom_site.B_iso_or_equiv 
_atom_site.pdbx_formal_charge 
_atom_site.auth_seq_id 
_atom_site.auth_comp_id 
_atom_site.auth_asym_id 
_atom_site.auth_atom_id 
_atom_site.pdbx_PDB_model_num 
ATOM   1   N  N   . LYS A 1 6  ? -10.873 7.139   11.855  1.00 25.91  ? 3   LYS A N   1 
ATOM   2   C  CA  . LYS A 1 6  ? -9.888  6.566   10.893  1.00 25.46  ? 3   LYS A CA  1 
ATOM   3   C  C   . LYS A 1 6  ? -8.978  5.563   11.585  1.00 24.29  ? 3   LYS A C   1 
ATOM   4   O  O   . LYS A 1 6  ? -7.870  5.879   12.019  1.00 25.16  ? 3   LYS A O   1 
ATOM   5   C  CB  . LYS A 1 6  ? -9.056  7.662   10.237  1.00 26.02  ? 3   LYS A CB  1 
ATOM   6   C  CG  . LYS A 1 6  ? -9.821  8.532   9.275   1.00 27.07  ? 3   LYS A CG  1 
ATOM   7   C  CD  . LYS A 1 6  ? -8.906  9.558   8.644   1.00 28.10  ? 3   LYS A CD  1 
ATOM   8   C  CE  . LYS A 1 6  ? -9.645  10.458  7.673   1.00 28.61  ? 3   LYS A CE  1 
ATOM   9   N  NZ  . LYS A 1 6  ? -8.766  11.556  7.179   1.00 29.60  ? 3   LYS A NZ  1 
ATOM   10  N  N   . LYS A 1 7  ? -9.466  4.340   11.694  1.00 22.24  ? 4   LYS A N   1 
ATOM   11  C  CA  . LYS A 1 7  ? -8.703  3.285   12.312  1.00 20.54  ? 4   LYS A CA  1 
ATOM   12  C  C   . LYS A 1 7  ? -7.548  2.865   11.390  1.00 18.12  ? 4   LYS A C   1 
ATOM   13  O  O   . LYS A 1 7  ? -7.589  3.104   10.181  1.00 17.69  ? 4   LYS A O   1 
ATOM   14  C  CB  . LYS A 1 7  ? -9.607  2.081   12.584  1.00 21.47  ? 4   LYS A CB  1 
ATOM   15  C  CG  . LYS A 1 7  ? -10.612 2.282   13.711  1.00 23.61  ? 4   LYS A CG  1 
ATOM   16  C  CD  . LYS A 1 7  ? -11.613 1.121   13.768  1.00 26.62  ? 4   LYS A CD  1 
ATOM   17  C  CE  . LYS A 1 7  ? -12.518 1.190   14.996  1.00 28.39  ? 4   LYS A CE  1 
ATOM   18  N  NZ  . LYS A 1 7  ? -13.531 0.091   15.017  1.00 30.28  ? 4   LYS A NZ  1 
ATOM   19  N  N   A PRO A 1 8  ? -6.497  2.263   11.963  0.60 17.06  ? 5   PRO A N   1 
ATOM   20  N  N   B PRO A 1 8  ? -6.524  2.208   11.956  0.40 17.02  ? 5   PRO A N   1 
ATOM   21  C  CA  A PRO A 1 8  ? -5.418  1.758   11.129  0.60 15.98  ? 5   PRO A CA  1 
ATOM   22  C  CA  B PRO A 1 8  ? -5.410  1.775   11.121  0.40 15.90  ? 5   PRO A CA  1 
ATOM   23  C  C   A PRO A 1 8  ? -5.923  0.756   10.095  0.60 14.19  ? 5   PRO A C   1 
ATOM   24  C  C   B PRO A 1 8  ? -5.843  0.704   10.134  0.40 14.30  ? 5   PRO A C   1 
ATOM   25  O  O   A PRO A 1 8  ? -6.906  0.048   10.353  0.60 14.76  ? 5   PRO A O   1 
ATOM   26  O  O   B PRO A 1 8  ? -6.661  -0.150  10.482  0.40 14.97  ? 5   PRO A O   1 
ATOM   27  C  CB  A PRO A 1 8  ? -4.516  1.042   12.145  0.60 16.73  ? 5   PRO A CB  1 
ATOM   28  C  CB  B PRO A 1 8  ? -4.426  1.181   12.135  0.40 16.51  ? 5   PRO A CB  1 
ATOM   29  C  CG  A PRO A 1 8  ? -4.697  1.821   13.392  0.60 17.54  ? 5   PRO A CG  1 
ATOM   30  C  CG  B PRO A 1 8  ? -5.266  0.746   13.265  0.40 17.05  ? 5   PRO A CG  1 
ATOM   31  C  CD  A PRO A 1 8  ? -6.149  2.204   13.397  0.60 17.47  ? 5   PRO A CD  1 
ATOM   32  C  CD  B PRO A 1 8  ? -6.379  1.741   13.349  0.40 17.27  ? 5   PRO A CD  1 
ATOM   33  N  N   . ILE A 1 9  ? -5.307  0.762   8.917   1.00 12.49  ? 6   ILE A N   1 
ATOM   34  C  CA  . ILE A 1 9  ? -5.559  -0.258  7.900   1.00 11.09  ? 6   ILE A CA  1 
ATOM   35  C  C   . ILE A 1 9  ? -4.236  -1.013  7.792   1.00 10.50  ? 6   ILE A C   1 
ATOM   36  O  O   . ILE A 1 9  ? -3.180  -0.398  7.618   1.00 11.64  ? 6   ILE A O   1 
ATOM   37  C  CB  . ILE A 1 9  ? -5.979  0.313   6.522   1.00 11.06  ? 6   ILE A CB  1 
ATOM   38  C  CG1 . ILE A 1 9  ? -7.143  1.287   6.652   1.00 13.06  ? 6   ILE A CG1 1 
ATOM   39  C  CG2 . ILE A 1 9  ? -6.338  -0.824  5.584   1.00 11.43  ? 6   ILE A CG2 1 
ATOM   40  C  CD1 . ILE A 1 9  ? -7.384  2.081   5.379   1.00 14.56  ? 6   ILE A CD1 1 
ATOM   41  N  N   . ALA A 1 10 ? -4.295  -2.342  7.895   1.00 10.08  ? 7   ALA A N   1 
ATOM   42  C  CA  . ALA A 1 10 ? -3.108  -3.188  7.870   1.00 9.95   ? 7   ALA A CA  1 
ATOM   43  C  C   . ALA A 1 10 ? -2.903  -3.762  6.483   1.00 9.38   ? 7   ALA A C   1 
ATOM   44  O  O   . ALA A 1 10 ? -3.857  -4.152  5.813   1.00 9.57   ? 7   ALA A O   1 
ATOM   45  C  CB  . ALA A 1 10 ? -3.255  -4.317  8.888   1.00 11.18  ? 7   ALA A CB  1 
ATOM   46  N  N   . PHE A 1 11 ? -1.633  -3.888  6.106   1.00 9.81   ? 8   PHE A N   1 
ATOM   47  C  CA  . PHE A 1 11 ? -1.213  -4.415  4.814   1.00 10.40  ? 8   PHE A CA  1 
ATOM   48  C  C   . PHE A 1 11 ? -0.049  -5.376  4.965   1.00 10.61  ? 8   PHE A C   1 
ATOM   49  O  O   . PHE A 1 11 ? 0.863   -5.139  5.729   1.00 11.92  ? 8   PHE A O   1 
ATOM   50  C  CB  . PHE A 1 11 ? -0.777  -3.275  3.894   1.00 11.21  ? 8   PHE A CB  1 
ATOM   51  C  CG  . PHE A 1 11 ? -1.873  -2.349  3.560   1.00 11.68  ? 8   PHE A CG  1 
ATOM   52  C  CD1 . PHE A 1 11 ? -2.759  -2.671  2.554   1.00 13.21  ? 8   PHE A CD1 1 
ATOM   53  C  CD2 . PHE A 1 11 ? -2.054  -1.179  4.255   1.00 12.81  ? 8   PHE A CD2 1 
ATOM   54  C  CE1 . PHE A 1 11 ? -3.815  -1.849  2.250   1.00 14.70  ? 8   PHE A CE1 1 
ATOM   55  C  CE2 . PHE A 1 11 ? -3.096  -0.330  3.945   1.00 14.04  ? 8   PHE A CE2 1 
ATOM   56  C  CZ  . PHE A 1 11 ? -3.983  -0.673  2.948   1.00 14.55  ? 8   PHE A CZ  1 
ATOM   57  N  N   . LYS A 1 12 ? -0.094  -6.465  4.216   1.00 10.91  ? 9   LYS A N   1 
ATOM   58  C  CA  . LYS A 1 12 ? 1.014   -7.408  4.168   1.00 11.03  ? 9   LYS A CA  1 
ATOM   59  C  C   . LYS A 1 12 ? 1.852   -7.077  2.947   1.00 10.83  ? 9   LYS A C   1 
ATOM   60  O  O   . LYS A 1 12 ? 1.366   -7.105  1.819   1.00 13.34  ? 9   LYS A O   1 
ATOM   61  C  CB  . LYS A 1 12 ? 0.514   -8.842  4.084   1.00 11.92  ? 9   LYS A CB  1 
ATOM   62  C  CG  . LYS A 1 12 ? 1.636   -9.859  4.088   1.00 13.28  ? 9   LYS A CG  1 
ATOM   63  C  CD  . LYS A 1 12 ? 1.119   -11.267 4.291   1.00 15.64  ? 9   LYS A CD  1 
ATOM   64  C  CE  . LYS A 1 12 ? 0.234   -11.720 3.149   1.00 17.39  ? 9   LYS A CE  1 
ATOM   65  N  NZ  . LYS A 1 12 ? -0.329  -13.056 3.375   1.00 18.97  ? 9   LYS A NZ  1 
ATOM   66  N  N   . VAL A 1 13 ? 3.113   -6.777  3.159   1.00 9.53   ? 10  VAL A N   1 
ATOM   67  C  CA  . VAL A 1 13 ? 4.010   -6.443  2.083   1.00 9.40   ? 10  VAL A CA  1 
ATOM   68  C  C   . VAL A 1 13 ? 4.851   -7.678  1.791   1.00 9.18   ? 10  VAL A C   1 
ATOM   69  O  O   . VAL A 1 13 ? 5.542   -8.178  2.670   1.00 9.30   ? 10  VAL A O   1 
ATOM   70  C  CB  . VAL A 1 13 ? 4.901   -5.258  2.407   1.00 10.13  ? 10  VAL A CB  1 
ATOM   71  C  CG1 . VAL A 1 13 ? 5.692   -4.843  1.179   1.00 11.35  ? 10  VAL A CG1 1 
ATOM   72  C  CG2 . VAL A 1 13 ? 4.071   -4.091  2.954   1.00 12.33  ? 10  VAL A CG2 1 
ATOM   73  N  N   . PRO A 1 14 ? 4.811   -8.191  0.557   1.00 9.58   ? 11  PRO A N   1 
ATOM   74  C  CA  . PRO A 1 14 ? 5.603   -9.382  0.271   1.00 10.10  ? 11  PRO A CA  1 
ATOM   75  C  C   . PRO A 1 14 ? 7.096   -9.129  0.372   1.00 9.21   ? 11  PRO A C   1 
ATOM   76  O  O   . PRO A 1 14 ? 7.546   -7.980  0.383   1.00 9.00   ? 11  PRO A O   1 
ATOM   77  C  CB  . PRO A 1 14 ? 5.206   -9.726  -1.175  1.00 11.16  ? 11  PRO A CB  1 
ATOM   78  C  CG  . PRO A 1 14 ? 3.893   -9.094  -1.378  1.00 11.84  ? 11  PRO A CG  1 
ATOM   79  C  CD  . PRO A 1 14 ? 3.944   -7.827  -0.573  1.00 10.35  ? 11  PRO A CD  1 
ATOM   80  N  N   . PRO A 1 15 ? 7.882   -10.200 0.454   1.00 9.39   ? 12  PRO A N   1 
ATOM   81  C  CA  . PRO A 1 15 ? 9.326   -10.057 0.506   1.00 9.38   ? 12  PRO A CA  1 
ATOM   82  C  C   . PRO A 1 15 ? 9.900   -9.236  -0.629  1.00 8.75   ? 12  PRO A C   1 
ATOM   83  O  O   . PRO A 1 15 ? 9.448   -9.339  -1.771  1.00 8.93   ? 12  PRO A O   1 
ATOM   84  C  CB  . PRO A 1 15 ? 9.829   -11.510 0.385   1.00 10.38  ? 12  PRO A CB  1 
ATOM   85  C  CG  . PRO A 1 15 ? 8.701   -12.341 0.902   1.00 11.71  ? 12  PRO A CG  1 
ATOM   86  C  CD  . PRO A 1 15 ? 7.479   -11.616 0.437   1.00 10.41  ? 12  PRO A CD  1 
ATOM   87  N  N   A ASN A 1 16 ? 10.882  -8.408  -0.319  0.70 8.67   ? 13  ASN A N   1 
ATOM   88  N  N   B ASN A 1 16 ? 10.920  -8.444  -0.286  0.30 8.87   ? 13  ASN A N   1 
ATOM   89  C  CA  A ASN A 1 16 ? 11.634  -7.719  -1.365  0.70 9.21   ? 13  ASN A CA  1 
ATOM   90  C  CA  B ASN A 1 16 ? 11.691  -7.604  -1.224  0.30 9.06   ? 13  ASN A CA  1 
ATOM   91  C  C   A ASN A 1 16 ? 10.730  -6.925  -2.289  0.70 8.60   ? 13  ASN A C   1 
ATOM   92  C  C   B ASN A 1 16 ? 10.805  -6.866  -2.228  0.30 8.55   ? 13  ASN A C   1 
ATOM   93  O  O   A ASN A 1 16 ? 10.911  -6.940  -3.510  0.70 9.32   ? 13  ASN A O   1 
ATOM   94  O  O   B ASN A 1 16 ? 11.089  -6.847  -3.425  0.30 8.84   ? 13  ASN A O   1 
ATOM   95  C  CB  A ASN A 1 16 ? 12.444  -8.754  -2.162  0.70 10.30  ? 13  ASN A CB  1 
ATOM   96  C  CB  B ASN A 1 16 ? 12.757  -8.440  -1.947  0.30 9.48   ? 13  ASN A CB  1 
ATOM   97  C  CG  A ASN A 1 16 ? 13.382  -9.519  -1.290  0.70 12.93  ? 13  ASN A CG  1 
ATOM   98  C  CG  B ASN A 1 16 ? 13.860  -7.590  -2.541  0.30 11.83  ? 13  ASN A CG  1 
ATOM   99  O  OD1 A ASN A 1 16 ? 14.202  -8.928  -0.610  0.70 16.07  ? 13  ASN A OD1 1 
ATOM   100 O  OD1 B ASN A 1 16 ? 14.282  -6.614  -1.936  0.30 13.21  ? 13  ASN A OD1 1 
ATOM   101 N  ND2 A ASN A 1 16 ? 13.250  -10.830 -1.274  0.70 16.47  ? 13  ASN A ND2 1 
ATOM   102 N  ND2 B ASN A 1 16 ? 14.364  -7.993  -3.705  0.30 14.89  ? 13  ASN A ND2 1 
ATOM   103 N  N   . SER A 1 17 ? 9.774   -6.211  -1.704  1.00 8.06   ? 14  SER A N   1 
ATOM   104 C  CA  . SER A 1 17 ? 8.758   -5.549  -2.494  1.00 7.91   ? 14  SER A CA  1 
ATOM   105 C  C   . SER A 1 17 ? 8.361   -4.205  -1.915  1.00 7.67   ? 14  SER A C   1 
ATOM   106 O  O   . SER A 1 17 ? 8.625   -3.880  -0.757  1.00 8.62   ? 14  SER A O   1 
ATOM   107 C  CB  . SER A 1 17 ? 7.486   -6.426  -2.560  1.00 8.59   ? 14  SER A CB  1 
ATOM   108 O  OG  . SER A 1 17 ? 7.713   -7.681  -3.158  1.00 9.72   ? 14  SER A OG  1 
ATOM   109 N  N   . LYS A 1 18 ? 7.693   -3.431  -2.761  1.00 7.54   ? 15  LYS A N   1 
ATOM   110 C  CA  . LYS A 1 18 ? 7.008   -2.214  -2.389  1.00 7.88   ? 15  LYS A CA  1 
ATOM   111 C  C   . LYS A 1 18 ? 5.522   -2.427  -2.656  1.00 7.89   ? 15  LYS A C   1 
ATOM   112 O  O   . LYS A 1 18 ? 5.133   -2.854  -3.738  1.00 9.91   ? 15  LYS A O   1 
ATOM   113 C  CB  . LYS A 1 18 ? 7.517   -1.030  -3.218  1.00 9.00   ? 15  LYS A CB  1 
ATOM   114 C  CG  . LYS A 1 18 ? 6.754   0.270   -2.937  1.00 11.10  ? 15  LYS A CG  1 
ATOM   115 C  CD  . LYS A 1 18 ? 7.173   1.435   -3.787  1.00 12.97  ? 15  LYS A CD  1 
ATOM   116 C  CE  . LYS A 1 18 ? 8.534   1.916   -3.385  1.00 15.13  ? 15  LYS A CE  1 
ATOM   117 N  NZ  . LYS A 1 18 ? 8.817   3.275   -3.953  1.00 15.48  ? 15  LYS A NZ  1 
ATOM   118 N  N   . LEU A 1 19 ? 4.692   -2.147  -1.669  1.00 7.20   ? 16  LEU A N   1 
ATOM   119 C  CA  . LEU A 1 19 ? 3.252   -2.173  -1.821  1.00 7.53   ? 16  LEU A CA  1 
ATOM   120 C  C   . LEU A 1 19 ? 2.764   -0.743  -2.025  1.00 7.72   ? 16  LEU A C   1 
ATOM   121 O  O   . LEU A 1 19 ? 3.069   0.140   -1.228  1.00 9.19   ? 16  LEU A O   1 
ATOM   122 C  CB  . LEU A 1 19 ? 2.590   -2.760  -0.588  1.00 8.72   ? 16  LEU A CB  1 
ATOM   123 C  CG  . LEU A 1 19 ? 1.096   -3.086  -0.755  1.00 10.36  ? 16  LEU A CG  1 
ATOM   124 C  CD1 . LEU A 1 19 ? 0.879   -4.317  -1.623  1.00 12.75  ? 16  LEU A CD1 1 
ATOM   125 C  CD2 . LEU A 1 19 ? 0.424   -3.231  0.600   1.00 12.85  ? 16  LEU A CD2 1 
ATOM   126 N  N   A LYS A 1 20 ? 2.006   -0.530  -3.094  0.60 7.84   ? 17  LYS A N   1 
ATOM   127 N  N   B LYS A 1 20 ? 2.025   -0.520  -3.106  0.40 8.10   ? 17  LYS A N   1 
ATOM   128 C  CA  A LYS A 1 20 ? 1.437   0.768   -3.439  0.60 8.35   ? 17  LYS A CA  1 
ATOM   129 C  CA  B LYS A 1 20 ? 1.432   0.777   -3.378  0.40 8.51   ? 17  LYS A CA  1 
ATOM   130 C  C   A LYS A 1 20 ? -0.065  0.699   -3.230  0.60 7.87   ? 17  LYS A C   1 
ATOM   131 C  C   B LYS A 1 20 ? -0.058  0.651   -3.162  0.40 8.10   ? 17  LYS A C   1 
ATOM   132 O  O   A LYS A 1 20 ? -0.727  -0.101  -3.883  0.60 8.87   ? 17  LYS A O   1 
ATOM   133 O  O   B LYS A 1 20 ? -0.693  -0.258  -3.693  0.40 8.71   ? 17  LYS A O   1 
ATOM   134 C  CB  A LYS A 1 20 ? 1.757   1.116   -4.890  0.60 9.99   ? 17  LYS A CB  1 
ATOM   135 C  CB  B LYS A 1 20 ? 1.722   1.248   -4.790  0.40 9.66   ? 17  LYS A CB  1 
ATOM   136 C  CG  A LYS A 1 20 ? 3.254   1.192   -5.209  0.60 12.49  ? 17  LYS A CG  1 
ATOM   137 C  CG  B LYS A 1 20 ? 1.202   2.651   -5.078  0.40 11.41  ? 17  LYS A CG  1 
ATOM   138 C  CD  A LYS A 1 20 ? 3.498   1.676   -6.642  0.60 16.86  ? 17  LYS A CD  1 
ATOM   139 C  CD  B LYS A 1 20 ? 1.481   3.053   -6.517  0.40 14.16  ? 17  LYS A CD  1 
ATOM   140 C  CE  A LYS A 1 20 ? 4.966   1.919   -6.942  0.60 19.52  ? 17  LYS A CE  1 
ATOM   141 C  CE  B LYS A 1 20 ? 0.987   4.455   -6.828  0.40 15.31  ? 17  LYS A CE  1 
ATOM   142 N  NZ  A LYS A 1 20 ? 5.147   2.648   -8.232  0.60 21.86  ? 17  LYS A NZ  1 
ATOM   143 N  NZ  B LYS A 1 20 ? 1.183   4.802   -8.259  0.40 17.14  ? 17  LYS A NZ  1 
ATOM   144 N  N   . VAL A 1 21 ? -0.591  1.549   -2.352  1.00 8.03   ? 18  VAL A N   1 
ATOM   145 C  CA  . VAL A 1 21 ? -2.001  1.578   -2.013  1.00 8.27   ? 18  VAL A CA  1 
ATOM   146 C  C   . VAL A 1 21 ? -2.596  2.845   -2.625  1.00 7.99   ? 18  VAL A C   1 
ATOM   147 O  O   . VAL A 1 21 ? -2.125  3.943   -2.354  1.00 9.88   ? 18  VAL A O   1 
ATOM   148 C  CB  . VAL A 1 21 ? -2.204  1.595   -0.484  1.00 9.49   ? 18  VAL A CB  1 
ATOM   149 C  CG1 . VAL A 1 21 ? -3.682  1.560   -0.137  1.00 10.85  ? 18  VAL A CG1 1 
ATOM   150 C  CG2 . VAL A 1 21 ? -1.449  0.437   0.183   1.00 11.23  ? 18  VAL A CG2 1 
ATOM   151 N  N   . THR A 1 22 ? -3.606  2.681   -3.469  1.00 7.71   ? 19  THR A N   1 
ATOM   152 C  CA  . THR A 1 22 ? -4.296  3.798   -4.086  1.00 7.98   ? 19  THR A CA  1 
ATOM   153 C  C   . THR A 1 22 ? -5.685  3.918   -3.492  1.00 7.33   ? 19  THR A C   1 
ATOM   154 O  O   . THR A 1 22 ? -6.429  2.947   -3.436  1.00 7.90   ? 19  THR A O   1 
ATOM   155 C  CB  . THR A 1 22 ? -4.396  3.598   -5.608  1.00 9.09   ? 19  THR A CB  1 
ATOM   156 O  OG1 . THR A 1 22 ? -3.090  3.425   -6.155  1.00 11.85  ? 19  THR A OG1 1 
ATOM   157 C  CG2 . THR A 1 22 ? -5.043  4.799   -6.258  1.00 10.76  ? 19  THR A CG2 1 
ATOM   158 N  N   . PHE A 1 23 ? -6.023  5.120   -3.046  1.00 7.22   ? 20  PHE A N   1 
ATOM   159 C  CA  . PHE A 1 23 ? -7.338  5.434   -2.502  1.00 7.53   ? 20  PHE A CA  1 
ATOM   160 C  C   . PHE A 1 23 ? -8.173  6.108   -3.574  1.00 7.95   ? 20  PHE A C   1 
ATOM   161 O  O   . PHE A 1 23 ? -7.693  7.013   -4.264  1.00 9.15   ? 20  PHE A O   1 
ATOM   162 C  CB  . PHE A 1 23 ? -7.196  6.376   -1.294  1.00 8.17   ? 20  PHE A CB  1 
ATOM   163 C  CG  . PHE A 1 23 ? -6.533  5.720   -0.106  1.00 8.40   ? 20  PHE A CG  1 
ATOM   164 C  CD1 . PHE A 1 23 ? -7.271  4.959   0.774   1.00 9.50   ? 20  PHE A CD1 1 
ATOM   165 C  CD2 . PHE A 1 23 ? -5.185  5.843   0.130   1.00 9.66   ? 20  PHE A CD2 1 
ATOM   166 C  CE1 . PHE A 1 23 ? -6.679  4.347   1.878   1.00 10.65  ? 20  PHE A CE1 1 
ATOM   167 C  CE2 . PHE A 1 23 ? -4.587  5.226   1.223   1.00 11.35  ? 20  PHE A CE2 1 
ATOM   168 C  CZ  . PHE A 1 23 ? -5.340  4.484   2.091   1.00 11.04  ? 20  PHE A CZ  1 
ATOM   169 N  N   . PHE A 1 24 ? -9.422  5.672   -3.699  1.00 7.76   ? 21  PHE A N   1 
ATOM   170 C  CA  . PHE A 1 24 ? -10.351 6.134   -4.722  1.00 8.10   ? 21  PHE A CA  1 
ATOM   171 C  C   . PHE A 1 24 ? -11.591 6.726   -4.098  1.00 7.90   ? 21  PHE A C   1 
ATOM   172 O  O   . PHE A 1 24 ? -12.017 6.329   -3.018  1.00 8.54   ? 21  PHE A O   1 
ATOM   173 C  CB  . PHE A 1 24 ? -10.797 4.957   -5.614  1.00 8.87   ? 21  PHE A CB  1 
ATOM   174 C  CG  . PHE A 1 24 ? -9.690  4.338   -6.427  1.00 8.98   ? 21  PHE A CG  1 
ATOM   175 C  CD1 . PHE A 1 24 ? -9.372  4.800   -7.693  1.00 10.58  ? 21  PHE A CD1 1 
ATOM   176 C  CD2 . PHE A 1 24 ? -8.933  3.291   -5.913  1.00 9.33   ? 21  PHE A CD2 1 
ATOM   177 C  CE1 . PHE A 1 24 ? -8.354  4.225   -8.424  1.00 11.29  ? 21  PHE A CE1 1 
ATOM   178 C  CE2 . PHE A 1 24 ? -7.923  2.719   -6.658  1.00 10.68  ? 21  PHE A CE2 1 
ATOM   179 C  CZ  . PHE A 1 24 ? -7.647  3.176   -7.919  1.00 11.17  ? 21  PHE A CZ  1 
ATOM   180 N  N   . GLY A 1 25 ? -12.203 7.661   -4.824  1.00 8.39   ? 22  GLY A N   1 
ATOM   181 C  CA  . GLY A 1 25 ? -13.447 8.276   -4.413  1.00 8.74   ? 22  GLY A CA  1 
ATOM   182 C  C   . GLY A 1 25 ? -14.654 7.714   -5.145  1.00 8.27   ? 22  GLY A C   1 
ATOM   183 O  O   . GLY A 1 25 ? -14.582 6.709   -5.851  1.00 8.88   ? 22  GLY A O   1 
ATOM   184 N  N   . PRO A 1 26 ? -15.810 8.380   -4.979  1.00 8.85   ? 23  PRO A N   1 
ATOM   185 C  CA  . PRO A 1 26 ? -17.085 7.839   -5.485  1.00 9.14   ? 23  PRO A CA  1 
ATOM   186 C  C   . PRO A 1 26 ? -17.155 7.698   -6.978  1.00 9.15   ? 23  PRO A C   1 
ATOM   187 O  O   . PRO A 1 26 ? -17.879 6.850   -7.483  1.00 10.02  ? 23  PRO A O   1 
ATOM   188 C  CB  . PRO A 1 26 ? -18.133 8.860   -5.025  1.00 10.18  ? 23  PRO A CB  1 
ATOM   189 C  CG  . PRO A 1 26 ? -17.399 10.044  -4.592  1.00 12.03  ? 23  PRO A CG  1 
ATOM   190 C  CD  . PRO A 1 26 ? -16.014 9.617   -4.207  1.00 9.71   ? 23  PRO A CD  1 
ATOM   191 N  N   A TYR A 1 27 ? -16.401 8.537   -7.680  0.50 9.15   ? 24  TYR A N   1 
ATOM   192 N  N   B TYR A 1 27 ? -16.429 8.536   -7.699  0.50 9.24   ? 24  TYR A N   1 
ATOM   193 C  CA  A TYR A 1 27 ? -16.383 8.572   -9.128  0.50 9.72   ? 24  TYR A CA  1 
ATOM   194 C  CA  B TYR A 1 27 ? -16.465 8.514   -9.144  0.50 9.90   ? 24  TYR A CA  1 
ATOM   195 C  C   A TYR A 1 27 ? -15.189 7.844   -9.694  0.50 9.83   ? 24  TYR A C   1 
ATOM   196 C  C   B TYR A 1 27 ? -15.278 7.740   -9.734  0.50 9.89   ? 24  TYR A C   1 
ATOM   197 O  O   A TYR A 1 27 ? -14.772 8.132   -10.811 0.50 10.40  ? 24  TYR A O   1 
ATOM   198 O  O   B TYR A 1 27 ? -15.022 7.807   -10.927 0.50 10.60  ? 24  TYR A O   1 
ATOM   199 C  CB  A TYR A 1 27 ? -16.342 10.017  -9.600  0.50 10.23  ? 24  TYR A CB  1 
ATOM   200 C  CB  B TYR A 1 27 ? -16.579 9.948   -9.683  0.50 10.46  ? 24  TYR A CB  1 
ATOM   201 C  CG  A TYR A 1 27 ? -17.381 10.862  -8.931  0.50 10.21  ? 24  TYR A CG  1 
ATOM   202 C  CG  B TYR A 1 27 ? -17.909 10.619  -9.326  0.50 10.73  ? 24  TYR A CG  1 
ATOM   203 C  CD1 A TYR A 1 27 ? -18.720 10.749  -9.272  0.50 10.74  ? 24  TYR A CD1 1 
ATOM   204 C  CD1 B TYR A 1 27 ? -19.058 10.307  -10.022 0.50 10.81  ? 24  TYR A CD1 1 
ATOM   205 C  CD2 A TYR A 1 27 ? -17.027 11.761  -7.946  0.50 11.20  ? 24  TYR A CD2 1 
ATOM   206 C  CD2 B TYR A 1 27 ? -18.015 11.545  -8.294  0.50 11.56  ? 24  TYR A CD2 1 
ATOM   207 C  CE1 A TYR A 1 27 ? -19.684 11.525  -8.647  0.50 11.80  ? 24  TYR A CE1 1 
ATOM   208 C  CE1 B TYR A 1 27 ? -20.276 10.884  -9.702  0.50 11.89  ? 24  TYR A CE1 1 
ATOM   209 C  CE2 A TYR A 1 27 ? -17.973 12.530  -7.318  0.50 11.92  ? 24  TYR A CE2 1 
ATOM   210 C  CE2 B TYR A 1 27 ? -19.230 12.142  -7.980  0.50 12.53  ? 24  TYR A CE2 1 
ATOM   211 C  CZ  A TYR A 1 27 ? -19.301 12.425  -7.673  0.50 12.57  ? 24  TYR A CZ  1 
ATOM   212 C  CZ  B TYR A 1 27 ? -20.354 11.810  -8.688  0.50 12.66  ? 24  TYR A CZ  1 
ATOM   213 O  OH  A TYR A 1 27 ? -20.226 13.214  -7.034  0.50 14.43  ? 24  TYR A OH  1 
ATOM   214 O  OH  B TYR A 1 27 ? -21.560 12.400  -8.379  0.50 13.87  ? 24  TYR A OH  1 
ATOM   215 N  N   . ASN A 1 28 ? -14.597 6.952   -8.900  1.00 9.72   ? 25  ASN A N   1 
ATOM   216 C  CA  . ASN A 1 28 ? -13.470 6.159   -9.333  1.00 10.84  ? 25  ASN A CA  1 
ATOM   217 C  C   . ASN A 1 28 ? -12.211 6.982   -9.552  1.00 10.47  ? 25  ASN A C   1 
ATOM   218 O  O   . ASN A 1 28 ? -11.272 6.518   -10.183 1.00 11.68  ? 25  ASN A O   1 
ATOM   219 C  CB  . ASN A 1 28 ? -13.851 5.374   -10.611 1.00 12.21  ? 25  ASN A CB  1 
ATOM   220 C  CG  . ASN A 1 28 ? -13.043 4.143   -10.814 1.00 13.96  ? 25  ASN A CG  1 
ATOM   221 O  OD1 . ASN A 1 28 ? -12.775 3.415   -9.862  1.00 15.40  ? 25  ASN A OD1 1 
ATOM   222 N  ND2 . ASN A 1 28 ? -12.698 3.850   -12.070 1.00 16.66  ? 25  ASN A ND2 1 
ATOM   223 N  N   . GLU A 1 29 ? -12.188 8.201   -9.031  1.00 9.91   ? 26  GLU A N   1 
ATOM   224 C  CA  . GLU A 1 29 ? -11.040 9.065   -9.146  1.00 10.26  ? 26  GLU A CA  1 
ATOM   225 C  C   . GLU A 1 29 ? -10.008 8.727   -8.089  1.00 9.40   ? 26  GLU A C   1 
ATOM   226 O  O   . GLU A 1 29 ? -10.355 8.316   -6.985  1.00 9.70   ? 26  GLU A O   1 
ATOM   227 C  CB  . GLU A 1 29 ? -11.476 10.538  -9.016  1.00 11.35  ? 26  GLU A CB  1 
ATOM   228 C  CG  . GLU A 1 29 ? -11.771 11.080  -7.596  1.00 12.33  ? 26  GLU A CG  1 
ATOM   229 C  CD  . GLU A 1 29 ? -13.128 10.738  -6.969  1.00 11.79  ? 26  GLU A CD  1 
ATOM   230 O  OE1 . GLU A 1 29 ? -13.828 9.837   -7.420  1.00 11.42  ? 26  GLU A OE1 1 
ATOM   231 O  OE2 . GLU A 1 29 ? -13.490 11.400  -5.972  1.00 14.57  ? 26  GLU A OE2 1 
ATOM   232 N  N   . VAL A 1 30 ? -8.735  8.898   -8.429  1.00 9.81   ? 27  VAL A N   1 
ATOM   233 C  CA  . VAL A 1 30 ? -7.661  8.699   -7.483  1.00 10.21  ? 27  VAL A CA  1 
ATOM   234 C  C   . VAL A 1 30 ? -7.590  9.892   -6.544  1.00 10.37  ? 27  VAL A C   1 
ATOM   235 O  O   . VAL A 1 30 ? -7.506  11.041  -6.985  1.00 12.68  ? 27  VAL A O   1 
ATOM   236 C  CB  . VAL A 1 30 ? -6.321  8.538   -8.198  1.00 11.35  ? 27  VAL A CB  1 
ATOM   237 C  CG1 . VAL A 1 30 ? -5.188  8.490   -7.181  1.00 13.21  ? 27  VAL A CG1 1 
ATOM   238 C  CG2 . VAL A 1 30 ? -6.330  7.310   -9.051  1.00 12.63  ? 27  VAL A CG2 1 
ATOM   239 N  N   . ILE A 1 31 ? -7.674  9.624   -5.248  1.00 9.74   ? 28  ILE A N   1 
ATOM   240 C  CA  . ILE A 1 31 ? -7.538  10.648  -4.220  1.00 10.60  ? 28  ILE A CA  1 
ATOM   241 C  C   . ILE A 1 31 ? -6.055  10.827  -3.888  1.00 10.56  ? 28  ILE A C   1 
ATOM   242 O  O   . ILE A 1 31 ? -5.535  11.933  -3.943  1.00 12.30  ? 28  ILE A O   1 
ATOM   243 C  CB  . ILE A 1 31 ? -8.326  10.298  -2.959  1.00 10.97  ? 28  ILE A CB  1 
ATOM   244 C  CG1 . ILE A 1 31 ? -9.809  10.096  -3.281  1.00 11.65  ? 28  ILE A CG1 1 
ATOM   245 C  CG2 . ILE A 1 31 ? -8.163  11.372  -1.900  1.00 12.64  ? 28  ILE A CG2 1 
ATOM   246 C  CD1 . ILE A 1 31 ? -10.566 9.427   -2.165  1.00 13.38  ? 28  ILE A CD1 1 
ATOM   247 N  N   . THR A 1 32 ? -5.387  9.739   -3.515  1.00 10.29  ? 29  THR A N   1 
ATOM   248 C  CA  . THR A 1 32 ? -3.964  9.772   -3.218  1.00 10.44  ? 29  THR A CA  1 
ATOM   249 C  C   . THR A 1 32 ? -3.436  8.359   -3.225  1.00 9.86   ? 29  THR A C   1 
ATOM   250 O  O   . THR A 1 32 ? -4.177  7.393   -3.384  1.00 9.86   ? 29  THR A O   1 
ATOM   251 C  CB  . THR A 1 32 ? -3.649  10.455  -1.876  1.00 11.72  ? 29  THR A CB  1 
ATOM   252 O  OG1 . THR A 1 32 ? -2.276  10.842  -1.836  1.00 13.21  ? 29  THR A OG1 1 
ATOM   253 C  CG2 . THR A 1 32 ? -3.969  9.586   -0.690  1.00 12.92  ? 29  THR A CG2 1 
ATOM   254 N  N   . ASN A 1 33 ? -2.128  8.270   -3.074  1.00 10.55  ? 30  ASN A N   1 
ATOM   255 C  CA  . ASN A 1 33 ? -1.415  7.035   -3.015  1.00 11.42  ? 30  ASN A CA  1 
ATOM   256 C  C   . ASN A 1 33 ? -0.494  7.046   -1.813  1.00 10.41  ? 30  ASN A C   1 
ATOM   257 O  O   . ASN A 1 33 ? 0.039   8.088   -1.442  1.00 11.70  ? 30  ASN A O   1 
ATOM   258 C  CB  . ASN A 1 33 ? -0.531  6.954   -4.258  1.00 14.92  ? 30  ASN A CB  1 
ATOM   259 C  CG  . ASN A 1 33 ? -1.305  7.162   -5.537  1.00 18.31  ? 30  ASN A CG  1 
ATOM   260 O  OD1 . ASN A 1 33 ? -1.906  6.243   -6.043  1.00 22.42  ? 30  ASN A OD1 1 
ATOM   261 N  ND2 . ASN A 1 33 ? -1.283  8.375   -6.070  1.00 22.16  ? 30  ASN A ND2 1 
ATOM   262 N  N   . VAL A 1 34 ? -0.302  5.879   -1.213  1.00 9.43   ? 31  VAL A N   1 
ATOM   263 C  CA  . VAL A 1 34 ? 0.708   5.695   -0.194  1.00 9.45   ? 31  VAL A CA  1 
ATOM   264 C  C   . VAL A 1 34 ? 1.489   4.428   -0.547  1.00 8.66   ? 31  VAL A C   1 
ATOM   265 O  O   . VAL A 1 34 ? 1.021   3.603   -1.342  1.00 10.08  ? 31  VAL A O   1 
ATOM   266 C  CB  . VAL A 1 34 ? 0.136   5.631   1.229   1.00 10.61  ? 31  VAL A CB  1 
ATOM   267 C  CG1 . VAL A 1 34 ? -0.634  6.912   1.560   1.00 12.86  ? 31  VAL A CG1 1 
ATOM   268 C  CG2 . VAL A 1 34 ? -0.708  4.452   1.425   1.00 12.02  ? 31  VAL A CG2 1 
ATOM   269 N  N   . SER A 1 35 ? 2.665   4.259   0.012   1.00 7.92   ? 32  SER A N   1 
ATOM   270 C  CA  . SER A 1 35 ? 3.440   3.086   -0.283  1.00 8.29   ? 32  SER A CA  1 
ATOM   271 C  C   . SER A 1 35 ? 4.257   2.654   0.906   1.00 7.79   ? 32  SER A C   1 
ATOM   272 O  O   . SER A 1 35 ? 4.533   3.430   1.822   1.00 9.00   ? 32  SER A O   1 
ATOM   273 C  CB  . SER A 1 35 ? 4.300   3.311   -1.507  1.00 8.22   ? 32  SER A CB  1 
ATOM   274 O  OG  . SER A 1 35 ? 5.235   4.356   -1.287  1.00 9.04   ? 32  SER A OG  1 
ATOM   275 N  N   . ILE A 1 36 ? 4.608   1.380   0.896   1.00 7.71   ? 33  ILE A N   1 
ATOM   276 C  CA  . ILE A 1 36 ? 5.287   0.717   1.991   1.00 7.95   ? 33  ILE A CA  1 
ATOM   277 C  C   . ILE A 1 36 ? 6.349   -0.209  1.420   1.00 7.26   ? 33  ILE A C   1 
ATOM   278 O  O   . ILE A 1 36 ? 6.040   -1.035  0.563   1.00 8.51   ? 33  ILE A O   1 
ATOM   279 C  CB  . ILE A 1 36 ? 4.316   -0.132  2.847   1.00 8.61   ? 33  ILE A CB  1 
ATOM   280 C  CG1 . ILE A 1 36 ? 3.047   0.653   3.239   1.00 10.45  ? 33  ILE A CG1 1 
ATOM   281 C  CG2 . ILE A 1 36 ? 5.064   -0.693  4.052   1.00 10.54  ? 33  ILE A CG2 1 
ATOM   282 C  CD1 . ILE A 1 36 ? 1.941   -0.246  3.773   1.00 13.46  ? 33  ILE A CD1 1 
ATOM   283 N  N   . ILE A 1 37 ? 7.574   -0.114  1.902   1.00 7.58   ? 34  ILE A N   1 
ATOM   284 C  CA  . ILE A 1 37 ? 8.621   -1.009  1.454   1.00 8.21   ? 34  ILE A CA  1 
ATOM   285 C  C   . ILE A 1 37 ? 8.883   -2.137  2.443   1.00 8.05   ? 34  ILE A C   1 
ATOM   286 O  O   . ILE A 1 37 ? 8.745   -1.981  3.657   1.00 9.47   ? 34  ILE A O   1 
ATOM   287 C  CB  . ILE A 1 37 ? 9.933   -0.288  1.123   1.00 9.65   ? 34  ILE A CB  1 
ATOM   288 C  CG1 . ILE A 1 37 ? 10.537  0.375   2.331   1.00 11.52  ? 34  ILE A CG1 1 
ATOM   289 C  CG2 . ILE A 1 37 ? 9.728   0.675   -0.044  1.00 11.53  ? 34  ILE A CG2 1 
ATOM   290 C  CD1 . ILE A 1 37 ? 11.899  0.964   2.072   1.00 14.27  ? 34  ILE A CD1 1 
ATOM   291 N  N   . ASN A 1 38 ? 9.286   -3.273  1.899   1.00 8.05   ? 35  ASN A N   1 
ATOM   292 C  CA  . ASN A 1 38 ? 9.744   -4.403  2.677   1.00 8.28   ? 35  ASN A CA  1 
ATOM   293 C  C   . ASN A 1 38 ? 10.986  -4.984  2.026   1.00 8.48   ? 35  ASN A C   1 
ATOM   294 O  O   . ASN A 1 38 ? 10.894  -5.735  1.072   1.00 8.70   ? 35  ASN A O   1 
ATOM   295 C  CB  . ASN A 1 38 ? 8.675   -5.471  2.805   1.00 8.48   ? 35  ASN A CB  1 
ATOM   296 C  CG  . ASN A 1 38 ? 9.165   -6.660  3.588   1.00 8.92   ? 35  ASN A CG  1 
ATOM   297 O  OD1 . ASN A 1 38 ? 10.147  -6.568  4.338   1.00 10.29  ? 35  ASN A OD1 1 
ATOM   298 N  ND2 . ASN A 1 38 ? 8.494   -7.790  3.418   1.00 10.19  ? 35  ASN A ND2 1 
ATOM   299 N  N   . GLN A 1 39 ? 12.142  -4.627  2.576   1.00 9.20   ? 36  GLN A N   1 
ATOM   300 C  CA  . GLN A 1 39 ? 13.401  -5.105  2.049   1.00 9.84   ? 36  GLN A CA  1 
ATOM   301 C  C   . GLN A 1 39 ? 13.724  -6.541  2.499   1.00 10.04  ? 36  GLN A C   1 
ATOM   302 O  O   . GLN A 1 39 ? 14.705  -7.113  2.019   1.00 11.65  ? 36  GLN A O   1 
ATOM   303 C  CB  . GLN A 1 39 ? 14.540  -4.189  2.505   1.00 10.84  ? 36  GLN A CB  1 
ATOM   304 C  CG  . GLN A 1 39 ? 14.960  -4.300  3.984   1.00 12.83  ? 36  GLN A CG  1 
ATOM   305 C  CD  . GLN A 1 39 ? 14.103  -3.544  4.966   1.00 13.78  ? 36  GLN A CD  1 
ATOM   306 O  OE1 . GLN A 1 39 ? 13.016  -3.034  4.662   1.00 16.19  ? 36  GLN A OE1 1 
ATOM   307 N  NE2 . GLN A 1 39 ? 14.617  -3.437  6.170   1.00 15.68  ? 36  GLN A NE2 1 
ATOM   308 N  N   . LEU A 1 40 ? 12.965  -7.080  3.449   1.00 9.98   ? 37  LEU A N   1 
ATOM   309 C  CA  . LEU A 1 40 ? 13.255  -8.381  4.008   1.00 10.68  ? 37  LEU A CA  1 
ATOM   310 C  C   . LEU A 1 40 ? 12.835  -9.512  3.099   1.00 10.28  ? 37  LEU A C   1 
ATOM   311 O  O   . LEU A 1 40 ? 12.049  -9.350  2.170   1.00 10.43  ? 37  LEU A O   1 
ATOM   312 C  CB  . LEU A 1 40 ? 12.549  -8.542  5.348   1.00 11.76  ? 37  LEU A CB  1 
ATOM   313 C  CG  . LEU A 1 40 ? 12.874  -7.463  6.378   1.00 14.66  ? 37  LEU A CG  1 
ATOM   314 C  CD1 . LEU A 1 40 ? 12.066  -7.683  7.638   1.00 18.39  ? 37  LEU A CD1 1 
ATOM   315 C  CD2 . LEU A 1 40 ? 14.379  -7.407  6.682   1.00 17.92  ? 37  LEU A CD2 1 
ATOM   316 N  N   . SER A 1 41 ? 13.346  -10.698 3.411   1.00 11.00  ? 38  SER A N   1 
ATOM   317 C  CA  . SER A 1 41 ? 13.060  -11.895 2.639   1.00 11.97  ? 38  SER A CA  1 
ATOM   318 C  C   . SER A 1 41 ? 11.798  -12.612 3.087   1.00 11.47  ? 38  SER A C   1 
ATOM   319 O  O   . SER A 1 41 ? 11.458  -13.644 2.502   1.00 12.34  ? 38  SER A O   1 
ATOM   320 C  CB  . SER A 1 41 ? 14.234  -12.870 2.724   1.00 13.36  ? 38  SER A CB  1 
ATOM   321 O  OG  . SER A 1 41 ? 14.348  -13.439 4.013   1.00 15.91  ? 38  SER A OG  1 
ATOM   322 N  N   . THR A 1 42 ? 11.118  -12.059 4.091   1.00 11.58  ? 39  THR A N   1 
ATOM   323 C  CA  . THR A 1 42 ? 9.900   -12.595 4.651   1.00 12.21  ? 39  THR A CA  1 
ATOM   324 C  C   . THR A 1 42 ? 8.810   -11.532 4.537   1.00 11.84  ? 39  THR A C   1 
ATOM   325 O  O   . THR A 1 42 ? 9.113   -10.341 4.496   1.00 11.94  ? 39  THR A O   1 
ATOM   326 C  CB  . THR A 1 42 ? 10.129  -12.957 6.148   1.00 14.03  ? 39  THR A CB  1 
ATOM   327 O  OG1 . THR A 1 42 ? 10.710  -11.834 6.820   1.00 16.69  ? 39  THR A OG1 1 
ATOM   328 C  CG2 . THR A 1 42 ? 11.062  -14.144 6.261   1.00 15.13  ? 39  THR A CG2 1 
ATOM   329 N  N   . PRO A 1 43 ? 7.529   -11.945 4.502   1.00 12.05  ? 40  PRO A N   1 
ATOM   330 C  CA  . PRO A 1 43 ? 6.454   -10.948 4.440   1.00 12.00  ? 40  PRO A CA  1 
ATOM   331 C  C   . PRO A 1 43 ? 6.396   -10.161 5.719   1.00 12.42  ? 40  PRO A C   1 
ATOM   332 O  O   . PRO A 1 43 ? 6.759   -10.662 6.793   1.00 14.29  ? 40  PRO A O   1 
ATOM   333 C  CB  . PRO A 1 43 ? 5.178   -11.788 4.272   1.00 13.31  ? 40  PRO A CB  1 
ATOM   334 C  CG  . PRO A 1 43 ? 5.614   -13.211 4.118   1.00 14.94  ? 40  PRO A CG  1 
ATOM   335 C  CD  . PRO A 1 43 ? 7.022   -13.327 4.529   1.00 13.28  ? 40  PRO A CD  1 
ATOM   336 N  N   A LYS A 1 44 ? 5.950   -8.920  5.617   0.50 12.55  ? 41  LYS A N   1 
ATOM   337 N  N   B LYS A 1 44 ? 5.937   -8.929  5.636   0.50 12.63  ? 41  LYS A N   1 
ATOM   338 C  CA  A LYS A 1 44 ? 5.868   -8.057  6.772   0.50 13.62  ? 41  LYS A CA  1 
ATOM   339 C  CA  B LYS A 1 44 ? 5.805   -8.152  6.837   0.50 13.73  ? 41  LYS A CA  1 
ATOM   340 C  C   A LYS A 1 44 ? 4.586   -7.249  6.757   0.50 12.80  ? 41  LYS A C   1 
ATOM   341 C  C   B LYS A 1 44 ? 4.577   -7.286  6.768   0.50 12.87  ? 41  LYS A C   1 
ATOM   342 O  O   A LYS A 1 44 ? 4.179   -6.746  5.723   0.50 13.95  ? 41  LYS A O   1 
ATOM   343 O  O   B LYS A 1 44 ? 4.211   -6.774  5.721   0.50 14.01  ? 41  LYS A O   1 
ATOM   344 C  CB  A LYS A 1 44 ? 7.090   -7.151  6.812   0.50 14.82  ? 41  LYS A CB  1 
ATOM   345 C  CB  B LYS A 1 44 ? 7.048   -7.322  7.074   0.50 14.99  ? 41  LYS A CB  1 
ATOM   346 C  CG  A LYS A 1 44 ? 8.372   -7.917  7.127   0.50 16.45  ? 41  LYS A CG  1 
ATOM   347 C  CG  B LYS A 1 44 ? 7.204   -6.157  6.144   0.50 16.62  ? 41  LYS A CG  1 
ATOM   348 C  CD  A LYS A 1 44 ? 8.367   -8.494  8.542   0.50 18.07  ? 41  LYS A CD  1 
ATOM   349 C  CD  B LYS A 1 44 ? 6.227   -5.048  6.465   0.50 18.25  ? 41  LYS A CD  1 
ATOM   350 C  CE  A LYS A 1 44 ? 9.361   -9.636  8.697   0.50 19.61  ? 41  LYS A CE  1 
ATOM   351 C  CE  B LYS A 1 44 ? 6.766   -3.686  6.069   0.50 18.70  ? 41  LYS A CE  1 
ATOM   352 N  NZ  A LYS A 1 44 ? 8.830   -10.928 8.235   0.50 20.15  ? 41  LYS A NZ  1 
ATOM   353 N  NZ  B LYS A 1 44 ? 7.799   -3.245  7.052   0.50 19.37  ? 41  LYS A NZ  1 
ATOM   354 N  N   . CYS A 1 45 ? 3.948   -7.127  7.915   1.00 12.76  ? 42  CYS A N   1 
ATOM   355 C  CA  . CYS A 1 45 ? 2.725   -6.362  8.044   1.00 12.88  ? 42  CYS A CA  1 
ATOM   356 C  C   . CYS A 1 45 ? 3.063   -4.953  8.510   1.00 12.35  ? 42  CYS A C   1 
ATOM   357 O  O   . CYS A 1 45 ? 3.904   -4.759  9.384   1.00 13.88  ? 42  CYS A O   1 
ATOM   358 C  CB  . CYS A 1 45 ? 1.786   -7.064  9.049   1.00 14.03  ? 42  CYS A CB  1 
ATOM   359 S  SG  . CYS A 1 45 ? 0.164   -6.315  9.255   1.00 16.18  ? 42  CYS A SG  1 
ATOM   360 N  N   . GLN A 1 46 ? 2.395   -3.969  7.917   1.00 11.90  ? 43  GLN A N   1 
ATOM   361 C  CA  . GLN A 1 46 ? 2.528   -2.569  8.298   1.00 12.86  ? 43  GLN A CA  1 
ATOM   362 C  C   . GLN A 1 46 ? 1.158   -1.937  8.291   1.00 12.37  ? 43  GLN A C   1 
ATOM   363 O  O   . GLN A 1 46 ? 0.348   -2.227  7.405   1.00 12.96  ? 43  GLN A O   1 
ATOM   364 C  CB  . GLN A 1 46 ? 3.408   -1.831  7.280   1.00 14.79  ? 43  GLN A CB  1 
ATOM   365 C  CG  . GLN A 1 46 ? 3.364   -0.311  7.320   1.00 18.95  ? 43  GLN A CG  1 
ATOM   366 C  CD  . GLN A 1 46 ? 4.276   0.232   8.364   1.00 22.35  ? 43  GLN A CD  1 
ATOM   367 O  OE1 . GLN A 1 46 ? 5.403   -0.245  8.519   1.00 26.81  ? 43  GLN A OE1 1 
ATOM   368 N  NE2 . GLN A 1 46 ? 3.826   1.266   9.067   1.00 24.19  ? 43  GLN A NE2 1 
ATOM   369 N  N   . THR A 1 47 ? 0.894   -1.057  9.248   1.00 13.45  ? 44  THR A N   1 
ATOM   370 C  CA  . THR A 1 47 ? -0.354  -0.303  9.216   1.00 14.90  ? 44  THR A CA  1 
ATOM   371 C  C   . THR A 1 47 ? -0.169  1.109   8.658   1.00 15.20  ? 44  THR A C   1 
ATOM   372 O  O   . THR A 1 47 ? 0.901   1.724   8.761   1.00 16.90  ? 44  THR A O   1 
ATOM   373 C  CB  . THR A 1 47 ? -0.983  -0.165  10.579  1.00 16.74  ? 44  THR A CB  1 
ATOM   374 O  OG1 . THR A 1 47 ? -0.085  0.515   11.443  1.00 19.67  ? 44  THR A OG1 1 
ATOM   375 C  CG2 . THR A 1 47 ? -1.339  -1.507  11.141  1.00 17.59  ? 44  THR A CG2 1 
ATOM   376 N  N   . ILE A 1 48 ? -1.236  1.583   8.023   1.00 15.00  ? 45  ILE A N   1 
ATOM   377 C  CA  . ILE A 1 48 ? -1.363  2.954   7.533   1.00 14.80  ? 45  ILE A CA  1 
ATOM   378 C  C   . ILE A 1 48 ? -2.409  3.579   8.467   1.00 14.67  ? 45  ILE A C   1 
ATOM   379 O  O   . ILE A 1 48 ? -3.536  3.086   8.577   1.00 14.29  ? 45  ILE A O   1 
ATOM   380 C  CB  . ILE A 1 48 ? -1.830  2.992   6.065   1.00 14.84  ? 45  ILE A CB  1 
ATOM   381 C  CG1 . ILE A 1 48 ? -0.763  2.408   5.112   1.00 16.05  ? 45  ILE A CG1 1 
ATOM   382 C  CG2 . ILE A 1 48 ? -2.181  4.422   5.666   1.00 15.42  ? 45  ILE A CG2 1 
ATOM   383 C  CD1 . ILE A 1 48 ? 0.533   3.188   5.045   1.00 18.57  ? 45  ILE A CD1 1 
ATOM   384 N  N   . THR A 1 49 ? -2.029  4.664   9.144   1.00 15.36  ? 46  THR A N   1 
ATOM   385 C  CA  . THR A 1 49 ? -2.896  5.309   10.104  1.00 16.47  ? 46  THR A CA  1 
ATOM   386 C  C   . THR A 1 49 ? -3.387  6.677   9.648   1.00 14.85  ? 46  THR A C   1 
ATOM   387 O  O   . THR A 1 49 ? -4.317  7.222   10.239  1.00 17.53  ? 46  THR A O   1 
ATOM   388 C  CB  . THR A 1 49 ? -2.173  5.447   11.457  1.00 18.24  ? 46  THR A CB  1 
ATOM   389 O  OG1 . THR A 1 49 ? -0.975  6.212   11.297  1.00 21.51  ? 46  THR A OG1 1 
ATOM   390 C  CG2 . THR A 1 49 ? -1.816  4.072   11.998  1.00 20.15  ? 46  THR A CG2 1 
ATOM   391 N  N   . ARG A 1 50 ? -2.768  7.231   8.608   1.00 12.70  ? 47  ARG A N   1 
ATOM   392 C  CA  . ARG A 1 50 ? -3.156  8.524   8.066   1.00 12.02  ? 47  ARG A CA  1 
ATOM   393 C  C   . ARG A 1 50 ? -3.555  8.310   6.626   1.00 11.37  ? 47  ARG A C   1 
ATOM   394 O  O   . ARG A 1 50 ? -2.807  7.753   5.832   1.00 11.77  ? 47  ARG A O   1 
ATOM   395 C  CB  . ARG A 1 50 ? -1.996  9.517   8.171   1.00 12.89  ? 47  ARG A CB  1 
ATOM   396 C  CG  . ARG A 1 50 ? -1.557  9.754   9.627   1.00 14.75  ? 47  ARG A CG  1 
ATOM   397 C  CD  . ARG A 1 50 ? -0.513  10.830  9.795   1.00 15.98  ? 47  ARG A CD  1 
ATOM   398 N  NE  . ARG A 1 50 ? -1.020  12.130  9.402   1.00 16.01  ? 47  ARG A NE  1 
ATOM   399 C  CZ  . ARG A 1 50 ? -0.305  13.259  9.442   1.00 14.61  ? 47  ARG A CZ  1 
ATOM   400 N  NH1 . ARG A 1 50 ? 0.955   13.237  9.843   1.00 15.92  ? 47  ARG A NH1 1 
ATOM   401 N  NH2 . ARG A 1 50 ? -0.839  14.404  9.053   1.00 14.71  ? 47  ARG A NH2 1 
ATOM   402 N  N   . TYR A 1 51 ? -4.742  8.767   6.296   1.00 11.63  ? 48  TYR A N   1 
ATOM   403 C  CA  . TYR A 1 51 ? -5.267  8.615   4.968   1.00 12.29  ? 48  TYR A CA  1 
ATOM   404 C  C   . TYR A 1 51 ? -6.474  9.519   4.852   1.00 13.03  ? 48  TYR A C   1 
ATOM   405 O  O   . TYR A 1 51 ? -7.145  9.799   5.838   1.00 12.98  ? 48  TYR A O   1 
ATOM   406 C  CB  . TYR A 1 51 ? -5.633  7.147   4.656   1.00 12.80  ? 48  TYR A CB  1 
ATOM   407 C  CG  . TYR A 1 51 ? -6.488  6.467   5.680   1.00 12.23  ? 48  TYR A CG  1 
ATOM   408 C  CD1 . TYR A 1 51 ? -7.878  6.580   5.656   1.00 12.97  ? 48  TYR A CD1 1 
ATOM   409 C  CD2 . TYR A 1 51 ? -5.919  5.657   6.657   1.00 12.51  ? 48  TYR A CD2 1 
ATOM   410 C  CE1 . TYR A 1 51 ? -8.661  5.938   6.591   1.00 13.44  ? 48  TYR A CE1 1 
ATOM   411 C  CE2 . TYR A 1 51 ? -6.706  5.009   7.608   1.00 13.18  ? 48  TYR A CE2 1 
ATOM   412 C  CZ  . TYR A 1 51 ? -8.081  5.144   7.550   1.00 13.46  ? 48  TYR A CZ  1 
ATOM   413 O  OH  . TYR A 1 51 ? -8.888  4.491   8.451   1.00 15.63  ? 48  TYR A OH  1 
ATOM   414 N  N   . PRO A 1 52 ? -6.782  9.956   3.633   1.00 14.16  ? 49  PRO A N   1 
ATOM   415 C  CA  . PRO A 1 52 ? -7.953  10.785  3.445   1.00 14.73  ? 49  PRO A CA  1 
ATOM   416 C  C   . PRO A 1 52 ? -9.223  9.963   3.508   1.00 14.28  ? 49  PRO A C   1 
ATOM   417 O  O   . PRO A 1 52 ? -9.187  8.737   3.410   1.00 14.52  ? 49  PRO A O   1 
ATOM   418 C  CB  . PRO A 1 52 ? -7.771  11.304  2.015   1.00 16.04  ? 49  PRO A CB  1 
ATOM   419 C  CG  . PRO A 1 52 ? -7.002  10.254  1.337   1.00 15.94  ? 49  PRO A CG  1 
ATOM   420 C  CD  . PRO A 1 52 ? -6.063  9.731   2.363   1.00 14.72  ? 49  PRO A CD  1 
ATOM   421 N  N   . ASN A 1 53 ? -10.345 10.642  3.669   1.00 14.88  ? 50  ASN A N   1 
ATOM   422 C  CA  . ASN A 1 53 ? -11.623 9.974   3.522   1.00 14.70  ? 50  ASN A CA  1 
ATOM   423 C  C   . ASN A 1 53 ? -11.616 9.335   2.138   1.00 13.66  ? 50  ASN A C   1 
ATOM   424 O  O   . ASN A 1 53 ? -11.124 9.926   1.183   1.00 14.33  ? 50  ASN A O   1 
ATOM   425 C  CB  . ASN A 1 53 ? -12.781 10.951  3.675   1.00 16.27  ? 50  ASN A CB  1 
ATOM   426 C  CG  . ASN A 1 53 ? -12.929 11.464  5.095   1.00 20.25  ? 50  ASN A CG  1 
ATOM   427 O  OD1 . ASN A 1 53 ? -12.449 10.849  6.047   1.00 24.28  ? 50  ASN A OD1 1 
ATOM   428 N  ND2 . ASN A 1 53 ? -13.615 12.586  5.244   1.00 24.43  ? 50  ASN A ND2 1 
ATOM   429 N  N   . TYR A 1 54 ? -12.111 8.110   2.043   1.00 12.30  ? 51  TYR A N   1 
ATOM   430 C  CA  . TYR A 1 54 ? -12.036 7.339   0.802   1.00 11.40  ? 51  TYR A CA  1 
ATOM   431 C  C   . TYR A 1 54 ? -13.243 6.439   0.651   1.00 10.32  ? 51  TYR A C   1 
ATOM   432 O  O   . TYR A 1 54 ? -13.934 6.131   1.610   1.00 11.77  ? 51  TYR A O   1 
ATOM   433 C  CB  . TYR A 1 54 ? -10.739 6.484   0.769   1.00 11.40  ? 51  TYR A CB  1 
ATOM   434 C  CG  . TYR A 1 54 ? -10.746 5.310   1.720   1.00 11.69  ? 51  TYR A CG  1 
ATOM   435 C  CD1 . TYR A 1 54 ? -10.390 5.461   3.046   1.00 13.70  ? 51  TYR A CD1 1 
ATOM   436 C  CD2 . TYR A 1 54 ? -11.146 4.056   1.292   1.00 12.00  ? 51  TYR A CD2 1 
ATOM   437 C  CE1 . TYR A 1 54 ? -10.419 4.390   3.912   1.00 14.66  ? 51  TYR A CE1 1 
ATOM   438 C  CE2 . TYR A 1 54 ? -11.174 2.973   2.154   1.00 13.70  ? 51  TYR A CE2 1 
ATOM   439 C  CZ  . TYR A 1 54 ? -10.819 3.141   3.458   1.00 14.58  ? 51  TYR A CZ  1 
ATOM   440 O  OH  . TYR A 1 54 ? -10.867 2.061   4.312   1.00 18.32  ? 51  TYR A OH  1 
ATOM   441 N  N   . THR A 1 55 ? -13.474 6.006   -0.580  1.00 9.23   ? 52  THR A N   1 
ATOM   442 C  CA  . THR A 1 55 ? -14.527 5.071   -0.896  1.00 9.45   ? 52  THR A CA  1 
ATOM   443 C  C   . THR A 1 55 ? -14.008 3.629   -0.960  1.00 8.97   ? 52  THR A C   1 
ATOM   444 O  O   . THR A 1 55 ? -14.635 2.722   -0.402  1.00 10.27  ? 52  THR A O   1 
ATOM   445 C  CB  . THR A 1 55 ? -15.222 5.495   -2.191  1.00 9.94   ? 52  THR A CB  1 
ATOM   446 O  OG1 . THR A 1 55 ? -15.764 6.822   -2.017  1.00 11.35  ? 52  THR A OG1 1 
ATOM   447 C  CG2 . THR A 1 55 ? -16.302 4.542   -2.563  1.00 11.31  ? 52  THR A CG2 1 
ATOM   448 N  N   . LYS A 1 56 ? -12.895 3.424   -1.652  1.00 9.01   ? 53  LYS A N   1 
ATOM   449 C  CA  . LYS A 1 56 ? -12.245 2.114   -1.638  1.00 9.33   ? 53  LYS A CA  1 
ATOM   450 C  C   . LYS A 1 56 ? -10.757 2.330   -1.855  1.00 8.39   ? 53  LYS A C   1 
ATOM   451 O  O   . LYS A 1 56 ? -10.324 3.429   -2.197  1.00 8.99   ? 53  LYS A O   1 
ATOM   452 C  CB  . LYS A 1 56 ? -12.768 1.162   -2.715  1.00 10.94  ? 53  LYS A CB  1 
ATOM   453 C  CG  . LYS A 1 56 ? -12.383 1.556   -4.109  1.00 12.82  ? 53  LYS A CG  1 
ATOM   454 C  CD  . LYS A 1 56 ? -12.502 0.385   -5.073  1.00 14.37  ? 53  LYS A CD  1 
ATOM   455 C  CE  . LYS A 1 56 ? -12.038 0.772   -6.463  1.00 15.39  ? 53  LYS A CE  1 
ATOM   456 N  NZ  . LYS A 1 56 ? -12.082 -0.417  -7.375  1.00 15.19  ? 53  LYS A NZ  1 
ATOM   457 N  N   . TYR A 1 57 ? -9.979  1.282   -1.596  1.00 8.02   ? 54  TYR A N   1 
ATOM   458 C  CA  . TYR A 1 57 ? -8.582  1.285   -1.969  1.00 7.75   ? 54  TYR A CA  1 
ATOM   459 C  C   . TYR A 1 57 ? -8.294  0.042   -2.796  1.00 7.72   ? 54  TYR A C   1 
ATOM   460 O  O   . TYR A 1 57 ? -9.025  -0.944  -2.751  1.00 8.70   ? 54  TYR A O   1 
ATOM   461 C  CB  . TYR A 1 57 ? -7.642  1.377   -0.746  1.00 8.77   ? 54  TYR A CB  1 
ATOM   462 C  CG  . TYR A 1 57 ? -7.658  0.178   0.148   1.00 9.19   ? 54  TYR A CG  1 
ATOM   463 C  CD1 . TYR A 1 57 ? -6.924  -0.948  -0.178  1.00 9.94   ? 54  TYR A CD1 1 
ATOM   464 C  CD2 . TYR A 1 57 ? -8.389  0.157   1.310   1.00 11.67  ? 54  TYR A CD2 1 
ATOM   465 C  CE1 . TYR A 1 57 ? -6.951  -2.088  0.602   1.00 12.08  ? 54  TYR A CE1 1 
ATOM   466 C  CE2 . TYR A 1 57 ? -8.409  -0.979  2.123   1.00 13.18  ? 54  TYR A CE2 1 
ATOM   467 C  CZ  . TYR A 1 57 ? -7.683  -2.096  1.762   1.00 13.01  ? 54  TYR A CZ  1 
ATOM   468 O  OH  . TYR A 1 57 ? -7.710  -3.212  2.572   1.00 17.00  ? 54  TYR A OH  1 
ATOM   469 N  N   . GLU A 1 58 ? -7.206  0.114   -3.545  1.00 7.44   ? 55  GLU A N   1 
ATOM   470 C  CA  . GLU A 1 58 ? -6.649  -1.046  -4.241  1.00 8.01   ? 55  GLU A CA  1 
ATOM   471 C  C   . GLU A 1 58 ? -5.151  -1.061  -3.983  1.00 8.12   ? 55  GLU A C   1 
ATOM   472 O  O   . GLU A 1 58 ? -4.558  -0.051  -3.628  1.00 9.44   ? 55  GLU A O   1 
ATOM   473 C  CB  . GLU A 1 58 ? -6.916  -0.998  -5.741  1.00 8.75   ? 55  GLU A CB  1 
ATOM   474 C  CG  . GLU A 1 58 ? -8.373  -0.937  -6.107  1.00 9.58   ? 55  GLU A CG  1 
ATOM   475 C  CD  . GLU A 1 58 ? -9.166  -2.222  -5.885  1.00 11.06  ? 55  GLU A CD  1 
ATOM   476 O  OE1 . GLU A 1 58 ? -8.606  -3.267  -5.508  1.00 12.35  ? 55  GLU A OE1 1 
ATOM   477 O  OE2 . GLU A 1 58 ? -10.395 -2.161  -6.109  1.00 13.81  ? 55  GLU A OE2 1 
ATOM   478 N  N   . THR A 1 59 ? -4.539  -2.216  -4.155  1.00 8.64   ? 56  THR A N   1 
ATOM   479 C  CA  . THR A 1 59 ? -3.124  -2.384  -3.934  1.00 8.95   ? 56  THR A CA  1 
ATOM   480 C  C   . THR A 1 59 ? -2.422  -2.958  -5.149  1.00 8.37   ? 56  THR A C   1 
ATOM   481 O  O   . THR A 1 59 ? -2.999  -3.708  -5.945  1.00 9.47   ? 56  THR A O   1 
ATOM   482 C  CB  . THR A 1 59 ? -2.844  -3.291  -2.718  1.00 10.63  ? 56  THR A CB  1 
ATOM   483 O  OG1 . THR A 1 59 ? -3.329  -4.606  -2.974  1.00 14.13  ? 56  THR A OG1 1 
ATOM   484 C  CG2 . THR A 1 59 ? -3.501  -2.763  -1.473  1.00 12.25  ? 56  THR A CG2 1 
ATOM   485 N  N   . GLU A 1 60 ? -1.144  -2.628  -5.251  1.00 8.39   ? 57  GLU A N   1 
ATOM   486 C  CA  . GLU A 1 60 ? -0.233  -3.137  -6.254  1.00 9.17   ? 57  GLU A CA  1 
ATOM   487 C  C   . GLU A 1 60 ? 1.073   -3.496  -5.574  1.00 8.15   ? 57  GLU A C   1 
ATOM   488 O  O   . GLU A 1 60 ? 1.515   -2.800  -4.674  1.00 9.91   ? 57  GLU A O   1 
ATOM   489 C  CB  . GLU A 1 60 ? 0.101   -2.056  -7.310  1.00 10.41  ? 57  GLU A CB  1 
ATOM   490 C  CG  . GLU A 1 60 ? -1.042  -1.666  -8.182  1.00 11.28  ? 57  GLU A CG  1 
ATOM   491 C  CD  . GLU A 1 60 ? -0.723  -0.447  -8.995  1.00 12.14  ? 57  GLU A CD  1 
ATOM   492 O  OE1 . GLU A 1 60 ? -0.637  0.653   -8.391  1.00 15.30  ? 57  GLU A OE1 1 
ATOM   493 O  OE2 . GLU A 1 60 ? -0.614  -0.554  -10.241 1.00 11.63  ? 57  GLU A OE2 1 
ATOM   494 N  N   . VAL A 1 61 ? 1.732   -4.535  -6.070  1.00 8.67   ? 58  VAL A N   1 
ATOM   495 C  CA  . VAL A 1 61 ? 3.044   -4.947  -5.580  1.00 9.17   ? 58  VAL A CA  1 
ATOM   496 C  C   . VAL A 1 61 ? 4.073   -4.696  -6.660  1.00 8.51   ? 58  VAL A C   1 
ATOM   497 O  O   . VAL A 1 61 ? 3.859   -5.054  -7.820  1.00 10.23  ? 58  VAL A O   1 
ATOM   498 C  CB  . VAL A 1 61 ? 3.033   -6.445  -5.222  1.00 10.78  ? 58  VAL A CB  1 
ATOM   499 C  CG1 . VAL A 1 61 ? 4.443   -6.919  -4.844  1.00 12.52  ? 58  VAL A CG1 1 
ATOM   500 C  CG2 . VAL A 1 61 ? 2.041   -6.741  -4.138  1.00 13.12  ? 58  VAL A CG2 1 
ATOM   501 N  N   . ARG A 1 62 ? 5.193   -4.096  -6.279  1.00 8.59   ? 59  ARG A N   1 
ATOM   502 C  CA  . ARG A 1 62 ? 6.308   -3.913  -7.176  1.00 8.96   ? 59  ARG A CA  1 
ATOM   503 C  C   . ARG A 1 62 ? 7.562   -4.471  -6.515  1.00 8.64   ? 59  ARG A C   1 
ATOM   504 O  O   . ARG A 1 62 ? 7.624   -4.609  -5.309  1.00 8.67   ? 59  ARG A O   1 
ATOM   505 C  CB  . ARG A 1 62 ? 6.457   -2.450  -7.535  1.00 10.77  ? 59  ARG A CB  1 
ATOM   506 C  CG  . ARG A 1 62 ? 5.194   -1.917  -8.231  1.00 12.18  ? 59  ARG A CG  1 
ATOM   507 C  CD  . ARG A 1 62 ? 4.809   -2.661  -9.553  1.00 13.63  ? 59  ARG A CD  1 
ATOM   508 N  NE  . ARG A 1 62 ? 3.535   -2.163  -10.059 1.00 13.77  ? 59  ARG A NE  1 
ATOM   509 C  CZ  . ARG A 1 62 ? 3.417   -1.010  -10.699 1.00 14.83  ? 59  ARG A CZ  1 
ATOM   510 N  NH1 . ARG A 1 62 ? 4.491   -0.286  -10.966 1.00 18.59  ? 59  ARG A NH1 1 
ATOM   511 N  NH2 . ARG A 1 62 ? 2.248   -0.572  -11.098 1.00 16.28  ? 59  ARG A NH2 1 
ATOM   512 N  N   . SER A 1 63 ? 8.556   -4.792  -7.328  1.00 9.24   ? 60  SER A N   1 
ATOM   513 C  CA  . SER A 1 63 ? 9.768   -5.398  -6.847  1.00 9.67   ? 60  SER A CA  1 
ATOM   514 C  C   . SER A 1 63 ? 10.796  -4.369  -6.418  1.00 10.65  ? 60  SER A C   1 
ATOM   515 O  O   . SER A 1 63 ? 10.921  -3.311  -7.027  1.00 12.67  ? 60  SER A O   1 
ATOM   516 C  CB  . SER A 1 63 ? 10.368  -6.237  -7.969  1.00 10.52  ? 60  SER A CB  1 
ATOM   517 O  OG  . SER A 1 63 ? 11.560  -6.882  -7.577  1.00 12.57  ? 60  SER A OG  1 
ATOM   518 N  N   . LEU A 1 64 ? 11.559  -4.702  -5.370  1.00 11.00  ? 61  LEU A N   1 
ATOM   519 C  CA  . LEU A 1 64 ? 12.747  -3.908  -4.949  1.00 13.32  ? 61  LEU A CA  1 
ATOM   520 C  C   . LEU A 1 64 ? 14.070  -4.420  -5.520  1.00 15.49  ? 61  LEU A C   1 
ATOM   521 O  O   . LEU A 1 64 ? 15.159  -4.049  -5.033  1.00 16.77  ? 61  LEU A O   1 
ATOM   522 C  CB  . LEU A 1 64 ? 12.895  -3.842  -3.441  1.00 13.00  ? 61  LEU A CB  1 
ATOM   523 C  CG  . LEU A 1 64 ? 11.759  -3.203  -2.713  1.00 13.70  ? 61  LEU A CG  1 
ATOM   524 C  CD1 . LEU A 1 64 ? 12.069  -3.169  -1.228  1.00 16.01  ? 61  LEU A CD1 1 
ATOM   525 C  CD2 . LEU A 1 64 ? 11.509  -1.805  -3.211  1.00 15.25  ? 61  LEU A CD2 1 
ATOM   526 N  N   A SER A 1 65 ? 13.997  -5.271  -6.538  0.50 17.13  ? 62  SER A N   1 
ATOM   527 N  N   B SER A 1 65 ? 13.996  -5.253  -6.548  0.50 17.19  ? 62  SER A N   1 
ATOM   528 C  CA  A SER A 1 65 ? 15.207  -5.717  -7.228  0.50 18.48  ? 62  SER A CA  1 
ATOM   529 C  CA  B SER A 1 65 ? 15.205  -5.705  -7.224  0.50 18.61  ? 62  SER A CA  1 
ATOM   530 C  C   A SER A 1 65 ? 15.699  -4.559  -8.095  0.50 20.20  ? 62  SER A C   1 
ATOM   531 C  C   B SER A 1 65 ? 15.706  -4.548  -8.085  0.50 20.28  ? 62  SER A C   1 
ATOM   532 O  O   A SER A 1 65 ? 14.994  -3.566  -8.260  0.50 20.35  ? 62  SER A O   1 
ATOM   533 O  O   B SER A 1 65 ? 15.017  -3.541  -8.232  0.50 20.44  ? 62  SER A O   1 
ATOM   534 C  CB  A SER A 1 65 ? 14.921  -6.937  -8.102  0.50 18.65  ? 62  SER A CB  1 
ATOM   535 C  CB  B SER A 1 65 ? 14.908  -6.912  -8.101  0.50 18.77  ? 62  SER A CB  1 
ATOM   536 O  OG  A SER A 1 65 ? 14.603  -8.074  -7.316  0.50 19.27  ? 62  SER A OG  1 
ATOM   537 O  OG  B SER A 1 65 ? 16.099  -7.407  -8.681  0.50 19.96  ? 62  SER A OG  1 
ATOM   538 N  N   . SER A 1 66 ? 16.901  -4.684  -8.652  1.00 22.10  ? 63  SER A N   1 
ATOM   539 C  CA  . SER A 1 66 ? 17.461  -3.637  -9.517  1.00 24.70  ? 63  SER A CA  1 
ATOM   540 C  C   . SER A 1 66 ? 16.627  -3.445  -10.794 1.00 26.80  ? 63  SER A C   1 
ATOM   541 O  O   . SER A 1 66 ? 15.871  -4.342  -11.216 1.00 27.04  ? 63  SER A O   1 
ATOM   542 C  CB  . SER A 1 66 ? 18.906  -3.968  -9.908  1.00 25.35  ? 63  SER A CB  1 
ATOM   543 O  OG  . SER A 1 66 ? 18.954  -5.056  -10.817 1.00 27.08  ? 63  SER A OG  1 
ATOM   544 N  N   . CYS A 1 67 ? 16.778  -2.271  -11.406 1.00 29.20  ? 64  CYS A N   1 
ATOM   545 C  CA  . CYS A 1 67 ? 16.062  -1.940  -12.636 1.00 30.91  ? 64  CYS A CA  1 
ATOM   546 C  C   . CYS A 1 67 ? 16.948  -2.104  -13.870 1.00 31.44  ? 64  CYS A C   1 
ATOM   547 O  O   . CYS A 1 67 ? 18.162  -2.337  -13.793 1.00 32.02  ? 64  CYS A O   1 
ATOM   548 C  CB  . CYS A 1 67 ? 15.563  -0.501  -12.582 1.00 31.66  ? 64  CYS A CB  1 
ATOM   549 S  SG  . CYS A 1 67 ? 16.898  0.685   -12.629 1.00 35.02  ? 64  CYS A SG  1 
ATOM   550 O  OXT . CYS A 1 67 ? 16.451  -1.989  -14.990 1.00 32.23  ? 64  CYS A OXT 1 
HETATM 551 CL CL  A CL  B 2 .  ? 0.641   6.069   7.662   0.50 19.19  ? 101 CL  A CL  1 
HETATM 552 CL CL  B CL  B 2 .  ? 1.072   6.503   8.589   0.50 22.39  ? 101 CL  A CL  1 
HETATM 553 CL CL  A CL  C 2 .  ? 7.513   -3.632  7.486   0.50 21.45  ? 102 CL  A CL  1 
HETATM 554 CL CL  . CL  D 2 .  ? 3.521   -12.433 0.957   1.00 25.95  ? 103 CL  A CL  1 
HETATM 555 C  C1  A BME E 3 .  ? -1.386  -5.171  12.351  0.50 18.81  ? 104 BME A C1  1 
HETATM 556 C  C1  B BME E 3 .  ? 0.716   -5.780  12.895  0.50 21.47  ? 104 BME A C1  1 
HETATM 557 C  C2  A BME E 3 .  ? 0.119   -5.211  12.099  0.50 18.72  ? 104 BME A C2  1 
HETATM 558 C  C2  B BME E 3 .  ? 0.003   -4.646  12.161  0.50 20.86  ? 104 BME A C2  1 
HETATM 559 O  O1  A BME E 3 .  ? -1.665  -5.437  13.732  0.50 19.99  ? 104 BME A O1  1 
HETATM 560 O  O1  B BME E 3 .  ? -0.078  -6.150  14.026  0.50 22.92  ? 104 BME A O1  1 
HETATM 561 S  S2  . BME E 3 .  ? 0.435   -4.661  10.402  1.00 19.45  ? 104 BME A S2  1 
HETATM 562 S  S   . SO4 F 4 .  ? 3.086   2.923   -11.585 0.50 32.14  ? 105 SO4 A S   1 
HETATM 563 O  O1  . SO4 F 4 .  ? 4.243   2.468   -12.346 0.50 32.27  ? 105 SO4 A O1  1 
HETATM 564 O  O2  . SO4 F 4 .  ? 3.484   3.083   -10.192 0.50 31.78  ? 105 SO4 A O2  1 
HETATM 565 O  O3  . SO4 F 4 .  ? 1.993   1.961   -11.684 0.50 31.97  ? 105 SO4 A O3  1 
HETATM 566 O  O4  . SO4 F 4 .  ? 2.644   4.210   -12.117 0.50 32.37  ? 105 SO4 A O4  1 
HETATM 567 O  O   . HOH G 5 .  ? -0.170  7.362   5.138   1.00 12.64  ? 201 HOH A O   1 
HETATM 568 O  O   . HOH G 5 .  ? -6.333  -4.434  -4.738  1.00 13.95  ? 202 HOH A O   1 
HETATM 569 O  O   . HOH G 5 .  ? -2.073  0.960   -6.046  1.00 16.42  ? 203 HOH A O   1 
HETATM 570 O  O   . HOH G 5 .  ? -8.255  9.782   -11.271 1.00 16.91  ? 204 HOH A O   1 
HETATM 571 O  O   . HOH G 5 .  ? -4.380  -6.048  3.955   1.00 13.40  ? 205 HOH A O   1 
HETATM 572 O  O   . HOH G 5 .  ? -11.240 -1.088  -0.328  1.00 17.56  ? 206 HOH A O   1 
HETATM 573 O  O   . HOH G 5 .  ? 6.065   5.149   -3.989  1.00 16.49  ? 207 HOH A O   1 
HETATM 574 O  O   . HOH G 5 .  ? -0.331  10.473  0.187   1.00 15.44  ? 208 HOH A O   1 
HETATM 575 O  O   . HOH G 5 .  ? -9.430  7.174   -12.049 1.00 20.69  ? 209 HOH A O   1 
HETATM 576 O  O   . HOH G 5 .  ? 10.841  -8.720  -5.615  1.00 18.94  ? 210 HOH A O   1 
HETATM 577 O  O   . HOH G 5 .  ? -14.545 9.181   -0.839  1.00 18.44  ? 211 HOH A O   1 
HETATM 578 O  O   . HOH G 5 .  ? -17.320 4.973   -9.521  1.00 21.46  ? 212 HOH A O   1 
HETATM 579 O  O   . HOH G 5 .  ? -2.386  -13.704 1.442   1.00 27.70  ? 213 HOH A O   1 
HETATM 580 O  O   . HOH G 5 .  ? -6.109  -5.337  1.847   1.00 17.11  ? 214 HOH A O   1 
HETATM 581 O  O   . HOH G 5 .  ? -2.330  -7.035  2.513   1.00 22.24  ? 215 HOH A O   1 
HETATM 582 O  O   . HOH G 5 .  ? -14.269 0.258   1.010   1.00 21.66  ? 216 HOH A O   1 
HETATM 583 O  O   . HOH G 5 .  ? -11.303 12.429  0.317   1.00 28.49  ? 217 HOH A O   1 
HETATM 584 O  O   . HOH G 5 .  ? -14.232 3.909   -5.792  1.00 19.58  ? 218 HOH A O   1 
HETATM 585 O  O   . HOH G 5 .  ? 14.367  -16.150 3.512   1.00 20.69  ? 219 HOH A O   1 
HETATM 586 O  O   . HOH G 5 .  ? -13.064 9.539   -12.329 1.00 21.13  ? 220 HOH A O   1 
HETATM 587 O  O   . HOH G 5 .  ? -11.870 0.718   -9.894  1.00 21.61  ? 221 HOH A O   1 
HETATM 588 O  O   . HOH G 5 .  ? 15.895  -9.548  1.408   1.00 23.42  ? 222 HOH A O   1 
HETATM 589 O  O   . HOH G 5 .  ? -11.550 -2.624  -3.222  1.00 23.64  ? 223 HOH A O   1 
HETATM 590 O  O   . HOH G 5 .  ? -9.400  -0.544  10.224  1.00 24.73  ? 224 HOH A O   1 
HETATM 591 O  O   . HOH G 5 .  ? -13.019 5.694   -14.456 1.00 26.50  ? 225 HOH A O   1 
HETATM 592 O  O   . HOH G 5 .  ? 10.674  -4.449  6.274   1.00 26.37  ? 226 HOH A O   1 
HETATM 593 O  O   . HOH G 5 .  ? -4.768  13.345  -0.018  1.00 27.30  ? 227 HOH A O   1 
HETATM 594 O  O   . HOH G 5 .  ? -1.230  1.261   -12.094 1.00 24.60  ? 228 HOH A O   1 
HETATM 595 O  O   . HOH G 5 .  ? 3.026   -0.911  11.439  1.00 30.35  ? 229 HOH A O   1 
HETATM 596 O  O   . HOH G 5 .  ? 11.935  -14.449 -0.156  1.00 32.30  ? 230 HOH A O   1 
HETATM 597 O  O   . HOH G 5 .  ? -10.734 2.763   7.067   1.00 22.65  ? 231 HOH A O   1 
HETATM 598 O  O   . HOH G 5 .  ? -10.179 13.485  3.943   1.00 34.49  ? 232 HOH A O   1 
HETATM 599 O  O   . HOH G 5 .  ? 18.020  -7.267  6.848   1.00 29.22  ? 233 HOH A O   1 
HETATM 600 O  O   . HOH G 5 .  ? 2.633   11.183  11.151  0.50 21.00  ? 234 HOH A O   1 
HETATM 601 O  O   . HOH G 5 .  ? -16.630 7.418   -12.891 1.00 101.52 ? 235 HOH A O   1 
HETATM 602 O  O   . HOH G 5 .  ? -5.543  5.751   11.858  0.50 85.57  ? 236 HOH A O   1 
HETATM 603 O  O   . HOH G 5 .  ? 9.796   -15.811 2.871   1.00 27.75  ? 237 HOH A O   1 
HETATM 604 O  O   . HOH G 5 .  ? -10.046 -4.488  1.735   1.00 40.94  ? 238 HOH A O   1 
HETATM 605 O  O   . HOH G 5 .  ? -11.791 13.160  -4.933  0.50 23.16  ? 239 HOH A O   1 
HETATM 606 O  O   . HOH G 5 .  ? 12.961  -11.605 8.398   0.50 26.47  ? 240 HOH A O   1 
HETATM 607 O  O   . HOH G 5 .  ? 7.207   -15.859 1.888   1.00 31.89  ? 241 HOH A O   1 
HETATM 608 O  O   . HOH G 5 .  ? 15.643  -15.727 0.984   1.00 40.08  ? 242 HOH A O   1 
HETATM 609 O  O   . HOH G 5 .  ? -20.350 9.971   -12.898 1.00 29.25  ? 243 HOH A O   1 
HETATM 610 O  O   . HOH G 5 .  ? -16.559 7.224   2.074   1.00 26.72  ? 244 HOH A O   1 
HETATM 611 O  O   A HOH G 5 .  ? 1.519   4.277   -4.168  0.60 17.53  ? 245 HOH A O   1 
HETATM 612 O  O   . HOH G 5 .  ? 11.547  -0.898  5.602   0.50 23.67  ? 246 HOH A O   1 
HETATM 613 O  O   A HOH G 5 .  ? -5.197  -5.821  -0.890  0.50 23.07  ? 247 HOH A O   1 
HETATM 614 O  O   B HOH G 5 .  ? -6.931  -5.184  -2.333  0.50 48.27  ? 247 HOH A O   1 
HETATM 615 O  O   . HOH G 5 .  ? -9.039  13.402  -6.210  0.50 24.84  ? 248 HOH A O   1 
HETATM 616 O  O   . HOH G 5 .  ? 1.905   -14.496 2.565   1.00 29.61  ? 249 HOH A O   1 
HETATM 617 O  O   . HOH G 5 .  ? -11.881 7.438   6.845   1.00 47.92  ? 250 HOH A O   1 
HETATM 618 O  O   . HOH G 5 .  ? -14.934 2.871   -8.230  1.00 31.52  ? 251 HOH A O   1 
HETATM 619 O  O   . HOH G 5 .  ? 5.777   -11.533 9.207   0.50 19.25  ? 252 HOH A O   1 
HETATM 620 O  O   . HOH G 5 .  ? 13.258  -1.947  8.526   0.50 25.28  ? 253 HOH A O   1 
HETATM 621 O  O   . HOH G 5 .  ? -9.151  -3.841  -1.861  1.00 34.69  ? 254 HOH A O   1 
HETATM 622 O  O   A HOH G 5 .  ? 0.093   10.452  -4.961  0.50 65.48  ? 255 HOH A O   1 
HETATM 623 O  O   . HOH G 5 .  ? 11.703  -12.345 -3.205  0.50 21.33  ? 256 HOH A O   1 
HETATM 624 O  O   A HOH G 5 .  ? 9.735   -1.111  -8.030  0.50 20.00  ? 257 HOH A O   1 
HETATM 625 O  O   B HOH G 5 .  ? 9.555   -0.752  -6.478  0.50 20.18  ? 257 HOH A O   1 
HETATM 626 O  O   . HOH G 5 .  ? -1.554  -6.571  -3.031  0.50 24.58  ? 258 HOH A O   1 
HETATM 627 O  O   . HOH G 5 .  ? -6.825  14.258  -4.191  0.50 74.80  ? 259 HOH A O   1 
HETATM 628 O  O   . HOH G 5 .  ? -1.262  1.036   13.986  1.00 37.06  ? 260 HOH A O   1 
HETATM 629 O  O   . HOH G 5 .  ? -9.377  14.403  -0.112  1.00 59.60  ? 261 HOH A O   1 
HETATM 630 O  O   . HOH G 5 .  ? 7.954   0.704   -7.255  0.50 32.43  ? 262 HOH A O   1 
HETATM 631 O  O   . HOH G 5 .  ? -6.817  15.035  0.412   0.50 52.76  ? 263 HOH A O   1 
HETATM 632 O  O   . HOH G 5 .  ? 5.715   -14.298 -0.215  1.00 39.86  ? 264 HOH A O   1 
HETATM 633 O  O   . HOH G 5 .  ? 16.896  -6.028  -4.150  0.50 33.81  ? 265 HOH A O   1 
HETATM 634 O  O   . HOH G 5 .  ? 21.021  -5.578  -12.793 0.50 41.38  ? 266 HOH A O   1 
HETATM 635 O  O   . HOH G 5 .  ? 0.684   -9.711  -1.931  0.50 50.65  ? 267 HOH A O   1 
HETATM 636 O  O   . HOH G 5 .  ? 18.801  -6.759  -7.458  0.50 30.36  ? 268 HOH A O   1 
HETATM 637 O  O   . HOH G 5 .  ? 2.234   -10.974 -3.818  0.50 27.91  ? 269 HOH A O   1 
HETATM 638 O  O   A HOH G 5 .  ? 14.787  -6.426  -1.368  0.50 71.24  ? 270 HOH A O   1 
HETATM 639 O  O   A HOH G 5 .  ? 3.483   -9.979  10.008  0.50 21.50  ? 271 HOH A O   1 
HETATM 640 O  O   . HOH G 5 .  ? -1.627  13.138  -3.058  1.00 17.99  ? 272 HOH A O   1 
HETATM 641 O  O   . HOH G 5 .  ? 15.739  -10.684 5.182   1.00 24.12  ? 273 HOH A O   1 
HETATM 642 O  O   . HOH G 5 .  ? -15.524 13.095  -5.348  1.00 34.04  ? 274 HOH A O   1 
HETATM 643 O  O   A HOH G 5 .  ? 0.634   10.548  -2.284  0.50 18.78  ? 275 HOH A O   1 
HETATM 644 O  O   B HOH G 5 .  ? 0.797   10.058  -3.755  0.50 26.98  ? 275 HOH A O   1 
HETATM 645 O  O   A HOH G 5 .  ? -2.369  6.486   -9.111  0.50 24.36  ? 276 HOH A O   1 
HETATM 646 O  O   B HOH G 5 .  ? -2.139  5.197   -8.231  0.50 26.61  ? 276 HOH A O   1 
HETATM 647 O  O   A HOH G 5 .  ? -2.600  3.829   -9.124  0.50 26.19  ? 277 HOH A O   1 
HETATM 648 O  O   . HOH G 5 .  ? -12.012 3.480   10.423  0.50 28.97  ? 278 HOH A O   1 
HETATM 649 O  O   . HOH G 5 .  ? -14.628 3.884   14.412  0.50 76.43  ? 279 HOH A O   1 
HETATM 650 O  O   A HOH G 5 .  ? 0.654   -9.580  0.348   0.50 41.79  ? 280 HOH A O   1 
HETATM 651 O  O   B HOH G 5 .  ? -0.171  -7.733  -0.335  0.50 30.34  ? 280 HOH A O   1 
HETATM 652 O  O   . HOH G 5 .  ? 3.719   5.972   -4.816  1.00 48.72  ? 281 HOH A O   1 
HETATM 653 O  O   A HOH G 5 .  ? -7.123  -1.672  13.347  0.50 53.82  ? 282 HOH A O   1 
HETATM 654 O  O   . HOH G 5 .  ? 3.519   -12.932 -2.374  0.50 90.36  ? 283 HOH A O   1 
HETATM 655 O  O   A HOH G 5 .  ? -2.255  13.176  -5.644  0.50 31.30  ? 284 HOH A O   1 
HETATM 656 O  O   B HOH G 5 .  ? -0.650  12.050  -5.739  0.50 33.08  ? 284 HOH A O   1 
HETATM 657 O  O   A HOH G 5 .  ? -22.324 13.965  -8.632  0.50 24.00  ? 285 HOH A O   1 
HETATM 658 O  O   B HOH G 5 .  ? 20.313  -1.166  -11.845 0.50 31.52  ? 286 HOH A O   1 
HETATM 659 O  O   A HOH G 5 .  ? 6.049   -7.334  10.360  0.50 25.95  ? 287 HOH A O   1 
HETATM 660 O  O   B HOH G 5 .  ? 5.248   -8.683  10.341  0.50 26.87  ? 287 HOH A O   1 
# 
loop_
_atom_site_anisotrop.id 
_atom_site_anisotrop.type_symbol 
_atom_site_anisotrop.pdbx_label_atom_id 
_atom_site_anisotrop.pdbx_label_alt_id 
_atom_site_anisotrop.pdbx_label_comp_id 
_atom_site_anisotrop.pdbx_label_asym_id 
_atom_site_anisotrop.pdbx_label_seq_id 
_atom_site_anisotrop.pdbx_PDB_ins_code 
_atom_site_anisotrop.U[1][1] 
_atom_site_anisotrop.U[2][2] 
_atom_site_anisotrop.U[3][3] 
_atom_site_anisotrop.U[1][2] 
_atom_site_anisotrop.U[1][3] 
_atom_site_anisotrop.U[2][3] 
_atom_site_anisotrop.pdbx_auth_seq_id 
_atom_site_anisotrop.pdbx_auth_comp_id 
_atom_site_anisotrop.pdbx_auth_asym_id 
_atom_site_anisotrop.pdbx_auth_atom_id 
1   N  N   . LYS A 6  ? 0.3304 0.3207 0.3332 0.0010  0.0111  -0.0013 3   LYS A N   
2   C  CA  . LYS A 6  ? 0.3262 0.3145 0.3265 0.0045  0.0042  -0.0005 3   LYS A CA  
3   C  C   . LYS A 6  ? 0.3120 0.2957 0.3152 -0.0004 0.0110  -0.0037 3   LYS A C   
4   O  O   . LYS A 6  ? 0.3201 0.3059 0.3299 0.0013  0.0025  -0.0079 3   LYS A O   
5   C  CB  . LYS A 6  ? 0.3342 0.3214 0.3331 -0.0003 0.0086  -0.0010 3   LYS A CB  
6   C  CG  . LYS A 6  ? 0.3476 0.3373 0.3434 0.0053  -0.0009 0.0011  3   LYS A CG  
7   C  CD  . LYS A 6  ? 0.3593 0.3560 0.3524 -0.0045 0.0107  0.0004  3   LYS A CD  
8   C  CE  . LYS A 6  ? 0.3610 0.3636 0.3623 0.0017  0.0055  -0.0003 3   LYS A CE  
9   N  NZ  . LYS A 6  ? 0.3875 0.3663 0.3708 -0.0072 0.0151  -0.0023 3   LYS A NZ  
10  N  N   . LYS A 7  ? 0.2831 0.2804 0.2815 0.0114  0.0104  -0.0021 4   LYS A N   
11  C  CA  . LYS A 7  ? 0.2647 0.2594 0.2560 0.0068  0.0188  -0.0075 4   LYS A CA  
12  C  C   . LYS A 7  ? 0.2432 0.2185 0.2266 0.0034  0.0090  -0.0014 4   LYS A C   
13  O  O   . LYS A 7  ? 0.2405 0.2052 0.2262 0.0182  0.0240  0.0017  4   LYS A O   
14  C  CB  . LYS A 7  ? 0.2755 0.2679 0.2723 0.0000  0.0079  -0.0023 4   LYS A CB  
15  C  CG  . LYS A 7  ? 0.2961 0.3087 0.2921 0.0084  0.0208  -0.0024 4   LYS A CG  
16  C  CD  . LYS A 7  ? 0.3317 0.3296 0.3499 -0.0144 0.0036  0.0034  4   LYS A CD  
17  C  CE  . LYS A 7  ? 0.3531 0.3666 0.3589 -0.0024 0.0119  -0.0005 4   LYS A CE  
18  N  NZ  . LYS A 7  ? 0.3761 0.3788 0.3953 -0.0167 0.0086  0.0047  4   LYS A NZ  
19  N  N   A PRO A 8  ? 0.2321 0.2051 0.2110 0.0006  0.0173  -0.0028 5   PRO A N   
20  N  N   B PRO A 8  ? 0.2291 0.2055 0.2119 -0.0003 0.0164  -0.0020 5   PRO A N   
21  C  CA  A PRO A 8  ? 0.2156 0.1859 0.2055 -0.0061 0.0103  -0.0051 5   PRO A CA  
22  C  CA  B PRO A 8  ? 0.2134 0.1862 0.2043 -0.0057 0.0090  -0.0033 5   PRO A CA  
23  C  C   A PRO A 8  ? 0.1908 0.1550 0.1933 -0.0017 0.0190  0.0037  5   PRO A C   
24  C  C   B PRO A 8  ? 0.1892 0.1607 0.1932 -0.0029 0.0170  0.0046  5   PRO A C   
25  O  O   A PRO A 8  ? 0.2027 0.1546 0.2035 -0.0060 0.0308  0.0001  5   PRO A O   
26  O  O   B PRO A 8  ? 0.2031 0.1628 0.2027 -0.0105 0.0236  0.0033  5   PRO A O   
27  C  CB  A PRO A 8  ? 0.2187 0.2025 0.2144 -0.0018 0.0079  -0.0025 5   PRO A CB  
28  C  CB  B PRO A 8  ? 0.2157 0.2007 0.2108 -0.0017 0.0067  -0.0029 5   PRO A CB  
29  C  CG  A PRO A 8  ? 0.2382 0.2113 0.2166 -0.0014 0.0068  -0.0060 5   PRO A CG  
30  C  CG  B PRO A 8  ? 0.2259 0.2098 0.2119 -0.0056 0.0071  0.0024  5   PRO A CG  
31  C  CD  A PRO A 8  ? 0.2379 0.2122 0.2136 -0.0036 0.0107  -0.0051 5   PRO A CD  
32  C  CD  B PRO A 8  ? 0.2350 0.2086 0.2124 -0.0020 0.0115  -0.0015 5   PRO A CD  
33  N  N   . ILE A 9  ? 0.1655 0.1226 0.1863 -0.0004 0.0117  0.0005  6   ILE A N   
34  C  CA  . ILE A 9  ? 0.1332 0.1156 0.1723 0.0030  0.0046  0.0072  6   ILE A CA  
35  C  C   . ILE A 9  ? 0.1249 0.1037 0.1700 -0.0028 0.0067  0.0127  6   ILE A C   
36  O  O   . ILE A 9  ? 0.1305 0.1146 0.1970 -0.0087 0.0064  0.0192  6   ILE A O   
37  C  CB  . ILE A 9  ? 0.1346 0.1143 0.1710 0.0015  0.0012  0.0044  6   ILE A CB  
38  C  CG1 . ILE A 9  ? 0.1599 0.1415 0.1948 0.0206  -0.0013 -0.0006 6   ILE A CG1 
39  C  CG2 . ILE A 9  ? 0.1475 0.1071 0.1796 0.0102  0.0097  -0.0043 6   ILE A CG2 
40  C  CD1 . ILE A 9  ? 0.1966 0.1435 0.2130 0.0369  -0.0119 0.0098  6   ILE A CD1 
41  N  N   . ALA A 10 ? 0.1190 0.1033 0.1607 0.0029  0.0049  0.0079  7   ALA A N   
42  C  CA  . ALA A 10 ? 0.1233 0.1029 0.1519 0.0051  0.0047  0.0080  7   ALA A CA  
43  C  C   . ALA A 10 ? 0.1126 0.0993 0.1442 -0.0002 0.0037  0.0145  7   ALA A C   
44  O  O   . ALA A 10 ? 0.1108 0.1019 0.1508 0.0004  0.0037  0.0073  7   ALA A O   
45  C  CB  . ALA A 10 ? 0.1473 0.1333 0.1442 0.0064  0.0022  0.0190  7   ALA A CB  
46  N  N   . PHE A 11 ? 0.1103 0.1293 0.1330 0.0035  0.0009  0.0135  8   PHE A N   
47  C  CA  . PHE A 11 ? 0.1133 0.1479 0.1340 -0.0019 0.0019  0.0086  8   PHE A CA  
48  C  C   . PHE A 11 ? 0.1134 0.1520 0.1376 -0.0029 0.0003  0.0010  8   PHE A C   
49  O  O   . PHE A 11 ? 0.1255 0.1578 0.1693 0.0131  -0.0189 -0.0118 8   PHE A O   
50  C  CB  . PHE A 11 ? 0.1214 0.1674 0.1370 0.0013  0.0012  0.0186  8   PHE A CB  
51  C  CG  . PHE A 11 ? 0.1230 0.1844 0.1363 0.0045  0.0176  0.0461  8   PHE A CG  
52  C  CD1 . PHE A 11 ? 0.1484 0.2060 0.1473 0.0087  0.0067  0.0281  8   PHE A CD1 
53  C  CD2 . PHE A 11 ? 0.1437 0.1845 0.1585 0.0011  0.0028  0.0378  8   PHE A CD2 
54  C  CE1 . PHE A 11 ? 0.1560 0.2425 0.1600 0.0218  -0.0033 0.0363  8   PHE A CE1 
55  C  CE2 . PHE A 11 ? 0.1647 0.1929 0.1756 0.0193  0.0239  0.0502  8   PHE A CE2 
56  C  CZ  . PHE A 11 ? 0.1589 0.2164 0.1773 0.0222  0.0189  0.0557  8   PHE A CZ  
57  N  N   . LYS A 12 ? 0.1185 0.1572 0.1386 -0.0029 0.0003  -0.0033 9   LYS A N   
58  C  CA  . LYS A 12 ? 0.1242 0.1630 0.1320 -0.0014 0.0033  -0.0020 9   LYS A CA  
59  C  C   . LYS A 12 ? 0.1223 0.1612 0.1277 -0.0083 -0.0009 -0.0022 9   LYS A C   
60  O  O   . LYS A 12 ? 0.1248 0.2496 0.1324 -0.0335 -0.0028 -0.0036 9   LYS A O   
61  C  CB  . LYS A 12 ? 0.1367 0.1680 0.1481 -0.0054 0.0108  -0.0067 9   LYS A CB  
62  C  CG  . LYS A 12 ? 0.1494 0.1755 0.1796 0.0024  0.0089  -0.0029 9   LYS A CG  
63  C  CD  . LYS A 12 ? 0.1958 0.1738 0.2243 0.0024  0.0262  -0.0021 9   LYS A CD  
64  C  CE  . LYS A 12 ? 0.1978 0.2212 0.2415 -0.0030 0.0226  -0.0125 9   LYS A CE  
65  N  NZ  . LYS A 12 ? 0.2316 0.2124 0.2767 0.0032  0.0262  -0.0115 9   LYS A NZ  
66  N  N   . VAL A 13 ? 0.1138 0.1277 0.1206 0.0072  -0.0072 0.0066  10  VAL A N   
67  C  CA  . VAL A 13 ? 0.1112 0.1201 0.1259 0.0089  -0.0112 0.0130  10  VAL A CA  
68  C  C   . VAL A 13 ? 0.1081 0.1185 0.1219 0.0098  -0.0086 0.0172  10  VAL A C   
69  O  O   . VAL A 13 ? 0.1127 0.1261 0.1145 0.0186  -0.0073 0.0206  10  VAL A O   
70  C  CB  . VAL A 13 ? 0.1185 0.1157 0.1505 0.0102  -0.0197 0.0167  10  VAL A CB  
71  C  CG1 . VAL A 13 ? 0.1263 0.1442 0.1609 0.0104  -0.0170 0.0340  10  VAL A CG1 
72  C  CG2 . VAL A 13 ? 0.1582 0.1115 0.1985 0.0202  -0.0159 0.0096  10  VAL A CG2 
73  N  N   . PRO A 14 ? 0.1176 0.1208 0.1255 0.0092  -0.0146 0.0143  11  PRO A N   
74  C  CA  . PRO A 14 ? 0.1256 0.1221 0.1359 0.0056  -0.0084 0.0070  11  PRO A CA  
75  C  C   . PRO A 14 ? 0.1205 0.1102 0.1192 0.0071  -0.0080 0.0034  11  PRO A C   
76  O  O   . PRO A 14 ? 0.1091 0.1080 0.1250 0.0091  -0.0044 0.0002  11  PRO A O   
77  C  CB  . PRO A 14 ? 0.1416 0.1380 0.1441 0.0052  -0.0132 -0.0028 11  PRO A CB  
78  C  CG  . PRO A 14 ? 0.1434 0.1564 0.1501 0.0050  -0.0122 0.0052  11  PRO A CG  
79  C  CD  . PRO A 14 ? 0.1194 0.1398 0.1342 0.0094  -0.0143 0.0203  11  PRO A CD  
80  N  N   . PRO A 15 ? 0.1213 0.1083 0.1271 0.0086  -0.0069 0.0035  12  PRO A N   
81  C  CA  . PRO A 15 ? 0.1194 0.1153 0.1214 0.0162  -0.0088 0.0030  12  PRO A CA  
82  C  C   . PRO A 15 ? 0.1123 0.1019 0.1179 0.0184  -0.0107 -0.0010 12  PRO A C   
83  O  O   . PRO A 15 ? 0.1201 0.1023 0.1167 0.0137  -0.0125 -0.0095 12  PRO A O   
84  C  CB  . PRO A 15 ? 0.1347 0.1206 0.1390 0.0269  -0.0067 0.0112  12  PRO A CB  
85  C  CG  . PRO A 15 ? 0.1509 0.1327 0.1613 0.0145  -0.0062 0.0096  12  PRO A CG  
86  C  CD  . PRO A 15 ? 0.1369 0.1147 0.1439 0.0017  -0.0022 -0.0002 12  PRO A CD  
87  N  N   A ASN A 16 ? 0.1054 0.1063 0.1177 0.0218  -0.0142 -0.0034 13  ASN A N   
88  N  N   B ASN A 16 ? 0.1090 0.1092 0.1188 0.0165  -0.0089 -0.0021 13  ASN A N   
89  C  CA  A ASN A 16 ? 0.1066 0.1165 0.1267 0.0199  -0.0077 -0.0006 13  ASN A CA  
90  C  CA  B ASN A 16 ? 0.1045 0.1153 0.1244 0.0172  -0.0047 0.0002  13  ASN A CA  
91  C  C   A ASN A 16 ? 0.0985 0.1085 0.1197 0.0165  -0.0058 -0.0030 13  ASN A C   
92  C  C   B ASN A 16 ? 0.0986 0.1079 0.1180 0.0133  -0.0054 -0.0033 13  ASN A C   
93  O  O   A ASN A 16 ? 0.1083 0.1237 0.1220 0.0213  -0.0006 0.0029  13  ASN A O   
94  O  O   B ASN A 16 ? 0.1005 0.1147 0.1205 0.0149  -0.0016 0.0025  13  ASN A O   
95  C  CB  A ASN A 16 ? 0.1184 0.1306 0.1423 0.0200  0.0017  -0.0043 13  ASN A CB  
96  C  CB  B ASN A 16 ? 0.1087 0.1205 0.1308 0.0214  -0.0047 -0.0013 13  ASN A CB  
97  C  CG  A ASN A 16 ? 0.1508 0.1618 0.1784 0.0331  -0.0102 0.0095  13  ASN A CG  
98  C  CG  B ASN A 16 ? 0.1056 0.1639 0.1799 0.0266  0.0105  0.0216  13  ASN A CG  
99  O  OD1 A ASN A 16 ? 0.1600 0.2142 0.2364 0.0267  -0.0374 -0.0045 13  ASN A OD1 
100 O  OD1 B ASN A 16 ? 0.1118 0.1521 0.2379 0.0168  0.0125  0.0274  13  ASN A OD1 
101 N  ND2 A ASN A 16 ? 0.2033 0.1654 0.2572 0.0305  -0.0181 0.0090  13  ASN A ND2 
102 N  ND2 B ASN A 16 ? 0.1804 0.2003 0.1850 0.0293  0.0276  0.0171  13  ASN A ND2 
103 N  N   . SER A 17 ? 0.0944 0.1025 0.1093 0.0137  -0.0119 -0.0027 14  SER A N   
104 C  CA  . SER A 17 ? 0.0959 0.1015 0.1029 0.0078  -0.0151 -0.0037 14  SER A CA  
105 C  C   . SER A 17 ? 0.0896 0.0990 0.1026 0.0049  -0.0176 -0.0029 14  SER A C   
106 O  O   . SER A 17 ? 0.1041 0.1174 0.1060 0.0128  -0.0239 -0.0147 14  SER A O   
107 C  CB  . SER A 17 ? 0.1076 0.1030 0.1156 0.0038  -0.0210 -0.0021 14  SER A CB  
108 O  OG  . SER A 17 ? 0.1342 0.1023 0.1325 -0.0001 -0.0296 -0.0076 14  SER A OG  
109 N  N   . LYS A 18 ? 0.0881 0.0949 0.1035 0.0138  -0.0188 -0.0080 15  LYS A N   
110 C  CA  . LYS A 18 ? 0.0952 0.0987 0.1055 0.0122  -0.0152 -0.0154 15  LYS A CA  
111 C  C   . LYS A 18 ? 0.0911 0.0959 0.1126 0.0108  -0.0187 -0.0251 15  LYS A C   
112 O  O   . LYS A 18 ? 0.0959 0.1582 0.1222 0.0147  -0.0219 -0.0476 15  LYS A O   
113 C  CB  . LYS A 18 ? 0.1140 0.1083 0.1195 0.0026  -0.0087 -0.0132 15  LYS A CB  
114 C  CG  . LYS A 18 ? 0.1572 0.1072 0.1575 0.0058  0.0038  -0.0101 15  LYS A CG  
115 C  CD  . LYS A 18 ? 0.1983 0.1222 0.1720 -0.0035 0.0081  -0.0013 15  LYS A CD  
116 C  CE  . LYS A 18 ? 0.2181 0.1812 0.1754 -0.0187 -0.0174 0.0107  15  LYS A CE  
117 N  NZ  . LYS A 18 ? 0.2097 0.2148 0.1633 -0.0643 -0.0418 0.0345  15  LYS A NZ  
118 N  N   . LEU A 19 ? 0.0836 0.0870 0.1026 0.0031  -0.0236 -0.0194 16  LEU A N   
119 C  CA  . LEU A 19 ? 0.0840 0.0928 0.1092 0.0083  -0.0188 -0.0166 16  LEU A CA  
120 C  C   . LEU A 19 ? 0.0884 0.0905 0.1144 0.0030  -0.0182 -0.0188 16  LEU A C   
121 O  O   . LEU A 19 ? 0.1213 0.0958 0.1319 0.0115  -0.0425 -0.0343 16  LEU A O   
122 C  CB  . LEU A 19 ? 0.1012 0.1115 0.1184 0.0096  -0.0085 -0.0125 16  LEU A CB  
123 C  CG  . LEU A 19 ? 0.1026 0.1455 0.1455 0.0064  -0.0046 0.0132  16  LEU A CG  
124 C  CD1 . LEU A 19 ? 0.1430 0.1695 0.1716 -0.0201 -0.0219 0.0000  16  LEU A CD1 
125 C  CD2 . LEU A 19 ? 0.1553 0.1726 0.1602 0.0029  0.0198  0.0134  16  LEU A CD2 
126 N  N   A LYS A 20 ? 0.0864 0.0868 0.1244 0.0144  -0.0226 -0.0187 17  LYS A N   
127 N  N   B LYS A 20 ? 0.0914 0.0933 0.1228 0.0106  -0.0212 -0.0154 17  LYS A N   
128 C  CA  A LYS A 20 ? 0.0929 0.0913 0.1332 0.0131  -0.0181 -0.0142 17  LYS A CA  
129 C  CA  B LYS A 20 ? 0.0958 0.0965 0.1310 0.0100  -0.0161 -0.0101 17  LYS A CA  
130 C  C   A LYS A 20 ? 0.0871 0.0871 0.1245 0.0077  -0.0289 -0.0142 17  LYS A C   
131 C  C   B LYS A 20 ? 0.0915 0.0905 0.1255 0.0080  -0.0232 -0.0125 17  LYS A C   
132 O  O   A LYS A 20 ? 0.0942 0.0960 0.1466 0.0082  -0.0318 -0.0372 17  LYS A O   
133 O  O   B LYS A 20 ? 0.0889 0.0976 0.1443 0.0093  -0.0258 -0.0267 17  LYS A O   
134 C  CB  A LYS A 20 ? 0.1252 0.1130 0.1411 0.0093  -0.0186 -0.0025 17  LYS A CB  
135 C  CB  B LYS A 20 ? 0.1116 0.1182 0.1371 0.0051  -0.0133 -0.0032 17  LYS A CB  
136 C  CG  A LYS A 20 ? 0.1403 0.1513 0.1828 -0.0009 0.0021  -0.0100 17  LYS A CG  
137 C  CG  B LYS A 20 ? 0.1418 0.1233 0.1685 0.0060  -0.0102 0.0034  17  LYS A CG  
138 C  CD  A LYS A 20 ? 0.2304 0.2183 0.1918 -0.0019 0.0093  0.0020  17  LYS A CD  
139 C  CD  B LYS A 20 ? 0.1845 0.1793 0.1741 -0.0009 -0.0014 0.0094  17  LYS A CD  
140 C  CE  A LYS A 20 ? 0.2321 0.2561 0.2532 -0.0015 0.0093  -0.0080 17  LYS A CE  
141 C  CE  B LYS A 20 ? 0.1997 0.1810 0.2009 0.0014  -0.0035 0.0097  17  LYS A CE  
142 N  NZ  A LYS A 20 ? 0.2841 0.2792 0.2672 -0.0081 0.0130  0.0053  17  LYS A NZ  
143 N  NZ  B LYS A 20 ? 0.2361 0.2113 0.2038 -0.0113 -0.0052 0.0159  17  LYS A NZ  
144 N  N   . VAL A 21 ? 0.0873 0.0845 0.1333 0.0086  -0.0281 -0.0159 18  VAL A N   
145 C  CA  . VAL A 21 ? 0.0942 0.0811 0.1386 0.0116  -0.0224 -0.0156 18  VAL A CA  
146 C  C   . VAL A 21 ? 0.0867 0.0784 0.1382 0.0110  -0.0237 -0.0183 18  VAL A C   
147 O  O   . VAL A 21 ? 0.1076 0.0790 0.1885 0.0112  -0.0514 -0.0196 18  VAL A O   
148 C  CB  . VAL A 21 ? 0.1166 0.1018 0.1420 0.0075  -0.0179 -0.0145 18  VAL A CB  
149 C  CG1 . VAL A 21 ? 0.1245 0.1426 0.1450 0.0222  -0.0036 -0.0146 18  VAL A CG1 
150 C  CG2 . VAL A 21 ? 0.1430 0.1283 0.1553 0.0113  -0.0190 0.0146  18  VAL A CG2 
151 N  N   . THR A 22 ? 0.0827 0.0757 0.1344 0.0100  -0.0227 -0.0110 19  THR A N   
152 C  CA  . THR A 22 ? 0.0861 0.0842 0.1326 0.0081  -0.0100 -0.0006 19  THR A CA  
153 C  C   . THR A 22 ? 0.0833 0.0811 0.1141 0.0065  -0.0158 0.0013  19  THR A C   
154 O  O   . THR A 22 ? 0.0877 0.0766 0.1356 0.0039  -0.0142 -0.0056 19  THR A O   
155 C  CB  . THR A 22 ? 0.1020 0.1094 0.1340 0.0059  -0.0045 0.0031  19  THR A CB  
156 O  OG1 . THR A 22 ? 0.1328 0.1580 0.1593 0.0175  0.0313  0.0154  19  THR A OG1 
157 C  CG2 . THR A 22 ? 0.1394 0.1218 0.1474 0.0148  -0.0116 0.0181  19  THR A CG2 
158 N  N   . PHE A 23 ? 0.0773 0.0788 0.1180 0.0009  -0.0108 0.0001  20  PHE A N   
159 C  CA  . PHE A 23 ? 0.0798 0.0845 0.1217 0.0048  -0.0121 -0.0022 20  PHE A CA  
160 C  C   . PHE A 23 ? 0.0867 0.0892 0.1261 0.0101  -0.0083 0.0080  20  PHE A C   
161 O  O   . PHE A 23 ? 0.0932 0.1038 0.1503 0.0088  -0.0093 0.0253  20  PHE A O   
162 C  CB  . PHE A 23 ? 0.0909 0.0832 0.1360 0.0087  -0.0095 -0.0064 20  PHE A CB  
163 C  CG  . PHE A 23 ? 0.0991 0.0938 0.1260 0.0121  -0.0154 -0.0173 20  PHE A CG  
164 C  CD1 . PHE A 23 ? 0.1105 0.1286 0.1218 0.0090  -0.0093 -0.0068 20  PHE A CD1 
165 C  CD2 . PHE A 23 ? 0.1039 0.1239 0.1391 -0.0010 -0.0164 -0.0114 20  PHE A CD2 
166 C  CE1 . PHE A 23 ? 0.1382 0.1391 0.1271 0.0100  -0.0111 0.0008  20  PHE A CE1 
167 C  CE2 . PHE A 23 ? 0.1172 0.1609 0.1530 0.0129  -0.0371 -0.0121 20  PHE A CE2 
168 C  CZ  . PHE A 23 ? 0.1434 0.1352 0.1405 0.0211  -0.0347 -0.0121 20  PHE A CZ  
169 N  N   . PHE A 24 ? 0.0835 0.0965 0.1148 0.0103  -0.0088 0.0118  21  PHE A N   
170 C  CA  . PHE A 24 ? 0.0832 0.1084 0.1160 0.0117  -0.0096 0.0125  21  PHE A CA  
171 C  C   . PHE A 24 ? 0.0842 0.1038 0.1121 0.0090  -0.0113 0.0123  21  PHE A C   
172 O  O   . PHE A 24 ? 0.0916 0.1113 0.1216 0.0179  -0.0006 0.0154  21  PHE A O   
173 C  CB  . PHE A 24 ? 0.0908 0.1233 0.1226 0.0111  -0.0202 0.0084  21  PHE A CB  
174 C  CG  . PHE A 24 ? 0.1002 0.1176 0.1234 0.0086  -0.0203 0.0021  21  PHE A CG  
175 C  CD1 . PHE A 24 ? 0.1437 0.1336 0.1246 0.0266  -0.0088 0.0023  21  PHE A CD1 
176 C  CD2 . PHE A 24 ? 0.1114 0.1124 0.1305 0.0122  -0.0113 0.0089  21  PHE A CD2 
177 C  CE1 . PHE A 24 ? 0.1450 0.1574 0.1262 0.0139  -0.0028 -0.0065 21  PHE A CE1 
178 C  CE2 . PHE A 24 ? 0.1217 0.1192 0.1648 0.0176  -0.0077 -0.0045 21  PHE A CE2 
179 C  CZ  . PHE A 24 ? 0.1330 0.1312 0.1599 0.0164  0.0084  -0.0243 21  PHE A CZ  
180 N  N   . GLY A 25 ? 0.0936 0.1056 0.1194 0.0156  -0.0049 0.0143  22  GLY A N   
181 C  CA  . GLY A 25 ? 0.0987 0.1109 0.1223 0.0144  -0.0057 0.0050  22  GLY A CA  
182 C  C   . GLY A 25 ? 0.0951 0.1027 0.1161 0.0133  -0.0011 0.0152  22  GLY A C   
183 O  O   . GLY A 25 ? 0.1000 0.1064 0.1308 0.0145  -0.0025 0.0102  22  GLY A O   
184 N  N   . PRO A 26 ? 0.0924 0.1125 0.1310 0.0139  -0.0050 0.0115  23  PRO A N   
185 C  CA  . PRO A 26 ? 0.0931 0.1207 0.1334 0.0083  -0.0039 0.0148  23  PRO A CA  
186 C  C   . PRO A 26 ? 0.0972 0.1223 0.1280 0.0091  -0.0046 0.0197  23  PRO A C   
187 O  O   . PRO A 26 ? 0.1115 0.1400 0.1291 -0.0087 -0.0133 0.0222  23  PRO A O   
188 C  CB  . PRO A 26 ? 0.0980 0.1433 0.1454 0.0215  0.0006  0.0142  23  PRO A CB  
189 C  CG  . PRO A 26 ? 0.1132 0.1552 0.1888 0.0190  0.0002  -0.0011 23  PRO A CG  
190 C  CD  . PRO A 26 ? 0.1035 0.1218 0.1436 0.0145  0.0001  0.0023  23  PRO A CD  
191 N  N   A TYR A 27 ? 0.1035 0.1205 0.1236 0.0033  -0.0082 0.0179  24  TYR A N   
192 N  N   B TYR A 27 ? 0.1043 0.1218 0.1249 0.0023  -0.0071 0.0181  24  TYR A N   
193 C  CA  A TYR A 27 ? 0.1104 0.1339 0.1249 0.0019  -0.0081 0.0165  24  TYR A CA  
194 C  CA  B TYR A 27 ? 0.1143 0.1353 0.1265 0.0016  -0.0054 0.0167  24  TYR A CA  
195 C  C   A TYR A 27 ? 0.1114 0.1376 0.1245 0.0024  -0.0104 0.0132  24  TYR A C   
196 C  C   B TYR A 27 ? 0.1147 0.1363 0.1247 0.0018  -0.0077 0.0148  24  TYR A C   
197 O  O   A TYR A 27 ? 0.1066 0.1656 0.1229 -0.0035 -0.0125 0.0114  24  TYR A O   
198 O  O   B TYR A 27 ? 0.1209 0.1563 0.1254 -0.0019 -0.0034 0.0085  24  TYR A O   
199 C  CB  A TYR A 27 ? 0.1195 0.1372 0.1316 0.0078  -0.0111 0.0227  24  TYR A CB  
200 C  CB  B TYR A 27 ? 0.1249 0.1412 0.1312 0.0017  -0.0065 0.0252  24  TYR A CB  
201 C  CG  A TYR A 27 ? 0.1261 0.1289 0.1328 0.0076  -0.0035 0.0269  24  TYR A CG  
202 C  CG  B TYR A 27 ? 0.1341 0.1323 0.1412 0.0063  -0.0014 0.0257  24  TYR A CG  
203 C  CD1 A TYR A 27 ? 0.1241 0.1364 0.1474 0.0163  -0.0033 0.0111  24  TYR A CD1 
204 C  CD1 B TYR A 27 ? 0.1334 0.1437 0.1335 0.0119  0.0057  0.0043  24  TYR A CD1 
205 C  CD2 A TYR A 27 ? 0.1312 0.1429 0.1512 0.0051  -0.0088 0.0161  24  TYR A CD2 
206 C  CD2 B TYR A 27 ? 0.1504 0.1553 0.1335 0.0074  -0.0094 0.0210  24  TYR A CD2 
207 C  CE1 A TYR A 27 ? 0.1169 0.1567 0.1744 0.0274  0.0052  0.0231  24  TYR A CE1 
208 C  CE1 B TYR A 27 ? 0.1339 0.1558 0.1617 0.0217  0.0016  0.0123  24  TYR A CE1 
209 C  CE2 A TYR A 27 ? 0.1447 0.1471 0.1609 0.0050  0.0064  0.0147  24  TYR A CE2 
210 C  CE2 B TYR A 27 ? 0.1714 0.1574 0.1468 0.0205  0.0007  0.0118  24  TYR A CE2 
211 C  CZ  A TYR A 27 ? 0.1397 0.1623 0.1755 0.0306  0.0095  0.0168  24  TYR A CZ  
212 C  CZ  B TYR A 27 ? 0.1528 0.1648 0.1635 0.0278  0.0080  0.0094  24  TYR A CZ  
213 O  OH  A TYR A 27 ? 0.1516 0.1874 0.2093 0.0354  0.0353  0.0150  24  TYR A OH  
214 O  OH  B TYR A 27 ? 0.1595 0.1800 0.1871 0.0314  0.0315  0.0166  24  TYR A OH  
215 N  N   . ASN A 28 ? 0.1107 0.1331 0.1253 0.0077  -0.0056 0.0086  25  ASN A N   
216 C  CA  . ASN A 28 ? 0.1213 0.1415 0.1489 0.0134  -0.0016 0.0084  25  ASN A CA  
217 C  C   . ASN A 28 ? 0.1194 0.1375 0.1407 0.0171  0.0009  0.0124  25  ASN A C   
218 O  O   . ASN A 28 ? 0.1242 0.1472 0.1722 0.0252  0.0154  0.0108  25  ASN A O   
219 C  CB  . ASN A 28 ? 0.1353 0.1673 0.1611 0.0107  -0.0020 -0.0029 25  ASN A CB  
220 C  CG  . ASN A 28 ? 0.1496 0.1823 0.1982 0.0274  -0.0067 0.0070  25  ASN A CG  
221 O  OD1 . ASN A 28 ? 0.2020 0.1694 0.2134 0.0263  -0.0040 0.0174  25  ASN A OD1 
222 N  ND2 . ASN A 28 ? 0.1910 0.2286 0.2133 0.0397  0.0090  -0.0065 25  ASN A ND2 
223 N  N   . GLU A 29 ? 0.1079 0.1363 0.1322 0.0135  -0.0052 0.0137  26  GLU A N   
224 C  CA  . GLU A 29 ? 0.1136 0.1369 0.1390 0.0116  -0.0055 0.0246  26  GLU A CA  
225 C  C   . GLU A 29 ? 0.1037 0.1181 0.1349 0.0105  -0.0008 0.0237  26  GLU A C   
226 O  O   . GLU A 29 ? 0.1042 0.1348 0.1292 0.0092  -0.0037 0.0261  26  GLU A O   
227 C  CB  . GLU A 29 ? 0.1312 0.1358 0.1641 0.0145  -0.0120 0.0331  26  GLU A CB  
228 C  CG  . GLU A 29 ? 0.1554 0.1403 0.1724 0.0114  -0.0112 0.0219  26  GLU A CG  
229 C  CD  . GLU A 29 ? 0.1603 0.1288 0.1587 0.0207  -0.0085 0.0275  26  GLU A CD  
230 O  OE1 . GLU A 29 ? 0.1197 0.1566 0.1576 0.0044  0.0045  0.0317  26  GLU A OE1 
231 O  OE2 . GLU A 29 ? 0.2065 0.1530 0.1939 0.0000  0.0135  -0.0013 26  GLU A OE2 
232 N  N   . VAL A 30 ? 0.1047 0.1337 0.1342 0.0081  -0.0017 0.0280  27  VAL A N   
233 C  CA  . VAL A 30 ? 0.1071 0.1319 0.1489 0.0073  -0.0072 0.0248  27  VAL A CA  
234 C  C   . VAL A 30 ? 0.1197 0.1132 0.1610 0.0029  -0.0072 0.0284  27  VAL A C   
235 O  O   . VAL A 30 ? 0.1831 0.1174 0.1811 0.0005  -0.0055 0.0352  27  VAL A O   
236 C  CB  . VAL A 30 ? 0.1090 0.1520 0.1702 0.0089  -0.0018 0.0262  27  VAL A CB  
237 C  CG1 . VAL A 30 ? 0.1154 0.1926 0.1940 0.0113  -0.0112 0.0188  27  VAL A CG1 
238 C  CG2 . VAL A 30 ? 0.1241 0.1714 0.1842 0.0195  0.0006  0.0103  27  VAL A CG2 
239 N  N   . ILE A 31 ? 0.1146 0.0989 0.1565 0.0060  -0.0197 0.0199  28  ILE A N   
240 C  CA  . ILE A 31 ? 0.1216 0.1041 0.1769 0.0041  -0.0270 0.0075  28  ILE A CA  
241 C  C   . ILE A 31 ? 0.1247 0.0904 0.1861 0.0064  -0.0310 0.0057  28  ILE A C   
242 O  O   . ILE A 31 ? 0.1427 0.0930 0.2315 0.0003  -0.0426 0.0096  28  ILE A O   
243 C  CB  . ILE A 31 ? 0.1282 0.1117 0.1768 0.0102  -0.0234 0.0051  28  ILE A CB  
244 C  CG1 . ILE A 31 ? 0.1280 0.1471 0.1675 0.0079  -0.0168 -0.0043 28  ILE A CG1 
245 C  CG2 . ILE A 31 ? 0.1476 0.1416 0.1910 0.0041  -0.0376 -0.0117 28  ILE A CG2 
246 C  CD1 . ILE A 31 ? 0.1511 0.1786 0.1786 -0.0060 0.0042  -0.0113 28  ILE A CD1 
247 N  N   . THR A 32 ? 0.1176 0.0903 0.1831 0.0021  -0.0365 0.0067  29  THR A N   
248 C  CA  . THR A 32 ? 0.1189 0.0983 0.1792 -0.0009 -0.0291 0.0118  29  THR A CA  
249 C  C   . THR A 32 ? 0.1095 0.0921 0.1728 -0.0027 -0.0244 0.0069  29  THR A C   
250 O  O   . THR A 32 ? 0.1017 0.0932 0.1793 -0.0056 -0.0267 0.0038  29  THR A O   
251 C  CB  . THR A 32 ? 0.1396 0.1123 0.1935 -0.0002 -0.0331 -0.0014 29  THR A CB  
252 O  OG1 . THR A 32 ? 0.1466 0.1323 0.2227 -0.0096 -0.0519 0.0207  29  THR A OG1 
253 C  CG2 . THR A 32 ? 0.1618 0.1479 0.1810 -0.0050 -0.0148 -0.0066 29  THR A CG2 
254 N  N   . ASN A 33 ? 0.1100 0.1015 0.1891 -0.0050 -0.0285 0.0091  30  ASN A N   
255 C  CA  . ASN A 33 ? 0.1256 0.1157 0.1924 0.0047  -0.0359 -0.0047 30  ASN A CA  
256 C  C   . ASN A 33 ? 0.1016 0.1007 0.1931 -0.0023 -0.0349 -0.0111 30  ASN A C   
257 O  O   . ASN A 33 ? 0.1185 0.0994 0.2264 -0.0052 -0.0557 -0.0121 30  ASN A O   
258 C  CB  . ASN A 33 ? 0.1643 0.1784 0.2240 0.0008  -0.0102 -0.0079 30  ASN A CB  
259 C  CG  . ASN A 33 ? 0.2140 0.2420 0.2396 -0.0034 -0.0268 -0.0064 30  ASN A CG  
260 O  OD1 . ASN A 33 ? 0.2857 0.2787 0.2872 -0.0284 -0.0211 -0.0530 30  ASN A OD1 
261 N  ND2 . ASN A 33 ? 0.2875 0.2683 0.2860 -0.0279 -0.0206 0.0255  30  ASN A ND2 
262 N  N   . VAL A 34 ? 0.0920 0.0941 0.1721 0.0035  -0.0329 -0.0184 31  VAL A N   
263 C  CA  . VAL A 34 ? 0.0924 0.1005 0.1658 0.0066  -0.0288 -0.0225 31  VAL A CA  
264 C  C   . VAL A 34 ? 0.0919 0.0861 0.1509 -0.0004 -0.0298 -0.0178 31  VAL A C   
265 O  O   . VAL A 34 ? 0.1069 0.1012 0.1749 0.0104  -0.0454 -0.0388 31  VAL A O   
266 C  CB  . VAL A 34 ? 0.1121 0.1212 0.1696 0.0118  -0.0233 -0.0218 31  VAL A CB  
267 C  CG1 . VAL A 34 ? 0.1339 0.1442 0.2104 0.0265  -0.0117 -0.0408 31  VAL A CG1 
268 C  CG2 . VAL A 34 ? 0.1188 0.1500 0.1878 -0.0082 -0.0114 -0.0275 31  VAL A CG2 
269 N  N   . SER A 35 ? 0.0916 0.0737 0.1353 0.0040  -0.0275 -0.0196 32  SER A N   
270 C  CA  . SER A 35 ? 0.0923 0.0841 0.1384 0.0054  -0.0276 -0.0153 32  SER A CA  
271 C  C   . SER A 35 ? 0.0889 0.0819 0.1251 -0.0003 -0.0237 -0.0158 32  SER A C   
272 O  O   . SER A 35 ? 0.1182 0.0824 0.1411 0.0026  -0.0428 -0.0260 32  SER A O   
273 C  CB  . SER A 35 ? 0.0905 0.0822 0.1396 0.0205  -0.0328 -0.0138 32  SER A CB  
274 O  OG  . SER A 35 ? 0.1158 0.0950 0.1325 -0.0010 -0.0213 -0.0117 32  SER A OG  
275 N  N   . ILE A 36 ? 0.0947 0.0802 0.1179 0.0045  -0.0234 -0.0160 33  ILE A N   
276 C  CA  . ILE A 36 ? 0.0984 0.0947 0.1089 0.0043  -0.0153 -0.0090 33  ILE A CA  
277 C  C   . ILE A 36 ? 0.0905 0.0864 0.0986 -0.0017 -0.0195 -0.0053 33  ILE A C   
278 O  O   . ILE A 36 ? 0.1038 0.1051 0.1143 0.0078  -0.0246 -0.0283 33  ILE A O   
279 C  CB  . ILE A 36 ? 0.1016 0.0974 0.1279 0.0031  -0.0035 -0.0103 33  ILE A CB  
280 C  CG1 . ILE A 36 ? 0.1109 0.1242 0.1620 0.0106  0.0126  -0.0068 33  ILE A CG1 
281 C  CG2 . ILE A 36 ? 0.1464 0.1317 0.1223 -0.0003 0.0005  0.0170  33  ILE A CG2 
282 C  CD1 . ILE A 36 ? 0.1411 0.1509 0.2195 -0.0034 0.0364  0.0025  33  ILE A CD1 
283 N  N   . ILE A 37 ? 0.0932 0.0892 0.1056 0.0087  -0.0208 -0.0087 34  ILE A N   
284 C  CA  . ILE A 37 ? 0.1002 0.1016 0.1101 0.0130  -0.0157 0.0006  34  ILE A CA  
285 C  C   . ILE A 37 ? 0.1030 0.0982 0.1046 0.0128  -0.0164 -0.0021 34  ILE A C   
286 O  O   . ILE A 37 ? 0.1422 0.1092 0.1081 0.0291  -0.0084 -0.0001 34  ILE A O   
287 C  CB  . ILE A 37 ? 0.1032 0.1152 0.1479 0.0161  -0.0049 0.0123  34  ILE A CB  
288 C  CG1 . ILE A 37 ? 0.1236 0.1551 0.1588 0.0077  -0.0093 0.0045  34  ILE A CG1 
289 C  CG2 . ILE A 37 ? 0.1459 0.1248 0.1670 0.0186  0.0015  0.0233  34  ILE A CG2 
290 C  CD1 . ILE A 37 ? 0.1372 0.1977 0.2070 -0.0160 0.0040  -0.0078 34  ILE A CD1 
291 N  N   . ASN A 38 ? 0.1128 0.0930 0.1001 0.0150  -0.0237 0.0000  35  ASN A N   
292 C  CA  . ASN A 38 ? 0.1066 0.0996 0.1085 0.0103  -0.0238 0.0019  35  ASN A CA  
293 C  C   . ASN A 38 ? 0.1038 0.0985 0.1196 0.0054  -0.0244 0.0003  35  ASN A C   
294 O  O   . ASN A 38 ? 0.1046 0.0985 0.1274 0.0107  -0.0242 -0.0061 35  ASN A O   
295 C  CB  . ASN A 38 ? 0.1084 0.0960 0.1177 0.0143  -0.0196 0.0000  35  ASN A CB  
296 C  CG  . ASN A 38 ? 0.1085 0.1055 0.1247 0.0163  -0.0155 0.0124  35  ASN A CG  
297 O  OD1 . ASN A 38 ? 0.1203 0.1235 0.1469 0.0141  -0.0277 0.0200  35  ASN A OD1 
298 N  ND2 . ASN A 38 ? 0.1342 0.1005 0.1522 0.0178  -0.0319 0.0018  35  ASN A ND2 
299 N  N   . GLN A 39 ? 0.1072 0.1106 0.1317 0.0042  -0.0254 -0.0057 36  GLN A N   
300 C  CA  . GLN A 39 ? 0.1099 0.1183 0.1455 0.0024  -0.0157 -0.0023 36  GLN A CA  
301 C  C   . GLN A 39 ? 0.1082 0.1222 0.1511 0.0093  -0.0173 -0.0014 36  GLN A C   
302 O  O   . GLN A 39 ? 0.1186 0.1385 0.1853 0.0149  -0.0071 -0.0015 36  GLN A O   
303 C  CB  . GLN A 39 ? 0.1125 0.1270 0.1722 0.0015  -0.0164 -0.0017 36  GLN A CB  
304 C  CG  . GLN A 39 ? 0.1505 0.1499 0.1872 -0.0149 -0.0379 -0.0053 36  GLN A CG  
305 C  CD  . GLN A 39 ? 0.1452 0.1968 0.1816 -0.0355 -0.0374 -0.0276 36  GLN A CD  
306 O  OE1 . GLN A 39 ? 0.1778 0.2235 0.2137 0.0012  -0.0693 -0.0758 36  GLN A OE1 
307 N  NE2 . GLN A 39 ? 0.1457 0.2747 0.1753 -0.0332 -0.0342 -0.0216 36  GLN A NE2 
308 N  N   . LEU A 40 ? 0.1082 0.1170 0.1539 0.0145  -0.0201 0.0068  37  LEU A N   
309 C  CA  . LEU A 40 ? 0.1236 0.1276 0.1543 0.0179  -0.0222 0.0132  37  LEU A CA  
310 C  C   . LEU A 40 ? 0.1179 0.1176 0.1548 0.0232  -0.0174 0.0144  37  LEU A C   
311 O  O   . LEU A 40 ? 0.1334 0.1144 0.1484 0.0222  -0.0231 0.0119  37  LEU A O   
312 C  CB  . LEU A 40 ? 0.1425 0.1447 0.1594 0.0198  -0.0198 0.0181  37  LEU A CB  
313 C  CG  . LEU A 40 ? 0.2103 0.1838 0.1629 0.0163  -0.0290 0.0016  37  LEU A CG  
314 C  CD1 . LEU A 40 ? 0.2625 0.2478 0.1884 0.0150  0.0011  0.0118  37  LEU A CD1 
315 C  CD2 . LEU A 40 ? 0.2237 0.2333 0.2236 0.0008  -0.0540 0.0056  37  LEU A CD2 
316 N  N   . SER A 41 ? 0.1304 0.1222 0.1651 0.0284  -0.0161 0.0208  38  SER A N   
317 C  CA  . SER A 41 ? 0.1507 0.1291 0.1748 0.0312  -0.0095 0.0155  38  SER A CA  
318 C  C   . SER A 41 ? 0.1564 0.1122 0.1669 0.0295  -0.0125 0.0228  38  SER A C   
319 O  O   . SER A 41 ? 0.1733 0.1124 0.1831 0.0187  -0.0037 0.0150  38  SER A O   
320 C  CB  . SER A 41 ? 0.1563 0.1455 0.2057 0.0377  -0.0026 0.0071  38  SER A CB  
321 O  OG  . SER A 41 ? 0.2012 0.1795 0.2238 0.0476  -0.0239 0.0217  38  SER A OG  
322 N  N   . THR A 42 ? 0.1569 0.1172 0.1655 0.0258  -0.0108 0.0284  39  THR A N   
323 C  CA  . THR A 42 ? 0.1626 0.1269 0.1742 0.0324  -0.0052 0.0384  39  THR A CA  
324 C  C   . THR A 42 ? 0.1601 0.1230 0.1664 0.0326  -0.0092 0.0358  39  THR A C   
325 O  O   . THR A 42 ? 0.1619 0.1154 0.1763 0.0389  -0.0054 0.0288  39  THR A O   
326 C  CB  . THR A 42 ? 0.1776 0.1684 0.1872 0.0372  -0.0054 0.0617  39  THR A CB  
327 O  OG1 . THR A 42 ? 0.2365 0.2151 0.1822 0.0376  -0.0266 0.0402  39  THR A OG1 
328 C  CG2 . THR A 42 ? 0.1908 0.1730 0.2109 0.0431  -0.0122 0.0756  39  THR A CG2 
329 N  N   . PRO A 43 ? 0.1623 0.1236 0.1717 0.0313  -0.0003 0.0335  40  PRO A N   
330 C  CA  . PRO A 43 ? 0.1570 0.1410 0.1579 0.0341  -0.0069 0.0238  40  PRO A CA  
331 C  C   . PRO A 43 ? 0.1614 0.1618 0.1484 0.0335  -0.0064 0.0226  40  PRO A C   
332 O  O   . PRO A 43 ? 0.1904 0.2041 0.1483 0.0455  -0.0057 0.0349  40  PRO A O   
333 C  CB  . PRO A 43 ? 0.1680 0.1593 0.1782 0.0210  -0.0013 0.0291  40  PRO A CB  
334 C  CG  . PRO A 43 ? 0.1903 0.1614 0.2156 0.0183  -0.0052 0.0239  40  PRO A CG  
335 C  CD  . PRO A 43 ? 0.1812 0.1314 0.1918 0.0245  0.0084  0.0324  40  PRO A CD  
336 N  N   A LYS A 44 ? 0.1622 0.1628 0.1517 0.0328  -0.0051 0.0105  41  LYS A N   
337 N  N   B LYS A 44 ? 0.1629 0.1635 0.1534 0.0330  -0.0058 0.0106  41  LYS A N   
338 C  CA  A LYS A 44 ? 0.1745 0.1785 0.1644 0.0297  -0.0063 0.0005  41  LYS A CA  
339 C  CA  B LYS A 44 ? 0.1772 0.1796 0.1646 0.0297  -0.0061 0.0017  41  LYS A CA  
340 C  C   A LYS A 44 ? 0.1683 0.1694 0.1487 0.0278  -0.0097 0.0049  41  LYS A C   
341 C  C   B LYS A 44 ? 0.1693 0.1701 0.1493 0.0274  -0.0095 0.0050  41  LYS A C   
342 O  O   A LYS A 44 ? 0.1843 0.1958 0.1498 0.0472  -0.0126 0.0079  41  LYS A O   
343 O  O   B LYS A 44 ? 0.1851 0.1952 0.1518 0.0485  -0.0130 0.0084  41  LYS A O   
344 C  CB  A LYS A 44 ? 0.1943 0.1871 0.1817 0.0157  -0.0042 0.0003  41  LYS A CB  
345 C  CB  B LYS A 44 ? 0.1914 0.1910 0.1869 0.0181  -0.0066 -0.0011 41  LYS A CB  
346 C  CG  A LYS A 44 ? 0.1944 0.2127 0.2176 0.0172  -0.0057 -0.0008 41  LYS A CG  
347 C  CG  B LYS A 44 ? 0.2234 0.2107 0.1974 0.0051  -0.0048 0.0096  41  LYS A CG  
348 C  CD  A LYS A 44 ? 0.2280 0.2393 0.2192 0.0116  -0.0029 0.0004  41  LYS A CD  
349 C  CD  B LYS A 44 ? 0.2359 0.2276 0.2298 0.0102  0.0037  -0.0029 41  LYS A CD  
350 C  CE  A LYS A 44 ? 0.2336 0.2667 0.2448 0.0280  0.0009  0.0031  41  LYS A CE  
351 C  CE  B LYS A 44 ? 0.2566 0.2272 0.2266 0.0084  -0.0003 0.0014  41  LYS A CE  
352 N  NZ  A LYS A 44 ? 0.2416 0.2834 0.2404 0.0257  -0.0052 -0.0127 41  LYS A NZ  
353 N  NZ  B LYS A 44 ? 0.2455 0.2403 0.2499 0.0047  -0.0034 -0.0015 41  LYS A NZ  
354 N  N   . CYS A 45 ? 0.1649 0.1702 0.1495 0.0303  -0.0100 0.0079  42  CYS A N   
355 C  CA  . CYS A 45 ? 0.1610 0.1643 0.1639 0.0183  -0.0044 -0.0012 42  CYS A CA  
356 C  C   . CYS A 45 ? 0.1565 0.1637 0.1491 0.0141  -0.0043 -0.0001 42  CYS A C   
357 O  O   . CYS A 45 ? 0.1741 0.1798 0.1733 0.0165  -0.0225 -0.0027 42  CYS A O   
358 C  CB  . CYS A 45 ? 0.1864 0.1719 0.1745 0.0106  0.0034  -0.0027 42  CYS A CB  
359 S  SG  . CYS A 45 ? 0.1964 0.1746 0.2436 0.0067  0.0483  0.0124  42  CYS A SG  
360 N  N   . GLN A 46 ? 0.1460 0.1541 0.1518 0.0027  -0.0084 -0.0022 43  GLN A N   
361 C  CA  . GLN A 46 ? 0.1549 0.1585 0.1751 -0.0030 -0.0048 -0.0020 43  GLN A CA  
362 C  C   . GLN A 46 ? 0.1488 0.1515 0.1695 -0.0032 -0.0147 0.0028  43  GLN A C   
363 O  O   . GLN A 46 ? 0.1517 0.1635 0.1768 -0.0081 -0.0218 0.0079  43  GLN A O   
364 C  CB  . GLN A 46 ? 0.1687 0.1997 0.1934 -0.0127 0.0066  0.0031  43  GLN A CB  
365 C  CG  . GLN A 46 ? 0.2420 0.2127 0.2652 0.0032  0.0130  -0.0038 43  GLN A CG  
366 C  CD  . GLN A 46 ? 0.2770 0.2604 0.3117 0.0117  -0.0197 -0.0309 43  GLN A CD  
367 O  OE1 . GLN A 46 ? 0.2741 0.3214 0.4231 0.0159  -0.0223 -0.0348 43  GLN A OE1 
368 N  NE2 . GLN A 46 ? 0.2917 0.2800 0.3471 0.0168  -0.0279 -0.0609 43  GLN A NE2 
369 N  N   . THR A 47 ? 0.1655 0.1444 0.2010 0.0009  -0.0210 -0.0063 44  THR A N   
370 C  CA  . THR A 47 ? 0.1775 0.1446 0.2438 0.0022  -0.0165 -0.0014 44  THR A CA  
371 C  C   . THR A 47 ? 0.1796 0.1369 0.2608 0.0000  -0.0158 -0.0027 44  THR A C   
372 O  O   . THR A 47 ? 0.1813 0.1451 0.3155 -0.0012 -0.0242 -0.0033 44  THR A O   
373 C  CB  . THR A 47 ? 0.2030 0.1813 0.2516 0.0044  -0.0078 -0.0052 44  THR A CB  
374 O  OG1 . THR A 47 ? 0.2565 0.2185 0.2722 -0.0001 -0.0189 -0.0402 44  THR A OG1 
375 C  CG2 . THR A 47 ? 0.2301 0.1907 0.2472 -0.0012 0.0048  -0.0045 44  THR A CG2 
376 N  N   . ILE A 48 ? 0.1763 0.1243 0.2693 0.0019  -0.0096 0.0023  45  ILE A N   
377 C  CA  . ILE A 48 ? 0.1805 0.1241 0.2576 0.0051  0.0081  0.0031  45  ILE A CA  
378 C  C   . ILE A 48 ? 0.1838 0.1306 0.2426 -0.0046 0.0053  0.0047  45  ILE A C   
379 O  O   . ILE A 48 ? 0.1849 0.1169 0.2408 -0.0039 0.0169  -0.0031 45  ILE A O   
380 C  CB  . ILE A 48 ? 0.1784 0.1347 0.2504 0.0060  0.0250  0.0008  45  ILE A CB  
381 C  CG1 . ILE A 48 ? 0.1937 0.1582 0.2579 0.0040  0.0425  0.0002  45  ILE A CG1 
382 C  CG2 . ILE A 48 ? 0.1823 0.1306 0.2728 0.0279  0.0393  -0.0154 45  ILE A CG2 
383 C  CD1 . ILE A 48 ? 0.1929 0.1939 0.3188 -0.0011 0.0610  0.0084  45  ILE A CD1 
384 N  N   . THR A 49 ? 0.2084 0.1454 0.2297 -0.0119 -0.0144 0.0105  46  THR A N   
385 C  CA  . THR A 49 ? 0.2353 0.1704 0.2199 -0.0095 -0.0080 0.0147  46  THR A CA  
386 C  C   . THR A 49 ? 0.2124 0.1574 0.1944 -0.0151 0.0004  0.0069  46  THR A C   
387 O  O   . THR A 49 ? 0.2545 0.1943 0.2170 -0.0026 0.0296  0.0059  46  THR A O   
388 C  CB  . THR A 49 ? 0.2663 0.2041 0.2227 -0.0027 -0.0155 0.0150  46  THR A CB  
389 O  OG1 . THR A 49 ? 0.2856 0.2529 0.2788 -0.0255 -0.0356 0.0187  46  THR A OG1 
390 C  CG2 . THR A 49 ? 0.2888 0.2200 0.2565 -0.0020 -0.0178 0.0365  46  THR A CG2 
391 N  N   . ARG A 50 ? 0.1739 0.1253 0.1832 -0.0145 -0.0064 -0.0042 47  ARG A N   
392 C  CA  . ARG A 50 ? 0.1608 0.1227 0.1733 -0.0175 -0.0097 -0.0054 47  ARG A CA  
393 C  C   . ARG A 50 ? 0.1442 0.1194 0.1683 -0.0105 -0.0018 -0.0083 47  ARG A C   
394 O  O   . ARG A 50 ? 0.1359 0.1443 0.1668 -0.0079 0.0077  -0.0028 47  ARG A O   
395 C  CB  . ARG A 50 ? 0.1639 0.1312 0.1946 -0.0209 -0.0131 -0.0013 47  ARG A CB  
396 C  CG  . ARG A 50 ? 0.2008 0.1560 0.2035 -0.0281 -0.0248 -0.0051 47  ARG A CG  
397 C  CD  . ARG A 50 ? 0.1974 0.1707 0.2388 -0.0326 -0.0187 -0.0061 47  ARG A CD  
398 N  NE  . ARG A 50 ? 0.2045 0.1645 0.2389 -0.0370 -0.0311 -0.0109 47  ARG A NE  
399 C  CZ  . ARG A 50 ? 0.1963 0.1553 0.2035 -0.0289 -0.0147 -0.0133 47  ARG A CZ  
400 N  NH1 . ARG A 50 ? 0.2100 0.1636 0.2310 -0.0222 -0.0396 0.0007  47  ARG A NH1 
401 N  NH2 . ARG A 50 ? 0.1931 0.1620 0.2038 -0.0223 -0.0133 -0.0157 47  ARG A NH2 
402 N  N   . TYR A 51 ? 0.1466 0.1311 0.1639 -0.0033 -0.0020 -0.0168 48  TYR A N   
403 C  CA  . TYR A 51 ? 0.1482 0.1536 0.1651 -0.0022 -0.0063 -0.0142 48  TYR A CA  
404 C  C   . TYR A 51 ? 0.1483 0.1656 0.1810 0.0007  -0.0064 -0.0085 48  TYR A C   
405 O  O   . TYR A 51 ? 0.1527 0.1580 0.1824 0.0133  -0.0117 -0.0175 48  TYR A O   
406 C  CB  . TYR A 51 ? 0.1571 0.1610 0.1679 -0.0024 -0.0096 -0.0258 48  TYR A CB  
407 C  CG  . TYR A 51 ? 0.1501 0.1369 0.1773 -0.0044 -0.0120 -0.0320 48  TYR A CG  
408 C  CD1 . TYR A 51 ? 0.1515 0.1574 0.1836 0.0015  -0.0178 -0.0218 48  TYR A CD1 
409 C  CD2 . TYR A 51 ? 0.1521 0.1331 0.1900 0.0086  -0.0027 -0.0291 48  TYR A CD2 
410 C  CE1 . TYR A 51 ? 0.1613 0.1454 0.2040 0.0037  -0.0003 -0.0245 48  TYR A CE1 
411 C  CE2 . TYR A 51 ? 0.1773 0.1235 0.1999 0.0102  -0.0002 -0.0134 48  TYR A CE2 
412 C  CZ  . TYR A 51 ? 0.1713 0.1403 0.1996 0.0047  0.0197  -0.0150 48  TYR A CZ  
413 O  OH  . TYR A 51 ? 0.1926 0.1710 0.2300 0.0062  0.0415  0.0012  48  TYR A OH  
414 N  N   . PRO A 52 ? 0.1572 0.1904 0.1901 0.0052  -0.0113 0.0015  49  PRO A N   
415 C  CA  . PRO A 52 ? 0.1658 0.1942 0.1996 0.0075  -0.0120 0.0022  49  PRO A CA  
416 C  C   . PRO A 52 ? 0.1649 0.1857 0.1919 0.0105  -0.0121 -0.0055 49  PRO A C   
417 O  O   . PRO A 52 ? 0.1658 0.1864 0.1994 0.0077  -0.0181 -0.0117 49  PRO A O   
418 C  CB  . PRO A 52 ? 0.1869 0.2162 0.2062 -0.0019 -0.0166 0.0122  49  PRO A CB  
419 C  CG  . PRO A 52 ? 0.1809 0.2249 0.1998 -0.0009 -0.0153 0.0161  49  PRO A CG  
420 C  CD  . PRO A 52 ? 0.1593 0.2023 0.1976 0.0079  -0.0073 0.0021  49  PRO A CD  
421 N  N   . ASN A 53 ? 0.1736 0.1870 0.2046 0.0149  -0.0049 -0.0179 50  ASN A N   
422 C  CA  . ASN A 53 ? 0.1806 0.1886 0.1893 0.0101  -0.0027 -0.0214 50  ASN A CA  
423 C  C   . ASN A 53 ? 0.1654 0.1717 0.1818 0.0102  -0.0048 -0.0165 50  ASN A C   
424 O  O   . ASN A 53 ? 0.1895 0.1617 0.1934 0.0116  -0.0045 -0.0111 50  ASN A O   
425 C  CB  . ASN A 53 ? 0.1893 0.2028 0.2260 0.0176  -0.0019 -0.0176 50  ASN A CB  
426 C  CG  . ASN A 53 ? 0.2521 0.2710 0.2460 0.0230  0.0098  -0.0410 50  ASN A CG  
427 O  OD1 . ASN A 53 ? 0.3290 0.3334 0.2597 0.0580  -0.0016 -0.0298 50  ASN A OD1 
428 N  ND2 . ASN A 53 ? 0.3218 0.2924 0.3138 0.0581  0.0139  -0.0403 50  ASN A ND2 
429 N  N   . TYR A 54 ? 0.1424 0.1726 0.1521 0.0049  0.0004  -0.0096 51  TYR A N   
430 C  CA  . TYR A 54 ? 0.1240 0.1665 0.1423 0.0064  -0.0071 -0.0034 51  TYR A CA  
431 C  C   . TYR A 54 ? 0.1118 0.1581 0.1220 0.0126  -0.0030 0.0046  51  TYR A C   
432 O  O   . TYR A 54 ? 0.1301 0.1943 0.1226 0.0044  0.0051  0.0051  51  TYR A O   
433 C  CB  . TYR A 54 ? 0.1141 0.1775 0.1412 0.0016  -0.0032 -0.0087 51  TYR A CB  
434 C  CG  . TYR A 54 ? 0.1169 0.1705 0.1565 0.0115  -0.0115 -0.0092 51  TYR A CG  
435 C  CD1 . TYR A 54 ? 0.1748 0.1804 0.1650 -0.0022 -0.0313 -0.0048 51  TYR A CD1 
436 C  CD2 . TYR A 54 ? 0.1208 0.1719 0.1633 0.0288  -0.0201 -0.0283 51  TYR A CD2 
437 C  CE1 . TYR A 54 ? 0.1969 0.1779 0.1820 0.0032  -0.0309 0.0015  51  TYR A CE1 
438 C  CE2 . TYR A 54 ? 0.1604 0.1665 0.1935 0.0171  -0.0247 -0.0209 51  TYR A CE2 
439 C  CZ  . TYR A 54 ? 0.1840 0.1747 0.1950 0.0091  -0.0366 0.0018  51  TYR A CZ  
440 O  OH  . TYR A 54 ? 0.2538 0.1927 0.2495 -0.0034 -0.0468 0.0341  51  TYR A OH  
441 N  N   . THR A 55 ? 0.0949 0.1368 0.1188 0.0222  -0.0040 0.0099  52  THR A N   
442 C  CA  . THR A 55 ? 0.1006 0.1324 0.1260 0.0195  -0.0013 0.0091  52  THR A CA  
443 C  C   . THR A 55 ? 0.0921 0.1326 0.1159 0.0180  0.0013  0.0139  52  THR A C   
444 O  O   . THR A 55 ? 0.1018 0.1452 0.1432 0.0192  0.0049  0.0261  52  THR A O   
445 C  CB  . THR A 55 ? 0.1070 0.1372 0.1334 0.0249  -0.0075 0.0046  52  THR A CB  
446 O  OG1 . THR A 55 ? 0.1238 0.1355 0.1720 0.0258  -0.0190 0.0170  52  THR A OG1 
447 C  CG2 . THR A 55 ? 0.1308 0.1398 0.1591 0.0079  -0.0173 0.0083  52  THR A CG2 
448 N  N   . LYS A 56 ? 0.0912 0.1242 0.1268 0.0111  0.0038  0.0118  53  LYS A N   
449 C  CA  . LYS A 56 ? 0.1006 0.1238 0.1300 0.0081  0.0040  0.0076  53  LYS A CA  
450 C  C   . LYS A 56 ? 0.0895 0.1063 0.1227 0.0085  0.0004  0.0085  53  LYS A C   
451 O  O   . LYS A 56 ? 0.0936 0.1035 0.1441 0.0117  0.0019  0.0176  53  LYS A O   
452 C  CB  . LYS A 56 ? 0.1118 0.1508 0.1530 -0.0021 -0.0043 -0.0050 53  LYS A CB  
453 C  CG  . LYS A 56 ? 0.1506 0.1803 0.1562 -0.0041 -0.0141 0.0030  53  LYS A CG  
454 C  CD  . LYS A 56 ? 0.1763 0.1970 0.1726 -0.0026 -0.0120 -0.0073 53  LYS A CD  
455 C  CE  . LYS A 56 ? 0.1856 0.2178 0.1814 0.0160  -0.0047 0.0147  53  LYS A CE  
456 N  NZ  . LYS A 56 ? 0.1726 0.2233 0.1810 0.0251  0.0000  0.0113  53  LYS A NZ  
457 N  N   . TYR A 57 ? 0.0922 0.0974 0.1152 0.0061  0.0034  0.0103  54  TYR A N   
458 C  CA  . TYR A 57 ? 0.0933 0.0937 0.1072 0.0059  -0.0012 0.0049  54  TYR A CA  
459 C  C   . TYR A 57 ? 0.0886 0.0841 0.1205 0.0022  -0.0142 0.0010  54  TYR A C   
460 O  O   . TYR A 57 ? 0.0991 0.0887 0.1427 -0.0033 -0.0047 -0.0069 54  TYR A O   
461 C  CB  . TYR A 57 ? 0.1074 0.1075 0.1181 0.0011  -0.0078 -0.0033 54  TYR A CB  
462 C  CG  . TYR A 57 ? 0.1020 0.1284 0.1186 0.0072  -0.0140 0.0065  54  TYR A CG  
463 C  CD1 . TYR A 57 ? 0.1278 0.1325 0.1172 0.0198  -0.0034 0.0210  54  TYR A CD1 
464 C  CD2 . TYR A 57 ? 0.1386 0.1801 0.1246 0.0229  -0.0033 0.0204  54  TYR A CD2 
465 C  CE1 . TYR A 57 ? 0.1537 0.1553 0.1496 0.0218  -0.0048 0.0458  54  TYR A CE1 
466 C  CE2 . TYR A 57 ? 0.1673 0.2035 0.1297 0.0297  0.0025  0.0399  54  TYR A CE2 
467 C  CZ  . TYR A 57 ? 0.1586 0.1850 0.1507 0.0236  -0.0022 0.0545  54  TYR A CZ  
468 O  OH  . TYR A 57 ? 0.2250 0.2302 0.1905 0.0342  0.0110  0.0992  54  TYR A OH  
469 N  N   . GLU A 58 ? 0.0915 0.0724 0.1185 -0.0038 -0.0122 -0.0055 55  GLU A N   
470 C  CA  . GLU A 58 ? 0.0966 0.0806 0.1272 0.0046  -0.0126 -0.0069 55  GLU A CA  
471 C  C   . GLU A 58 ? 0.0977 0.0764 0.1341 0.0034  -0.0158 -0.0097 55  GLU A C   
472 O  O   . GLU A 58 ? 0.0957 0.0788 0.1839 0.0029  -0.0186 -0.0226 55  GLU A O   
473 C  CB  . GLU A 58 ? 0.1110 0.0980 0.1234 0.0049  -0.0056 -0.0100 55  GLU A CB  
474 C  CG  . GLU A 58 ? 0.1194 0.1163 0.1280 0.0152  -0.0211 -0.0069 55  GLU A CG  
475 C  CD  . GLU A 58 ? 0.1299 0.1264 0.1638 0.0035  -0.0398 -0.0144 55  GLU A CD  
476 O  OE1 . GLU A 58 ? 0.1431 0.1169 0.2091 -0.0051 -0.0599 -0.0167 55  GLU A OE1 
477 O  OE2 . GLU A 58 ? 0.1331 0.1557 0.2357 0.0022  -0.0511 -0.0039 55  GLU A OE2 
478 N  N   . THR A 59 ? 0.0918 0.0879 0.1486 0.0065  -0.0130 -0.0168 56  THR A N   
479 C  CA  . THR A 59 ? 0.0962 0.1045 0.1393 0.0057  -0.0124 -0.0182 56  THR A CA  
480 C  C   . THR A 59 ? 0.0928 0.0983 0.1268 0.0088  -0.0193 -0.0207 56  THR A C   
481 O  O   . THR A 59 ? 0.1060 0.1079 0.1459 0.0010  -0.0267 -0.0370 56  THR A O   
482 C  CB  . THR A 59 ? 0.1215 0.1357 0.1464 0.0156  -0.0136 -0.0098 56  THR A CB  
483 O  OG1 . THR A 59 ? 0.1999 0.1198 0.2172 0.0194  -0.0060 0.0079  56  THR A OG1 
484 C  CG2 . THR A 59 ? 0.1482 0.1669 0.1500 0.0114  0.0047  -0.0018 56  THR A CG2 
485 N  N   . GLU A 60 ? 0.0932 0.1058 0.1196 0.0114  -0.0167 -0.0254 57  GLU A N   
486 C  CA  . GLU A 60 ? 0.1084 0.1243 0.1156 0.0201  -0.0197 -0.0253 57  GLU A CA  
487 C  C   . GLU A 60 ? 0.1015 0.1005 0.1075 0.0118  -0.0165 -0.0186 57  GLU A C   
488 O  O   . GLU A 60 ? 0.1211 0.1111 0.1443 0.0238  -0.0461 -0.0434 57  GLU A O   
489 C  CB  . GLU A 60 ? 0.1254 0.1508 0.1192 0.0159  -0.0133 -0.0190 57  GLU A CB  
490 C  CG  . GLU A 60 ? 0.1397 0.1573 0.1312 0.0073  -0.0255 -0.0079 57  GLU A CG  
491 C  CD  . GLU A 60 ? 0.1726 0.1337 0.1547 0.0074  -0.0251 -0.0164 57  GLU A CD  
492 O  OE1 . GLU A 60 ? 0.2759 0.1524 0.1528 -0.0107 -0.0186 -0.0293 57  GLU A OE1 
493 O  OE2 . GLU A 60 ? 0.1585 0.1276 0.1555 -0.0114 -0.0248 -0.0251 57  GLU A OE2 
494 N  N   . VAL A 61 ? 0.0881 0.1190 0.1222 0.0171  -0.0229 -0.0352 58  VAL A N   
495 C  CA  . VAL A 61 ? 0.0921 0.1301 0.1262 0.0156  -0.0251 -0.0330 58  VAL A CA  
496 C  C   . VAL A 61 ? 0.0912 0.1183 0.1136 0.0201  -0.0275 -0.0357 58  VAL A C   
497 O  O   . VAL A 61 ? 0.1001 0.1639 0.1246 0.0219  -0.0291 -0.0607 58  VAL A O   
498 C  CB  . VAL A 61 ? 0.1096 0.1422 0.1577 0.0170  -0.0275 -0.0145 58  VAL A CB  
499 C  CG1 . VAL A 61 ? 0.1149 0.1695 0.1912 0.0214  -0.0322 -0.0134 58  VAL A CG1 
500 C  CG2 . VAL A 61 ? 0.1301 0.1861 0.1823 0.0160  -0.0116 0.0070  58  VAL A CG2 
501 N  N   . ARG A 62 ? 0.0972 0.1237 0.1053 0.0132  -0.0218 -0.0304 59  ARG A N   
502 C  CA  . ARG A 62 ? 0.1094 0.1252 0.1057 0.0149  -0.0154 -0.0179 59  ARG A CA  
503 C  C   . ARG A 62 ? 0.1058 0.1182 0.1040 0.0147  -0.0112 -0.0184 59  ARG A C   
504 O  O   . ARG A 62 ? 0.1059 0.1199 0.1035 0.0169  -0.0177 -0.0173 59  ARG A O   
505 C  CB  . ARG A 62 ? 0.1406 0.1363 0.1323 0.0172  -0.0065 -0.0013 59  ARG A CB  
506 C  CG  . ARG A 62 ? 0.1588 0.1574 0.1464 0.0189  -0.0164 0.0105  59  ARG A CG  
507 C  CD  . ARG A 62 ? 0.1892 0.1727 0.1559 0.0100  -0.0279 0.0058  59  ARG A CD  
508 N  NE  . ARG A 62 ? 0.1861 0.1617 0.1753 -0.0057 -0.0426 0.0043  59  ARG A NE  
509 C  CZ  . ARG A 62 ? 0.1627 0.1737 0.2268 -0.0171 -0.0528 0.0252  59  ARG A CZ  
510 N  NH1 . ARG A 62 ? 0.1909 0.2261 0.2891 -0.0465 -0.0317 0.0298  59  ARG A NH1 
511 N  NH2 . ARG A 62 ? 0.1683 0.2031 0.2470 -0.0061 -0.0548 0.0288  59  ARG A NH2 
512 N  N   . SER A 63 ? 0.1140 0.1321 0.1048 0.0200  -0.0064 -0.0055 60  SER A N   
513 C  CA  . SER A 63 ? 0.1127 0.1387 0.1158 0.0211  0.0002  -0.0041 60  SER A CA  
514 C  C   . SER A 63 ? 0.1323 0.1414 0.1305 0.0115  -0.0067 0.0005  60  SER A C   
515 O  O   . SER A 63 ? 0.1701 0.1625 0.1486 0.0003  -0.0123 0.0201  60  SER A O   
516 C  CB  . SER A 63 ? 0.1249 0.1422 0.1322 0.0285  0.0037  -0.0105 60  SER A CB  
517 O  OG  . SER A 63 ? 0.1321 0.1917 0.1537 0.0499  -0.0024 -0.0205 60  SER A OG  
518 N  N   . LEU A 64 ? 0.1271 0.1494 0.1412 0.0104  -0.0108 0.0006  61  LEU A N   
519 C  CA  . LEU A 64 ? 0.1534 0.1754 0.1773 -0.0069 -0.0096 -0.0071 61  LEU A CA  
520 C  C   . LEU A 64 ? 0.1683 0.2137 0.2062 0.0031  -0.0051 -0.0056 61  LEU A C   
521 O  O   . LEU A 64 ? 0.1711 0.2397 0.2262 -0.0007 -0.0096 -0.0119 61  LEU A O   
522 C  CB  . LEU A 64 ? 0.1479 0.1680 0.1779 -0.0055 -0.0222 -0.0071 61  LEU A CB  
523 C  CG  . LEU A 64 ? 0.1485 0.1924 0.1794 -0.0172 -0.0104 -0.0139 61  LEU A CG  
524 C  CD1 . LEU A 64 ? 0.2188 0.2186 0.1707 -0.0323 0.0058  -0.0253 61  LEU A CD1 
525 C  CD2 . LEU A 64 ? 0.1517 0.1990 0.2287 0.0031  -0.0213 -0.0137 61  LEU A CD2 
526 N  N   A SER A 65 ? 0.2029 0.2279 0.2199 0.0018  -0.0015 -0.0133 62  SER A N   
527 N  N   B SER A 65 ? 0.2037 0.2296 0.2197 0.0013  -0.0009 -0.0135 62  SER A N   
528 C  CA  A SER A 65 ? 0.2217 0.2428 0.2373 0.0087  0.0055  -0.0121 62  SER A CA  
529 C  CA  B SER A 65 ? 0.2225 0.2468 0.2376 0.0081  0.0066  -0.0118 62  SER A CA  
530 C  C   A SER A 65 ? 0.2549 0.2551 0.2573 0.0035  0.0042  -0.0029 62  SER A C   
531 C  C   B SER A 65 ? 0.2554 0.2572 0.2577 0.0031  0.0048  -0.0030 62  SER A C   
532 O  O   A SER A 65 ? 0.2595 0.2562 0.2573 0.0094  0.0076  -0.0077 62  SER A O   
533 O  O   B SER A 65 ? 0.2604 0.2581 0.2581 0.0089  0.0079  -0.0080 62  SER A O   
534 C  CB  A SER A 65 ? 0.2275 0.2408 0.2402 0.0053  0.0016  -0.0102 62  SER A CB  
535 C  CB  B SER A 65 ? 0.2291 0.2439 0.2402 0.0037  0.0029  -0.0088 62  SER A CB  
536 O  OG  A SER A 65 ? 0.2463 0.2356 0.2502 0.0087  0.0093  -0.0107 62  SER A OG  
537 O  OG  B SER A 65 ? 0.2448 0.2645 0.2488 0.0072  0.0174  -0.0143 62  SER A OG  
538 N  N   . SER A 66 ? 0.2671 0.2889 0.2836 0.0068  0.0110  -0.0073 63  SER A N   
539 C  CA  . SER A 66 ? 0.3138 0.3111 0.3133 -0.0028 0.0109  0.0035  63  SER A CA  
540 C  C   . SER A 66 ? 0.3370 0.3487 0.3325 -0.0011 -0.0024 -0.0013 63  SER A C   
541 O  O   . SER A 66 ? 0.3501 0.3400 0.3371 -0.0023 0.0016  -0.0029 63  SER A O   
542 C  CB  . SER A 66 ? 0.3158 0.3261 0.3211 0.0015  0.0079  0.0014  63  SER A CB  
543 O  OG  . SER A 66 ? 0.3460 0.3430 0.3396 0.0046  0.0154  -0.0127 63  SER A OG  
544 N  N   . CYS A 67 ? 0.3765 0.3602 0.3724 -0.0025 0.0038  0.0056  64  CYS A N   
545 C  CA  . CYS A 67 ? 0.3941 0.3937 0.3866 -0.0008 -0.0043 0.0034  64  CYS A CA  
546 C  C   . CYS A 67 ? 0.3993 0.4004 0.3949 0.0012  0.0006  0.0009  64  CYS A C   
547 O  O   . CYS A 67 ? 0.3998 0.4114 0.4052 0.0003  -0.0011 -0.0021 64  CYS A O   
548 C  CB  . CYS A 67 ? 0.4086 0.3987 0.3954 0.0054  -0.0021 0.0027  64  CYS A CB  
549 S  SG  . CYS A 67 ? 0.4490 0.4278 0.4539 -0.0224 0.0004  0.0046  64  CYS A SG  
550 O  OXT . CYS A 67 ? 0.4112 0.4152 0.3981 0.0021  -0.0015 0.0020  64  CYS A OXT 
551 CL CL  A CL  B .  ? 0.2652 0.1901 0.2736 -0.0917 -0.1132 0.0430  101 CL  A CL  
552 CL CL  B CL  B .  ? 0.5125 0.1627 0.1753 -0.0299 0.0651  -0.0253 101 CL  A CL  
553 CL CL  A CL  C .  ? 0.3233 0.2617 0.2297 0.0322  0.0477  0.0196  102 CL  A CL  
554 CL CL  . CL  D .  ? 0.2727 0.3699 0.3430 -0.0817 0.0267  -0.0158 103 CL  A CL  
555 C  C1  A BME E .  ? 0.2437 0.2264 0.2444 -0.0067 0.0283  0.0067  104 BME A C1  
556 C  C1  B BME E .  ? 0.2757 0.2692 0.2708 -0.0079 0.0143  0.0030  104 BME A C1  
557 C  C2  A BME E .  ? 0.2441 0.2197 0.2472 -0.0058 0.0296  0.0036  104 BME A C2  
558 C  C2  B BME E .  ? 0.2753 0.2647 0.2526 -0.0091 0.0270  0.0036  104 BME A C2  
559 O  O1  A BME E .  ? 0.2750 0.2279 0.2565 -0.0077 0.0411  0.0262  104 BME A O1  
560 O  O1  B BME E .  ? 0.2965 0.2949 0.2792 -0.0234 0.0194  0.0101  104 BME A O1  
561 S  S2  . BME E .  ? 0.2602 0.2134 0.2652 0.0004  0.0610  0.0126  104 BME A S2  
562 S  S   . SO4 F .  ? 0.4169 0.3992 0.4049 -0.0031 0.0009  0.0057  105 SO4 A S   
563 O  O1  . SO4 F .  ? 0.4090 0.4075 0.4095 -0.0037 0.0017  0.0074  105 SO4 A O1  
564 O  O2  . SO4 F .  ? 0.4085 0.3934 0.4056 -0.0062 -0.0063 0.0122  105 SO4 A O2  
565 O  O3  . SO4 F .  ? 0.4121 0.3998 0.4026 -0.0020 -0.0041 0.0042  105 SO4 A O3  
566 O  O4  . SO4 F .  ? 0.4148 0.4063 0.4088 0.0016  -0.0032 0.0125  105 SO4 A O4  
567 O  O   . HOH G .  ? 0.1401 0.1198 0.2203 0.0032  0.0195  0.0243  201 HOH A O   
568 O  O   . HOH G .  ? 0.1361 0.1018 0.2919 -0.0042 -0.0378 -0.0277 202 HOH A O   
569 O  O   . HOH G .  ? 0.2559 0.2003 0.1676 0.1201  -0.0611 -0.0401 203 HOH A O   
570 O  O   . HOH G .  ? 0.2093 0.2684 0.1646 0.0029  0.0236  0.0339  204 HOH A O   
571 O  O   . HOH G .  ? 0.1568 0.1591 0.1931 0.0231  0.0002  0.0136  205 HOH A O   
572 O  O   . HOH G .  ? 0.2205 0.2092 0.2374 -0.0483 -0.0079 0.0580  206 HOH A O   
573 O  O   . HOH G .  ? 0.2334 0.1873 0.2055 0.0184  0.0373  0.0333  207 HOH A O   
574 O  O   . HOH G .  ? 0.1703 0.1763 0.2400 -0.0074 -0.0280 -0.0050 208 HOH A O   
575 O  O   . HOH G .  ? 0.3000 0.1606 0.3254 0.0347  0.1445  0.0289  209 HOH A O   
576 O  O   . HOH G .  ? 0.3480 0.1864 0.1850 -0.0095 -0.0439 -0.0389 210 HOH A O   
577 O  O   . HOH G .  ? 0.2805 0.1725 0.2476 0.0371  -0.1175 -0.0187 211 HOH A O   
578 O  O   . HOH G .  ? 0.1888 0.3393 0.2870 -0.0691 0.0620  -0.1103 212 HOH A O   
579 O  O   . HOH G .  ? 0.2762 0.4465 0.3296 -0.1480 0.1145  -0.1640 213 HOH A O   
580 O  O   . HOH G .  ? 0.2243 0.2029 0.2228 0.0378  -0.0398 0.0335  214 HOH A O   
581 O  O   . HOH G .  ? 0.2099 0.3679 0.2668 0.0668  -0.0661 -0.1048 215 HOH A O   
582 O  O   . HOH G .  ? 0.2808 0.1903 0.3519 -0.0038 -0.0806 0.0497  216 HOH A O   
583 O  O   . HOH G .  ? 0.4650 0.2307 0.3870 0.1257  0.1404  0.0619  217 HOH A O   
584 O  O   . HOH G .  ? 0.1755 0.1900 0.3783 0.0254  0.0055  0.0427  218 HOH A O   
585 O  O   . HOH G .  ? 0.3733 0.1927 0.2201 0.0621  -0.0022 0.0417  219 HOH A O   
586 O  O   . HOH G .  ? 0.3315 0.2330 0.2382 -0.0182 0.0106  0.0305  220 HOH A O   
587 O  O   . HOH G .  ? 0.3491 0.2175 0.2545 0.0462  0.0022  0.0074  221 HOH A O   
588 O  O   . HOH G .  ? 0.2637 0.2453 0.3806 0.0235  0.0254  -0.0363 222 HOH A O   
589 O  O   . HOH G .  ? 0.3072 0.3159 0.2749 -0.0974 0.0098  -0.0496 223 HOH A O   
590 O  O   . HOH G .  ? 0.3512 0.2636 0.3246 -0.0105 0.0173  -0.0120 224 HOH A O   
591 O  O   . HOH G .  ? 0.4281 0.3531 0.2254 0.1087  -0.0168 0.0283  225 HOH A O   
592 O  O   . HOH G .  ? 0.3951 0.3128 0.2939 -0.0094 -0.1082 -0.0395 226 HOH A O   
593 O  O   . HOH G .  ? 0.2929 0.3089 0.4352 0.0141  -0.0484 0.0127  227 HOH A O   
594 O  O   . HOH G .  ? 0.4063 0.2273 0.3011 0.0279  -0.0651 0.0559  228 HOH A O   
595 O  O   . HOH G .  ? 0.4068 0.3922 0.3540 0.0608  -0.1692 -0.1249 229 HOH A O   
596 O  O   . HOH G .  ? 0.5357 0.3484 0.3429 0.1134  0.0402  -0.0665 230 HOH A O   
597 O  O   . HOH G .  ? 0.2635 0.3029 0.2939 0.0241  0.0082  0.0768  231 HOH A O   
598 O  O   . HOH G .  ? 0.3224 0.2473 0.7404 0.0304  0.0473  0.0511  232 HOH A O   
599 O  O   . HOH G .  ? 0.3010 0.3999 0.4091 -0.0909 -0.0690 0.0253  233 HOH A O   
600 O  O   . HOH G .  ? 0.1579 0.2300 0.4099 -0.0045 -0.0067 0.0918  234 HOH A O   
601 O  O   . HOH G .  ? 0.1897 3.1783 0.4891 0.6831  -0.2109 -0.7545 235 HOH A O   
602 O  O   . HOH G .  ? 1.1173 0.7184 1.4154 0.0416  -0.2014 -0.4312 236 HOH A O   
603 O  O   . HOH G .  ? 0.4584 0.1886 0.4072 -0.0829 0.0233  0.0387  237 HOH A O   
604 O  O   . HOH G .  ? 0.6224 0.4385 0.4943 -0.0566 -0.2091 0.1794  238 HOH A O   
605 O  O   . HOH G .  ? 0.2843 0.2086 0.3869 0.0451  -0.0767 -0.1615 239 HOH A O   
606 O  O   . HOH G .  ? 0.2877 0.2411 0.4767 0.0384  -0.1115 0.0532  240 HOH A O   
607 O  O   . HOH G .  ? 0.5139 0.2632 0.4345 -0.1161 0.1455  -0.0863 241 HOH A O   
608 O  O   . HOH G .  ? 0.7957 0.3236 0.4036 0.1404  0.2844  0.0912  242 HOH A O   
609 O  O   . HOH G .  ? 0.2581 0.4119 0.4411 0.0258  0.0825  0.1118  243 HOH A O   
610 O  O   . HOH G .  ? 0.2529 0.3643 0.3979 0.0712  -0.0607 -0.1083 244 HOH A O   
611 O  O   A HOH G .  ? 0.2679 0.1654 0.2327 0.0327  -0.0421 -0.0375 245 HOH A O   
612 O  O   . HOH G .  ? 0.3145 0.3506 0.2341 0.1244  0.0365  -0.0212 246 HOH A O   
613 O  O   A HOH G .  ? 0.2200 0.3745 0.2821 -0.0511 0.0073  0.0955  247 HOH A O   
614 O  O   B HOH G .  ? 0.7365 0.5130 0.5845 0.3506  0.1250  0.2998  247 HOH A O   
615 O  O   . HOH G .  ? 0.2592 0.1532 0.5313 0.0475  -0.1017 0.0692  248 HOH A O   
616 O  O   . HOH G .  ? 0.4159 0.2997 0.4091 0.1165  0.1435  0.0949  249 HOH A O   
617 O  O   . HOH G .  ? 0.4678 0.9113 0.4416 0.0982  -0.1479 -0.0131 250 HOH A O   
618 O  O   . HOH G .  ? 0.5789 0.3410 0.2775 0.0064  0.1055  0.0188  251 HOH A O   
619 O  O   . HOH G .  ? 0.2717 0.2264 0.2331 0.0181  -0.0043 0.0225  252 HOH A O   
620 O  O   . HOH G .  ? 0.2807 0.3950 0.2847 0.0460  0.0343  -0.0587 253 HOH A O   
621 O  O   . HOH G .  ? 0.4977 0.2189 0.6014 0.0361  -0.1608 0.0462  254 HOH A O   
622 O  O   A HOH G .  ? 0.6723 0.7898 1.0256 -0.4011 -0.6892 0.0567  255 HOH A O   
623 O  O   . HOH G .  ? 0.2555 0.2424 0.3125 0.0810  -0.0568 -0.0827 256 HOH A O   
624 O  O   A HOH G .  ? 0.1745 0.2266 0.3587 -0.0019 0.0064  0.0834  257 HOH A O   
625 O  O   B HOH G .  ? 0.2503 0.1631 0.3530 0.0255  0.0595  -0.0088 257 HOH A O   
626 O  O   . HOH G .  ? 0.2130 0.2288 0.4921 0.0608  -0.0798 -0.1307 258 HOH A O   
627 O  O   . HOH G .  ? 1.3472 0.2632 1.2316 -0.2915 -0.4061 0.3327  259 HOH A O   
628 O  O   . HOH G .  ? 0.5042 0.3863 0.5175 0.0303  -0.1627 -0.0275 260 HOH A O   
629 O  O   . HOH G .  ? 0.6960 0.3267 1.2417 0.0790  0.2020  -0.1123 261 HOH A O   
630 O  O   . HOH G .  ? 0.5496 0.3335 0.3488 -0.0331 0.2141  -0.0144 262 HOH A O   
631 O  O   . HOH G .  ? 0.4979 0.8188 0.6878 0.2961  0.0745  0.1939  263 HOH A O   
632 O  O   . HOH G .  ? 0.6303 0.3651 0.5188 -0.2419 -0.0880 0.0159  264 HOH A O   
633 O  O   . HOH G .  ? 0.3811 0.4614 0.4420 -0.1122 -0.0844 -0.1707 265 HOH A O   
634 O  O   . HOH G .  ? 0.3768 0.5834 0.6118 -0.1410 0.1070  -0.2881 266 HOH A O   
635 O  O   . HOH G .  ? 0.2995 1.2088 0.4161 -0.2119 0.0540  -0.3544 267 HOH A O   
636 O  O   . HOH G .  ? 0.2049 0.2236 0.7248 0.0247  -0.0335 -0.1312 268 HOH A O   
637 O  O   . HOH G .  ? 0.5617 0.2900 0.2088 -0.1203 -0.0220 -0.0274 269 HOH A O   
638 O  O   A HOH G .  ? 1.2866 0.7823 0.6378 0.0237  -0.3948 0.0403  270 HOH A O   
639 O  O   A HOH G .  ? 0.3492 0.2577 0.2099 0.1525  -0.0260 0.0279  271 HOH A O   
640 O  O   . HOH G .  ? 0.2985 0.1759 0.2089 -0.0835 -0.0868 0.0294  272 HOH A O   
641 O  O   . HOH G .  ? 0.2417 0.2782 0.3965 0.0414  -0.1406 0.0112  273 HOH A O   
642 O  O   . HOH G .  ? 0.5401 0.2814 0.4718 -0.0204 0.1009  -0.0538 274 HOH A O   
643 O  O   A HOH G .  ? 0.2538 0.2120 0.2475 -0.0259 -0.0319 -0.0351 275 HOH A O   
644 O  O   B HOH G .  ? 0.4453 0.1816 0.3979 -0.1475 -0.0193 -0.0160 275 HOH A O   
645 O  O   A HOH G .  ? 0.2584 0.3729 0.2939 0.0461  0.0230  0.0005  276 HOH A O   
646 O  O   B HOH G .  ? 0.3137 0.3083 0.3888 0.0338  0.1477  0.0758  276 HOH A O   
647 O  O   A HOH G .  ? 0.2717 0.5014 0.2219 -0.0529 -0.0550 0.0192  277 HOH A O   
648 O  O   . HOH G .  ? 0.3710 0.2316 0.4981 0.0848  0.0440  -0.0646 278 HOH A O   
649 O  O   . HOH G .  ? 1.1199 0.9505 0.8337 -0.0272 0.4495  0.1824  279 HOH A O   
650 O  O   A HOH G .  ? 0.5691 0.5173 0.5013 -0.2286 0.0436  -0.1442 280 HOH A O   
651 O  O   B HOH G .  ? 0.4379 0.3755 0.3394 -0.2231 -0.0431 -0.0898 280 HOH A O   
652 O  O   . HOH G .  ? 0.6502 0.7067 0.4940 -0.3046 -0.0515 0.0007  281 HOH A O   
653 O  O   A HOH G .  ? 0.5592 0.4827 1.0030 -0.1326 0.1036  -0.2410 282 HOH A O   
654 O  O   . HOH G .  ? 1.6894 0.6137 1.1299 -0.1781 -0.1604 -0.7703 283 HOH A O   
655 O  O   A HOH G .  ? 0.4928 0.3970 0.2993 -0.1663 -0.0356 0.0688  284 HOH A O   
656 O  O   B HOH G .  ? 0.2801 0.4419 0.5346 -0.1244 0.0567  -0.1223 284 HOH A O   
657 O  O   A HOH G .  ? 0.1513 0.1858 0.5745 0.0312  -0.0572 -0.0043 285 HOH A O   
658 O  O   B HOH G .  ? 0.3743 0.4089 0.4140 -0.1344 -0.0866 -0.0747 286 HOH A O   
659 O  O   A HOH G .  ? 0.3416 0.3972 0.2471 0.0411  -0.1104 0.0099  287 HOH A O   
660 O  O   B HOH G .  ? 0.3870 0.3841 0.2499 0.0545  -0.0381 0.0144  287 HOH A O   
# 
